data_8DSM
#
_entry.id   8DSM
#
_cell.length_a   87.991
_cell.length_b   94.424
_cell.length_c   246.445
_cell.angle_alpha   90.000
_cell.angle_beta   90.000
_cell.angle_gamma   90.000
#
_symmetry.space_group_name_H-M   'P 21 21 21'
#
loop_
_entity.id
_entity.type
_entity.pdbx_description
1 polymer 'Nicotinamide phosphoribosyltransferase'
2 non-polymer (3S)-N-[(1-benzothiophen-5-yl)methyl]-1-[6-(4-{2-[(2E)-3-(pyridin-3-yl)prop-2-enamido]ethyl}phenyl)thieno[2,3-d]pyrimidin-4-yl]piperidine-3-carboxamide
3 non-polymer 'PHOSPHATE ION'
4 non-polymer 'CHLORIDE ION'
5 non-polymer GLYCEROL
6 water water
#
_entity_poly.entity_id   1
_entity_poly.type   'polypeptide(L)'
_entity_poly.pdbx_seq_one_letter_code
;MNPAAEAEFNILLATDSYKVTHYKQYPPNTSKVYSYFECREKKTENSKLRKVKYEETVFYGLQYILNKYLKGKVVTKEKI
QEAKDVYKEHFQDDVFNEKGWNYILEKYDGHLPIEIKAVPEGFVIPRGNVLFTVENTDPECYWLTNWIETILVQSWYPIT
VATNSREQKKILAKYLLETSGNLDGLEYKLHDFGYRGVSSQETAGIGASAHLVNFKGTDTVAGLALIKKYYGTKDPVPGY
SVPAAEHSTITAWGKDHEKDAFEHIVTQFSSVPVSVVSDSYDIYNACEKIWGEDLRHLIVSRSTQAPLIIRPDSGNPLDT
VLKVLEILGKKFPVTENSKGYKLLPPYLRVIQGDGVDINTLQEIVEGMKQKMWSIENIAFGSGGGLLQKLTRDLLNCSFK
CSYVVTNGLGINVFKDPVADPNKRSKKGRLSLHRTPAGNFVTLEEGKGDLEEYGQDLLHTVFKNGKVTKSYSFDEIRKNA
QLNIELEAAHHLEHHHHHH
;
_entity_poly.pdbx_strand_id   A,B,C,D
#
# COMPACT_ATOMS: atom_id res chain seq x y z
N GLU A 8 2.49 8.30 -5.41
CA GLU A 8 1.30 9.07 -5.73
C GLU A 8 1.54 10.05 -6.89
N PHE A 9 0.47 10.45 -7.56
CA PHE A 9 0.58 11.39 -8.66
C PHE A 9 0.78 12.79 -8.09
N ASN A 10 1.75 13.52 -8.62
CA ASN A 10 2.01 14.87 -8.16
C ASN A 10 1.77 15.85 -9.29
N ILE A 11 0.85 16.79 -9.09
CA ILE A 11 0.51 17.78 -10.10
C ILE A 11 1.64 18.74 -10.44
N LEU A 12 2.47 19.04 -9.46
CA LEU A 12 3.62 19.94 -9.62
C LEU A 12 4.63 19.42 -10.63
N LEU A 13 4.81 18.11 -10.67
CA LEU A 13 5.73 17.46 -11.59
C LEU A 13 5.02 16.98 -12.86
N ALA A 14 3.78 17.43 -13.05
CA ALA A 14 2.94 17.04 -14.18
C ALA A 14 2.82 18.07 -15.29
N THR A 15 3.79 18.96 -15.42
CA THR A 15 3.74 19.99 -16.45
C THR A 15 5.02 20.03 -17.30
N ASP A 16 4.96 20.69 -18.46
CA ASP A 16 6.13 20.82 -19.31
C ASP A 16 7.18 21.57 -18.52
N SER A 17 8.44 21.19 -18.67
CA SER A 17 9.52 21.79 -17.90
C SER A 17 9.65 23.30 -18.11
N TYR A 18 9.45 23.76 -19.35
CA TYR A 18 9.52 25.18 -19.66
C TYR A 18 8.43 26.02 -18.95
N LYS A 19 7.29 25.41 -18.70
CA LYS A 19 6.18 26.10 -18.05
C LYS A 19 6.51 26.58 -16.64
N VAL A 20 7.30 25.81 -15.93
CA VAL A 20 7.65 26.15 -14.55
C VAL A 20 8.20 27.57 -14.42
N THR A 21 8.99 28.00 -15.40
CA THR A 21 9.58 29.34 -15.41
C THR A 21 8.68 30.42 -16.01
N HIS A 22 7.48 30.02 -16.44
CA HIS A 22 6.52 30.94 -17.07
C HIS A 22 6.02 32.10 -16.22
N TYR A 23 5.89 31.91 -14.92
CA TYR A 23 5.35 32.98 -14.07
C TYR A 23 6.20 34.25 -14.16
N LYS A 24 7.51 34.11 -14.22
CA LYS A 24 8.37 35.28 -14.37
C LYS A 24 8.26 35.94 -15.74
N GLN A 25 7.49 35.39 -16.69
CA GLN A 25 7.51 35.86 -18.07
C GLN A 25 6.24 36.59 -18.51
N TYR A 26 5.13 36.39 -17.83
CA TYR A 26 3.93 37.16 -18.14
C TYR A 26 4.13 38.62 -17.75
N PRO A 27 3.35 39.53 -18.35
CA PRO A 27 3.45 40.97 -18.01
C PRO A 27 3.21 41.20 -16.53
N PRO A 28 4.00 42.08 -15.90
CA PRO A 28 3.80 42.37 -14.47
C PRO A 28 2.37 42.82 -14.19
N ASN A 29 1.83 42.40 -13.04
CA ASN A 29 0.48 42.73 -12.59
C ASN A 29 -0.60 42.15 -13.51
N THR A 30 -0.30 41.01 -14.14
CA THR A 30 -1.31 40.24 -14.85
C THR A 30 -2.16 39.51 -13.82
N SER A 31 -3.47 39.78 -13.83
CA SER A 31 -4.37 39.18 -12.84
C SER A 31 -5.21 38.04 -13.39
N LYS A 32 -5.46 38.01 -14.69
CA LYS A 32 -6.24 36.93 -15.30
C LYS A 32 -5.60 36.45 -16.60
N VAL A 33 -5.35 35.14 -16.68
CA VAL A 33 -4.98 34.49 -17.94
C VAL A 33 -6.11 33.54 -18.31
N TYR A 34 -6.66 33.72 -19.52
CA TYR A 34 -7.83 33.02 -20.02
C TYR A 34 -7.43 32.27 -21.28
N SER A 35 -7.62 30.95 -21.29
CA SER A 35 -7.25 30.12 -22.43
C SER A 35 -8.37 29.17 -22.84
N TYR A 36 -8.30 28.70 -24.08
CA TYR A 36 -9.33 27.84 -24.65
C TYR A 36 -8.70 26.68 -25.41
N PHE A 37 -9.55 25.67 -25.69
CA PHE A 37 -9.17 24.45 -26.41
C PHE A 37 -10.11 24.28 -27.59
N GLU A 38 -9.52 24.06 -28.77
CA GLU A 38 -10.30 23.78 -29.97
C GLU A 38 -9.59 22.72 -30.83
N CYS A 39 -10.32 22.25 -31.82
CA CYS A 39 -9.82 21.35 -32.83
C CYS A 39 -9.82 22.25 -34.04
N ARG A 40 -8.66 22.79 -34.39
CA ARG A 40 -8.56 23.74 -35.49
C ARG A 40 -8.91 23.26 -36.88
N GLU A 41 -9.54 24.16 -37.64
CA GLU A 41 -9.90 23.91 -39.02
C GLU A 41 -8.65 23.90 -39.84
N LYS A 42 -8.58 23.03 -40.84
CA LYS A 42 -7.42 23.00 -41.71
C LYS A 42 -7.90 23.46 -43.07
N LYS A 43 -7.28 24.49 -43.62
CA LYS A 43 -7.69 25.01 -44.91
C LYS A 43 -6.79 24.50 -46.03
N VAL A 52 -9.69 11.11 -44.64
CA VAL A 52 -11.00 11.48 -44.12
C VAL A 52 -11.00 12.95 -43.71
N LYS A 53 -12.09 13.65 -44.01
CA LYS A 53 -12.24 15.07 -43.71
C LYS A 53 -12.21 15.40 -42.21
N TYR A 54 -12.85 14.55 -41.41
CA TYR A 54 -12.93 14.75 -39.96
C TYR A 54 -13.51 16.12 -39.58
N GLU A 55 -14.56 16.51 -40.28
CA GLU A 55 -15.20 17.81 -40.09
C GLU A 55 -15.81 18.04 -38.72
N GLU A 56 -16.43 17.01 -38.15
CA GLU A 56 -17.04 17.12 -36.83
C GLU A 56 -16.35 16.20 -35.81
N THR A 57 -16.04 16.74 -34.65
CA THR A 57 -15.35 16.00 -33.60
C THR A 57 -16.18 15.81 -32.32
N VAL A 58 -16.11 14.60 -31.77
CA VAL A 58 -16.83 14.28 -30.54
C VAL A 58 -16.03 14.72 -29.32
N PHE A 59 -16.67 15.49 -28.43
CA PHE A 59 -16.00 15.96 -27.22
C PHE A 59 -16.22 14.94 -26.12
N TYR A 60 -15.13 14.34 -25.66
CA TYR A 60 -15.18 13.31 -24.64
C TYR A 60 -13.83 13.21 -23.95
N GLY A 61 -13.86 13.04 -22.63
CA GLY A 61 -12.67 12.71 -21.85
C GLY A 61 -12.22 13.75 -20.85
N LEU A 62 -12.75 14.98 -20.89
CA LEU A 62 -12.31 15.99 -19.95
C LEU A 62 -12.58 15.56 -18.52
N GLN A 63 -13.79 15.04 -18.28
CA GLN A 63 -14.22 14.61 -16.94
C GLN A 63 -13.19 13.70 -16.30
N TYR A 64 -12.63 12.76 -17.07
CA TYR A 64 -11.63 11.83 -16.54
C TYR A 64 -10.44 12.58 -15.95
N ILE A 65 -9.93 13.59 -16.67
CA ILE A 65 -8.77 14.34 -16.19
C ILE A 65 -9.15 15.20 -14.97
N LEU A 66 -10.36 15.77 -14.97
CA LEU A 66 -10.81 16.56 -13.83
C LEU A 66 -10.86 15.72 -12.57
N ASN A 67 -11.59 14.61 -12.61
CA ASN A 67 -11.71 13.76 -11.42
C ASN A 67 -10.35 13.19 -11.00
N LYS A 68 -9.65 12.49 -11.91
CA LYS A 68 -8.46 11.76 -11.49
C LYS A 68 -7.25 12.63 -11.16
N TYR A 69 -7.17 13.88 -11.64
CA TYR A 69 -5.93 14.62 -11.46
C TYR A 69 -6.08 16.04 -10.91
N LEU A 70 -7.25 16.67 -11.07
CA LEU A 70 -7.41 18.04 -10.59
C LEU A 70 -8.37 18.28 -9.43
N LYS A 71 -9.36 17.41 -9.26
CA LYS A 71 -10.35 17.57 -8.19
C LYS A 71 -9.79 17.23 -6.81
N GLY A 72 -10.35 17.87 -5.79
CA GLY A 72 -9.93 17.62 -4.43
C GLY A 72 -8.64 18.32 -4.09
N LYS A 73 -7.98 17.86 -3.02
CA LYS A 73 -6.72 18.46 -2.62
C LYS A 73 -5.62 17.84 -3.44
N VAL A 74 -4.96 18.68 -4.24
CA VAL A 74 -3.89 18.25 -5.12
C VAL A 74 -2.57 18.95 -4.81
N VAL A 75 -2.54 19.87 -3.87
CA VAL A 75 -1.30 20.45 -3.37
C VAL A 75 -1.14 20.02 -1.93
N THR A 76 0.04 19.53 -1.58
CA THR A 76 0.39 19.20 -0.20
C THR A 76 1.82 19.66 0.07
N LYS A 77 2.14 19.77 1.35
CA LYS A 77 3.49 20.14 1.76
C LYS A 77 4.52 19.17 1.21
N GLU A 78 4.22 17.87 1.24
CA GLU A 78 5.12 16.88 0.66
C GLU A 78 5.32 17.14 -0.84
N LYS A 79 4.22 17.27 -1.58
CA LYS A 79 4.31 17.44 -3.02
C LYS A 79 5.06 18.72 -3.40
N ILE A 80 4.93 19.77 -2.59
CA ILE A 80 5.66 20.99 -2.89
C ILE A 80 7.15 20.77 -2.65
N GLN A 81 7.51 19.95 -1.67
CA GLN A 81 8.93 19.80 -1.38
C GLN A 81 9.57 18.83 -2.36
N GLU A 82 8.87 17.75 -2.71
CA GLU A 82 9.34 16.87 -3.78
C GLU A 82 9.64 17.66 -5.04
N ALA A 83 8.73 18.58 -5.42
CA ALA A 83 8.89 19.33 -6.67
C ALA A 83 10.08 20.28 -6.59
N LYS A 84 10.20 21.05 -5.51
CA LYS A 84 11.30 21.99 -5.35
C LYS A 84 12.65 21.32 -5.56
N ASP A 85 12.80 20.09 -5.06
CA ASP A 85 14.08 19.40 -5.13
C ASP A 85 14.35 18.81 -6.52
N VAL A 86 13.31 18.35 -7.22
CA VAL A 86 13.48 17.86 -8.58
C VAL A 86 13.91 18.99 -9.51
N TYR A 87 13.16 20.09 -9.51
CA TYR A 87 13.46 21.18 -10.43
C TYR A 87 14.80 21.84 -10.12
N LYS A 88 15.26 21.76 -8.88
CA LYS A 88 16.55 22.35 -8.54
C LYS A 88 17.69 21.66 -9.30
N GLU A 89 17.67 20.32 -9.34
CA GLU A 89 18.66 19.58 -10.11
C GLU A 89 18.36 19.64 -11.61
N HIS A 90 17.08 19.49 -11.96
CA HIS A 90 16.67 19.45 -13.36
C HIS A 90 17.06 20.72 -14.09
N PHE A 91 16.98 21.85 -13.41
CA PHE A 91 17.26 23.16 -14.00
C PHE A 91 18.68 23.65 -13.71
N GLN A 92 19.40 23.02 -12.79
CA GLN A 92 20.68 23.54 -12.30
C GLN A 92 20.54 24.96 -11.72
N ASP A 93 19.38 25.24 -11.13
CA ASP A 93 19.04 26.58 -10.67
C ASP A 93 17.72 26.54 -9.90
N ASP A 94 17.51 27.49 -8.98
CA ASP A 94 16.24 27.57 -8.27
C ASP A 94 15.31 28.50 -9.03
N VAL A 95 14.35 27.93 -9.76
CA VAL A 95 13.42 28.73 -10.55
C VAL A 95 12.01 28.31 -10.21
N PHE A 96 11.86 27.23 -9.45
CA PHE A 96 10.53 26.77 -9.09
C PHE A 96 9.80 27.83 -8.27
N ASN A 97 8.51 28.00 -8.56
CA ASN A 97 7.68 29.00 -7.88
C ASN A 97 7.10 28.39 -6.60
N GLU A 98 7.97 28.29 -5.60
CA GLU A 98 7.54 27.70 -4.32
C GLU A 98 6.47 28.55 -3.65
N LYS A 99 6.72 29.87 -3.55
CA LYS A 99 5.80 30.73 -2.81
C LYS A 99 4.39 30.68 -3.39
N GLY A 100 4.27 30.73 -4.73
CA GLY A 100 2.96 30.71 -5.35
C GLY A 100 2.24 29.39 -5.19
N TRP A 101 2.98 28.27 -5.16
CA TRP A 101 2.34 26.99 -4.90
C TRP A 101 1.93 26.90 -3.44
N ASN A 102 2.78 27.36 -2.53
CA ASN A 102 2.43 27.37 -1.11
C ASN A 102 1.16 28.19 -0.87
N TYR A 103 0.99 29.29 -1.60
CA TYR A 103 -0.21 30.11 -1.43
C TYR A 103 -1.47 29.30 -1.68
N ILE A 104 -1.48 28.49 -2.76
CA ILE A 104 -2.62 27.63 -3.03
C ILE A 104 -2.83 26.64 -1.89
N LEU A 105 -1.75 26.22 -1.25
CA LEU A 105 -1.89 25.28 -0.15
C LEU A 105 -2.52 25.95 1.07
N GLU A 106 -2.05 27.15 1.43
CA GLU A 106 -2.51 27.81 2.65
C GLU A 106 -3.93 28.38 2.50
N LYS A 107 -4.15 29.21 1.46
CA LYS A 107 -5.44 29.89 1.32
C LYS A 107 -6.56 28.96 0.90
N TYR A 108 -6.28 27.95 0.08
CA TYR A 108 -7.35 27.13 -0.50
C TYR A 108 -7.27 25.67 -0.10
N ASP A 109 -6.49 25.34 0.94
CA ASP A 109 -6.32 23.95 1.37
C ASP A 109 -5.89 23.09 0.19
N GLY A 110 -5.01 23.65 -0.65
CA GLY A 110 -4.47 22.92 -1.78
C GLY A 110 -5.47 22.52 -2.84
N HIS A 111 -6.59 23.24 -2.96
CA HIS A 111 -7.48 23.10 -4.09
C HIS A 111 -7.12 24.11 -5.15
N LEU A 112 -7.34 23.75 -6.42
CA LEU A 112 -6.90 24.60 -7.52
C LEU A 112 -7.87 25.76 -7.72
N PRO A 113 -7.42 27.01 -7.64
CA PRO A 113 -8.33 28.15 -7.96
C PRO A 113 -8.44 28.35 -9.47
N ILE A 114 -9.27 27.50 -10.10
CA ILE A 114 -9.44 27.42 -11.54
C ILE A 114 -10.92 27.26 -11.85
N GLU A 115 -11.37 27.85 -12.95
CA GLU A 115 -12.69 27.58 -13.50
C GLU A 115 -12.58 27.08 -14.95
N ILE A 116 -13.30 26.00 -15.24
CA ILE A 116 -13.30 25.36 -16.55
C ILE A 116 -14.74 25.26 -17.02
N LYS A 117 -15.04 25.83 -18.17
CA LYS A 117 -16.35 25.69 -18.79
C LYS A 117 -16.16 24.90 -20.09
N ALA A 118 -17.07 23.96 -20.34
CA ALA A 118 -16.94 23.03 -21.46
C ALA A 118 -18.30 22.73 -22.08
N VAL A 119 -18.26 22.44 -23.38
CA VAL A 119 -19.36 21.79 -24.09
C VAL A 119 -19.76 20.53 -23.33
N PRO A 120 -21.03 20.13 -23.34
CA PRO A 120 -21.39 18.85 -22.73
C PRO A 120 -20.65 17.69 -23.40
N GLU A 121 -20.13 16.77 -22.59
CA GLU A 121 -19.41 15.64 -23.16
C GLU A 121 -20.37 14.79 -23.98
N GLY A 122 -19.90 14.33 -25.14
CA GLY A 122 -20.75 13.67 -26.10
C GLY A 122 -21.25 14.54 -27.25
N PHE A 123 -21.15 15.86 -27.15
CA PHE A 123 -21.66 16.73 -28.20
C PHE A 123 -20.78 16.62 -29.46
N VAL A 124 -21.41 16.64 -30.62
CA VAL A 124 -20.71 16.55 -31.89
C VAL A 124 -20.64 17.96 -32.46
N ILE A 125 -19.42 18.49 -32.60
CA ILE A 125 -19.19 19.90 -32.88
C ILE A 125 -18.32 20.02 -34.12
N PRO A 126 -18.66 20.88 -35.07
CA PRO A 126 -17.74 21.14 -36.19
C PRO A 126 -16.44 21.77 -35.72
N ARG A 127 -15.37 21.48 -36.46
CA ARG A 127 -14.03 21.99 -36.23
C ARG A 127 -13.99 23.51 -36.10
N GLY A 128 -12.92 24.03 -35.51
CA GLY A 128 -12.77 25.47 -35.32
C GLY A 128 -13.63 26.07 -34.23
N ASN A 129 -14.25 25.26 -33.40
CA ASN A 129 -15.10 25.77 -32.34
C ASN A 129 -14.45 25.55 -30.98
N VAL A 130 -14.71 26.48 -30.06
CA VAL A 130 -14.23 26.36 -28.70
C VAL A 130 -15.00 25.27 -27.98
N LEU A 131 -14.28 24.39 -27.28
CA LEU A 131 -14.93 23.31 -26.54
C LEU A 131 -14.71 23.37 -25.05
N PHE A 132 -13.62 23.96 -24.57
CA PHE A 132 -13.55 24.34 -23.18
C PHE A 132 -12.56 25.49 -23.01
N THR A 133 -12.73 26.20 -21.89
CA THR A 133 -11.94 27.37 -21.53
C THR A 133 -11.44 27.21 -20.10
N VAL A 134 -10.25 27.74 -19.82
CA VAL A 134 -9.65 27.67 -18.49
C VAL A 134 -9.23 29.06 -18.06
N GLU A 135 -9.56 29.41 -16.81
CA GLU A 135 -9.10 30.66 -16.20
C GLU A 135 -8.87 30.46 -14.72
N ASN A 136 -8.08 31.36 -14.14
CA ASN A 136 -7.84 31.37 -12.70
C ASN A 136 -8.86 32.26 -11.98
N THR A 137 -9.19 31.87 -10.76
CA THR A 137 -10.23 32.54 -9.99
C THR A 137 -9.65 33.47 -8.93
N ASP A 138 -8.34 33.41 -8.70
CA ASP A 138 -7.63 34.24 -7.75
C ASP A 138 -6.50 34.94 -8.49
N PRO A 139 -6.43 36.27 -8.46
CA PRO A 139 -5.40 36.96 -9.25
C PRO A 139 -3.97 36.56 -8.90
N GLU A 140 -3.75 35.94 -7.73
CA GLU A 140 -2.41 35.43 -7.41
C GLU A 140 -2.00 34.25 -8.28
N CYS A 141 -2.96 33.57 -8.91
CA CYS A 141 -2.75 32.34 -9.66
C CYS A 141 -2.98 32.51 -11.17
N TYR A 142 -2.52 33.64 -11.72
CA TYR A 142 -2.49 33.85 -13.16
C TYR A 142 -1.63 32.80 -13.87
N TRP A 143 -0.56 32.32 -13.21
CA TRP A 143 0.35 31.37 -13.82
C TRP A 143 -0.24 29.97 -13.90
N LEU A 144 -1.30 29.69 -13.14
CA LEU A 144 -1.82 28.34 -13.03
C LEU A 144 -2.64 27.91 -14.24
N THR A 145 -3.28 28.85 -14.94
CA THR A 145 -4.10 28.53 -16.10
C THR A 145 -3.33 27.68 -17.10
N ASN A 146 -2.17 28.17 -17.51
CA ASN A 146 -1.39 27.46 -18.49
C ASN A 146 -0.49 26.42 -17.86
N TRP A 147 -0.39 26.40 -16.55
CA TRP A 147 0.42 25.40 -15.89
C TRP A 147 -0.17 24.03 -16.18
N ILE A 148 -1.49 24.00 -16.23
CA ILE A 148 -2.25 22.78 -16.47
C ILE A 148 -2.59 22.52 -17.93
N GLU A 149 -2.06 23.32 -18.85
CA GLU A 149 -2.37 23.10 -20.25
C GLU A 149 -1.86 21.74 -20.75
N THR A 150 -0.69 21.32 -20.27
CA THR A 150 -0.14 20.04 -20.68
C THR A 150 -1.06 18.88 -20.28
N ILE A 151 -1.54 18.90 -19.05
CA ILE A 151 -2.43 17.85 -18.60
C ILE A 151 -3.77 17.89 -19.30
N LEU A 152 -4.29 19.10 -19.51
CA LEU A 152 -5.57 19.27 -20.19
C LEU A 152 -5.47 18.93 -21.67
N VAL A 153 -4.37 19.35 -22.29
CA VAL A 153 -4.16 19.08 -23.71
C VAL A 153 -4.18 17.60 -24.11
N GLN A 154 -3.96 16.70 -23.15
CA GLN A 154 -3.95 15.24 -23.33
C GLN A 154 -5.29 14.58 -23.67
N SER A 155 -6.39 15.33 -23.58
CA SER A 155 -7.76 14.95 -23.95
C SER A 155 -7.97 14.77 -25.47
N TRP A 156 -7.02 15.24 -26.28
CA TRP A 156 -7.07 15.09 -27.70
C TRP A 156 -7.12 13.60 -27.93
N TYR A 157 -6.40 12.82 -27.12
CA TYR A 157 -6.49 11.38 -27.37
C TYR A 157 -7.93 10.88 -27.21
N PRO A 158 -8.63 11.08 -26.09
CA PRO A 158 -10.01 10.58 -26.04
C PRO A 158 -10.89 11.18 -27.12
N ILE A 159 -10.69 12.47 -27.42
CA ILE A 159 -11.46 13.14 -28.47
C ILE A 159 -11.19 12.48 -29.82
N THR A 160 -9.92 12.25 -30.14
CA THR A 160 -9.55 11.74 -31.45
C THR A 160 -10.00 10.29 -31.63
N VAL A 161 -9.81 9.45 -30.62
CA VAL A 161 -10.28 8.06 -30.71
C VAL A 161 -11.77 8.04 -30.99
N ALA A 162 -12.55 8.80 -30.21
CA ALA A 162 -14.01 8.74 -30.33
C ALA A 162 -14.49 9.35 -31.64
N THR A 163 -13.83 10.43 -32.09
CA THR A 163 -14.16 11.00 -33.40
C THR A 163 -13.85 10.01 -34.51
N ASN A 164 -12.67 9.38 -34.45
CA ASN A 164 -12.27 8.46 -35.51
C ASN A 164 -13.12 7.18 -35.45
N SER A 165 -13.39 6.68 -34.25
CA SER A 165 -14.33 5.58 -34.06
C SER A 165 -15.67 5.89 -34.72
N ARG A 166 -16.18 7.10 -34.49
CA ARG A 166 -17.52 7.44 -34.96
C ARG A 166 -17.55 7.61 -36.48
N GLU A 167 -16.45 8.08 -37.07
CA GLU A 167 -16.40 8.15 -38.53
C GLU A 167 -16.46 6.75 -39.14
N GLN A 168 -15.82 5.76 -38.52
CA GLN A 168 -15.96 4.39 -39.01
C GLN A 168 -17.37 3.86 -38.79
N LYS A 169 -18.04 4.29 -37.72
CA LYS A 169 -19.43 3.90 -37.57
C LYS A 169 -20.29 4.44 -38.71
N LYS A 170 -20.01 5.67 -39.17
CA LYS A 170 -20.75 6.23 -40.31
C LYS A 170 -20.60 5.34 -41.52
N ILE A 171 -19.36 4.97 -41.85
CA ILE A 171 -19.07 4.09 -42.97
C ILE A 171 -19.85 2.78 -42.87
N LEU A 172 -19.77 2.11 -41.72
CA LEU A 172 -20.49 0.84 -41.56
C LEU A 172 -21.98 1.01 -41.75
N ALA A 173 -22.57 2.04 -41.13
CA ALA A 173 -23.99 2.32 -41.35
C ALA A 173 -24.31 2.41 -42.83
N LYS A 174 -23.54 3.22 -43.57
CA LYS A 174 -23.89 3.50 -44.96
C LYS A 174 -23.98 2.20 -45.75
N TYR A 175 -22.99 1.33 -45.59
CA TYR A 175 -22.96 0.09 -46.35
C TYR A 175 -23.85 -0.99 -45.74
N LEU A 176 -23.98 -1.01 -44.41
CA LEU A 176 -24.90 -1.94 -43.78
C LEU A 176 -26.34 -1.65 -44.19
N LEU A 177 -26.64 -0.39 -44.51
CA LEU A 177 -27.97 -0.08 -44.98
C LEU A 177 -28.09 -0.32 -46.48
N GLU A 178 -27.01 -0.07 -47.23
CA GLU A 178 -27.03 -0.28 -48.68
C GLU A 178 -27.18 -1.74 -49.06
N THR A 179 -26.60 -2.67 -48.29
CA THR A 179 -26.61 -4.09 -48.63
C THR A 179 -27.64 -4.88 -47.85
N SER A 180 -28.13 -4.36 -46.74
CA SER A 180 -29.02 -5.09 -45.87
C SER A 180 -30.46 -4.55 -45.81
N GLY A 181 -30.62 -3.24 -45.79
CA GLY A 181 -31.93 -2.63 -45.56
C GLY A 181 -32.21 -2.22 -44.13
N ASN A 182 -31.28 -2.48 -43.22
CA ASN A 182 -31.48 -2.10 -41.81
C ASN A 182 -30.13 -1.92 -41.15
N LEU A 183 -30.18 -1.50 -39.87
CA LEU A 183 -28.99 -1.21 -39.10
C LEU A 183 -28.81 -2.16 -37.93
N ASP A 184 -29.32 -3.38 -38.04
CA ASP A 184 -29.24 -4.33 -36.94
C ASP A 184 -27.79 -4.70 -36.67
N GLY A 185 -27.37 -4.54 -35.42
CA GLY A 185 -26.05 -4.93 -34.99
C GLY A 185 -24.96 -3.91 -35.23
N LEU A 186 -25.27 -2.78 -35.87
CA LEU A 186 -24.31 -1.73 -36.18
C LEU A 186 -23.32 -1.51 -35.05
N GLU A 187 -23.84 -1.46 -33.81
CA GLU A 187 -23.01 -1.13 -32.65
C GLU A 187 -22.06 -2.26 -32.24
N TYR A 188 -22.12 -3.43 -32.89
CA TYR A 188 -21.20 -4.51 -32.57
C TYR A 188 -20.24 -4.81 -33.70
N LYS A 189 -20.23 -4.00 -34.76
CA LYS A 189 -19.48 -4.32 -35.99
C LYS A 189 -18.02 -3.91 -35.97
N LEU A 190 -17.63 -3.00 -35.07
CA LEU A 190 -16.22 -2.65 -34.90
C LEU A 190 -15.84 -2.95 -33.44
N HIS A 191 -15.03 -3.99 -33.27
CA HIS A 191 -14.65 -4.51 -31.98
C HIS A 191 -13.22 -4.09 -31.66
N ASP A 192 -12.98 -3.64 -30.43
CA ASP A 192 -11.65 -3.18 -30.05
C ASP A 192 -10.68 -4.32 -29.71
N PHE A 193 -9.63 -4.42 -30.53
CA PHE A 193 -8.57 -5.42 -30.38
C PHE A 193 -7.26 -4.73 -30.01
N GLY A 194 -7.34 -3.49 -29.55
CA GLY A 194 -6.17 -2.68 -29.27
C GLY A 194 -5.51 -2.64 -27.90
N TYR A 195 -5.90 -3.50 -26.97
CA TYR A 195 -5.32 -3.46 -25.64
C TYR A 195 -3.80 -3.67 -25.66
N ARG A 196 -3.32 -4.62 -26.45
CA ARG A 196 -1.88 -4.87 -26.58
C ARG A 196 -1.10 -3.72 -27.23
N GLY A 197 -1.73 -3.10 -28.23
CA GLY A 197 -1.16 -2.00 -29.01
C GLY A 197 -0.81 -0.69 -28.35
N VAL A 198 -1.62 -0.26 -27.40
CA VAL A 198 -1.43 1.03 -26.72
C VAL A 198 -0.13 1.21 -25.93
N SER A 199 0.33 2.44 -25.86
CA SER A 199 1.57 2.82 -25.18
C SER A 199 1.66 2.30 -23.76
N SER A 200 0.53 2.04 -23.10
CA SER A 200 0.52 1.92 -21.64
C SER A 200 -0.88 1.48 -21.18
N GLN A 201 -0.96 1.03 -19.92
CA GLN A 201 -2.23 0.62 -19.32
C GLN A 201 -3.23 1.77 -19.28
N GLU A 202 -2.79 2.95 -18.83
CA GLU A 202 -3.71 4.07 -18.71
C GLU A 202 -4.32 4.44 -20.07
N THR A 203 -3.48 4.48 -21.11
CA THR A 203 -3.96 4.74 -22.46
C THR A 203 -4.98 3.70 -22.90
N ALA A 204 -4.75 2.42 -22.58
CA ALA A 204 -5.70 1.38 -22.92
C ALA A 204 -7.09 1.73 -22.42
N GLY A 205 -7.19 2.02 -21.12
CA GLY A 205 -8.45 2.44 -20.52
C GLY A 205 -9.05 3.64 -21.21
N ILE A 206 -8.31 4.75 -21.33
CA ILE A 206 -8.88 5.92 -21.96
C ILE A 206 -9.35 5.61 -23.37
N GLY A 207 -8.46 5.03 -24.19
CA GLY A 207 -8.80 4.73 -25.58
C GLY A 207 -10.00 3.82 -25.71
N ALA A 208 -10.02 2.73 -24.94
CA ALA A 208 -11.16 1.83 -25.02
C ALA A 208 -12.43 2.54 -24.56
N SER A 209 -12.31 3.44 -23.59
CA SER A 209 -13.47 4.22 -23.17
C SER A 209 -14.00 5.07 -24.32
N ALA A 210 -13.11 5.68 -25.11
CA ALA A 210 -13.58 6.56 -26.18
C ALA A 210 -14.25 5.79 -27.30
N HIS A 211 -13.76 4.57 -27.60
CA HIS A 211 -14.42 3.72 -28.59
C HIS A 211 -15.86 3.38 -28.17
N LEU A 212 -16.06 3.10 -26.88
CA LEU A 212 -17.36 2.65 -26.40
C LEU A 212 -18.40 3.74 -26.37
N VAL A 213 -17.99 5.00 -26.61
CA VAL A 213 -18.97 6.06 -26.82
C VAL A 213 -19.84 5.73 -28.01
N ASN A 214 -19.30 4.97 -28.98
CA ASN A 214 -19.98 4.67 -30.24
C ASN A 214 -20.37 3.21 -30.41
N PHE A 215 -19.62 2.28 -29.81
CA PHE A 215 -19.85 0.85 -30.02
C PHE A 215 -19.96 0.16 -28.66
N LYS A 216 -20.29 -1.13 -28.70
CA LYS A 216 -20.49 -1.92 -27.51
C LYS A 216 -19.56 -3.12 -27.40
N GLY A 217 -18.67 -3.33 -28.36
CA GLY A 217 -17.79 -4.48 -28.24
C GLY A 217 -16.36 -4.10 -27.97
N THR A 218 -15.78 -4.60 -26.88
CA THR A 218 -14.36 -4.41 -26.65
C THR A 218 -13.80 -5.63 -25.92
N ASP A 219 -12.52 -5.86 -26.11
CA ASP A 219 -11.76 -6.84 -25.35
C ASP A 219 -10.73 -6.16 -24.48
N THR A 220 -10.73 -4.82 -24.47
CA THR A 220 -9.82 -4.01 -23.64
C THR A 220 -10.48 -3.80 -22.28
N VAL A 221 -10.36 -4.82 -21.43
CA VAL A 221 -11.08 -4.85 -20.15
C VAL A 221 -10.83 -3.58 -19.33
N ALA A 222 -9.62 -3.01 -19.43
CA ALA A 222 -9.30 -1.75 -18.74
C ALA A 222 -10.33 -0.64 -19.03
N GLY A 223 -10.93 -0.64 -20.22
CA GLY A 223 -11.91 0.38 -20.55
C GLY A 223 -13.13 0.33 -19.65
N LEU A 224 -13.57 -0.88 -19.29
CA LEU A 224 -14.75 -1.02 -18.43
C LEU A 224 -14.50 -0.39 -17.05
N ALA A 225 -13.33 -0.67 -16.47
CA ALA A 225 -13.00 -0.10 -15.17
C ALA A 225 -12.98 1.43 -15.22
N LEU A 226 -12.48 2.01 -16.31
CA LEU A 226 -12.39 3.46 -16.37
C LEU A 226 -13.76 4.09 -16.45
N ILE A 227 -14.63 3.59 -17.32
CA ILE A 227 -16.00 4.09 -17.41
C ILE A 227 -16.66 4.03 -16.03
N LYS A 228 -16.60 2.87 -15.40
CA LYS A 228 -17.29 2.71 -14.13
C LYS A 228 -16.80 3.65 -13.05
N LYS A 229 -15.49 3.79 -12.91
CA LYS A 229 -14.95 4.68 -11.89
C LYS A 229 -15.17 6.17 -12.09
N TYR A 230 -15.00 6.66 -13.32
CA TYR A 230 -15.12 8.10 -13.56
C TYR A 230 -16.39 8.63 -14.23
N TYR A 231 -17.13 7.78 -14.92
CA TYR A 231 -18.35 8.25 -15.57
C TYR A 231 -19.58 7.56 -15.02
N GLY A 232 -19.58 6.24 -15.08
CA GLY A 232 -20.68 5.45 -14.57
C GLY A 232 -21.77 5.21 -15.59
N THR A 233 -22.53 4.15 -15.38
CA THR A 233 -23.64 3.84 -16.26
C THR A 233 -24.68 3.05 -15.51
N LYS A 234 -25.94 3.17 -15.91
CA LYS A 234 -27.00 2.39 -15.28
C LYS A 234 -26.92 0.94 -15.69
N ASP A 235 -26.35 0.66 -16.86
CA ASP A 235 -26.16 -0.70 -17.34
C ASP A 235 -25.20 -1.44 -16.40
N PRO A 236 -25.30 -2.76 -16.32
CA PRO A 236 -24.33 -3.51 -15.50
C PRO A 236 -22.90 -3.38 -16.02
N VAL A 237 -22.68 -3.51 -17.33
CA VAL A 237 -21.36 -3.26 -17.91
C VAL A 237 -21.47 -2.39 -19.16
N PRO A 238 -20.48 -1.53 -19.40
CA PRO A 238 -20.52 -0.69 -20.61
C PRO A 238 -20.27 -1.45 -21.91
N GLY A 239 -19.47 -2.52 -21.89
CA GLY A 239 -19.13 -3.22 -23.12
C GLY A 239 -19.21 -4.73 -22.96
N TYR A 240 -19.18 -5.43 -24.10
CA TYR A 240 -19.42 -6.87 -24.16
C TYR A 240 -18.39 -7.54 -25.06
N SER A 241 -18.28 -8.87 -24.91
CA SER A 241 -17.43 -9.69 -25.78
C SER A 241 -17.85 -11.16 -25.60
N VAL A 242 -17.25 -12.03 -26.40
CA VAL A 242 -17.59 -13.44 -26.51
C VAL A 242 -16.31 -14.27 -26.40
N PRO A 243 -16.40 -15.57 -26.18
CA PRO A 243 -15.18 -16.39 -26.19
C PRO A 243 -14.55 -16.44 -27.59
N ALA A 244 -13.22 -16.39 -27.62
CA ALA A 244 -12.49 -16.39 -28.88
C ALA A 244 -11.14 -17.05 -28.66
N ALA A 245 -10.64 -17.66 -29.72
CA ALA A 245 -9.38 -18.34 -29.70
C ALA A 245 -8.28 -17.45 -30.22
N GLU A 246 -7.07 -17.82 -29.86
CA GLU A 246 -5.86 -17.14 -30.29
C GLU A 246 -4.89 -18.18 -30.80
N HIS A 247 -3.80 -17.74 -31.41
CA HIS A 247 -2.87 -18.67 -32.01
C HIS A 247 -2.29 -19.68 -31.05
N SER A 248 -1.99 -19.27 -29.82
CA SER A 248 -1.44 -20.22 -28.88
C SER A 248 -2.41 -21.37 -28.57
N THR A 249 -3.69 -21.06 -28.38
CA THR A 249 -4.63 -22.13 -28.11
C THR A 249 -4.79 -23.08 -29.30
N ILE A 250 -4.82 -22.53 -30.51
CA ILE A 250 -4.90 -23.37 -31.68
C ILE A 250 -3.65 -24.20 -31.98
N THR A 251 -2.50 -23.57 -31.88
CA THR A 251 -1.23 -24.21 -32.22
C THR A 251 -0.66 -25.15 -31.16
N ALA A 252 -1.23 -25.11 -29.97
CA ALA A 252 -0.79 -25.96 -28.86
C ALA A 252 -0.97 -27.43 -29.14
N TRP A 253 -2.02 -27.77 -29.85
CA TRP A 253 -2.32 -29.14 -30.22
C TRP A 253 -1.36 -29.72 -31.24
N GLY A 254 -0.57 -28.87 -31.88
CA GLY A 254 0.34 -29.31 -32.92
C GLY A 254 -0.28 -29.18 -34.30
N LYS A 255 0.58 -29.02 -35.31
CA LYS A 255 0.09 -28.66 -36.63
C LYS A 255 -0.84 -29.73 -37.22
N ASP A 256 -0.56 -31.00 -36.92
CA ASP A 256 -1.38 -32.08 -37.46
C ASP A 256 -2.72 -32.20 -36.74
N HIS A 257 -2.94 -31.46 -35.68
CA HIS A 257 -4.17 -31.58 -34.92
C HIS A 257 -4.93 -30.27 -34.87
N GLU A 258 -4.81 -29.48 -35.95
CA GLU A 258 -5.57 -28.25 -36.06
C GLU A 258 -7.07 -28.52 -36.00
N LYS A 259 -7.53 -29.66 -36.53
CA LYS A 259 -8.95 -29.97 -36.50
C LYS A 259 -9.42 -30.30 -35.09
N ASP A 260 -8.58 -30.99 -34.30
CA ASP A 260 -9.00 -31.35 -32.95
C ASP A 260 -9.15 -30.10 -32.07
N ALA A 261 -8.30 -29.10 -32.29
CA ALA A 261 -8.46 -27.84 -31.58
C ALA A 261 -9.78 -27.16 -31.96
N PHE A 262 -10.03 -27.00 -33.25
CA PHE A 262 -11.30 -26.44 -33.70
C PHE A 262 -12.47 -27.19 -33.07
N GLU A 263 -12.45 -28.53 -33.13
CA GLU A 263 -13.54 -29.30 -32.57
C GLU A 263 -13.68 -29.08 -31.06
N HIS A 264 -12.58 -29.18 -30.32
CA HIS A 264 -12.64 -28.97 -28.88
C HIS A 264 -13.17 -27.58 -28.52
N ILE A 265 -12.90 -26.59 -29.37
CA ILE A 265 -13.22 -25.21 -28.98
C ILE A 265 -14.67 -24.88 -29.31
N VAL A 266 -15.20 -25.38 -30.42
CA VAL A 266 -16.62 -25.16 -30.70
C VAL A 266 -17.49 -25.96 -29.74
N THR A 267 -17.04 -27.15 -29.34
CA THR A 267 -17.81 -27.92 -28.37
C THR A 267 -17.77 -27.24 -27.01
N GLN A 268 -16.64 -26.65 -26.62
CA GLN A 268 -16.54 -26.05 -25.29
C GLN A 268 -17.45 -24.84 -25.15
N PHE A 269 -17.65 -24.09 -26.22
CA PHE A 269 -18.54 -22.93 -26.21
C PHE A 269 -19.56 -23.14 -27.32
N SER A 270 -20.57 -23.98 -27.04
CA SER A 270 -21.63 -24.20 -28.03
C SER A 270 -22.83 -23.29 -27.81
N SER A 271 -23.04 -22.79 -26.61
CA SER A 271 -24.23 -21.97 -26.34
C SER A 271 -24.03 -20.48 -26.58
N VAL A 272 -22.84 -20.04 -26.96
CA VAL A 272 -22.55 -18.62 -27.19
C VAL A 272 -21.69 -18.49 -28.44
N PRO A 273 -21.70 -17.30 -29.07
CA PRO A 273 -20.85 -17.10 -30.25
C PRO A 273 -19.39 -17.35 -29.92
N VAL A 274 -18.66 -17.94 -30.87
CA VAL A 274 -17.25 -18.23 -30.66
C VAL A 274 -16.46 -17.79 -31.88
N SER A 275 -15.38 -17.06 -31.63
CA SER A 275 -14.48 -16.58 -32.65
C SER A 275 -13.23 -17.46 -32.65
N VAL A 276 -12.99 -18.15 -33.77
CA VAL A 276 -11.87 -19.08 -33.89
C VAL A 276 -10.97 -18.62 -35.02
N VAL A 277 -9.75 -18.21 -34.69
CA VAL A 277 -8.78 -17.77 -35.69
C VAL A 277 -8.32 -18.98 -36.49
N SER A 278 -8.36 -18.86 -37.83
CA SER A 278 -8.20 -20.02 -38.70
C SER A 278 -7.04 -19.86 -39.68
N ASP A 279 -6.10 -18.96 -39.40
CA ASP A 279 -5.01 -18.69 -40.33
C ASP A 279 -3.67 -19.26 -39.86
N SER A 280 -3.69 -20.14 -38.85
CA SER A 280 -2.47 -20.59 -38.19
C SER A 280 -1.48 -21.22 -39.16
N TYR A 281 -1.99 -22.04 -40.06
CA TYR A 281 -1.15 -22.69 -41.04
C TYR A 281 -1.62 -22.38 -42.46
N ASP A 282 -2.88 -22.65 -42.72
CA ASP A 282 -3.47 -22.34 -44.01
C ASP A 282 -4.91 -21.93 -43.80
N ILE A 283 -5.25 -20.68 -44.07
CA ILE A 283 -6.61 -20.24 -43.89
C ILE A 283 -7.60 -20.93 -44.81
N TYR A 284 -7.20 -21.07 -46.06
CA TYR A 284 -8.04 -21.69 -47.08
C TYR A 284 -8.32 -23.15 -46.83
N ASN A 285 -7.32 -23.88 -46.39
CA ASN A 285 -7.51 -25.29 -46.10
C ASN A 285 -8.49 -25.48 -44.97
N ALA A 286 -8.38 -24.64 -43.95
CA ALA A 286 -9.28 -24.74 -42.83
C ALA A 286 -10.70 -24.45 -43.25
N CYS A 287 -10.87 -23.42 -44.05
CA CYS A 287 -12.19 -23.05 -44.54
C CYS A 287 -12.82 -24.05 -45.48
N GLU A 288 -12.03 -24.56 -46.42
CA GLU A 288 -12.56 -25.50 -47.41
C GLU A 288 -12.75 -26.91 -46.84
N LYS A 289 -11.72 -27.44 -46.19
CA LYS A 289 -11.79 -28.80 -45.68
C LYS A 289 -12.11 -29.01 -44.21
N ILE A 290 -11.38 -28.36 -43.31
CA ILE A 290 -11.68 -28.59 -41.91
C ILE A 290 -13.03 -28.05 -41.46
N TRP A 291 -13.30 -26.78 -41.76
CA TRP A 291 -14.60 -26.21 -41.42
C TRP A 291 -15.67 -26.76 -42.34
N GLY A 292 -15.33 -26.77 -43.61
CA GLY A 292 -16.20 -27.19 -44.68
C GLY A 292 -16.64 -28.64 -44.75
N GLU A 293 -15.72 -29.56 -44.47
CA GLU A 293 -16.06 -30.96 -44.55
C GLU A 293 -15.92 -31.76 -43.26
N ASP A 294 -14.74 -31.71 -42.65
CA ASP A 294 -14.49 -32.46 -41.43
C ASP A 294 -15.35 -32.08 -40.23
N LEU A 295 -15.47 -30.77 -40.01
CA LEU A 295 -16.24 -30.24 -38.89
C LEU A 295 -17.53 -29.55 -39.31
N ARG A 296 -17.99 -29.84 -40.52
CA ARG A 296 -19.19 -29.21 -41.06
C ARG A 296 -20.44 -29.50 -40.24
N HIS A 297 -20.54 -30.71 -39.71
CA HIS A 297 -21.71 -31.08 -38.91
C HIS A 297 -21.86 -30.22 -37.66
N LEU A 298 -20.75 -29.88 -37.02
CA LEU A 298 -20.79 -29.04 -35.83
C LEU A 298 -21.33 -27.64 -36.10
N ILE A 299 -20.95 -27.04 -37.23
CA ILE A 299 -21.38 -25.69 -37.58
C ILE A 299 -22.88 -25.50 -37.81
N VAL A 300 -23.51 -26.45 -38.50
CA VAL A 300 -24.95 -26.36 -38.79
C VAL A 300 -25.83 -26.43 -37.54
N SER A 301 -25.39 -27.22 -36.57
CA SER A 301 -26.11 -27.42 -35.32
C SER A 301 -26.26 -26.14 -34.50
N ARG A 302 -25.25 -25.27 -34.53
CA ARG A 302 -25.29 -24.04 -33.75
C ARG A 302 -26.44 -23.10 -34.07
N SER A 303 -27.03 -22.56 -33.00
CA SER A 303 -28.16 -21.63 -33.09
C SER A 303 -27.77 -20.22 -33.55
N THR A 304 -28.75 -19.50 -34.07
CA THR A 304 -28.53 -18.13 -34.54
C THR A 304 -27.90 -17.27 -33.44
N GLN A 305 -28.35 -17.49 -32.21
CA GLN A 305 -27.84 -16.77 -31.05
C GLN A 305 -26.35 -17.02 -30.82
N ALA A 306 -25.89 -18.24 -31.08
CA ALA A 306 -24.48 -18.57 -30.89
C ALA A 306 -23.83 -19.21 -32.12
N PRO A 307 -23.56 -18.39 -33.15
CA PRO A 307 -22.95 -18.73 -34.43
C PRO A 307 -21.43 -18.83 -34.34
N LEU A 308 -20.82 -19.39 -35.37
CA LEU A 308 -19.37 -19.53 -35.42
C LEU A 308 -18.79 -18.37 -36.22
N ILE A 309 -17.83 -17.67 -35.62
CA ILE A 309 -17.19 -16.54 -36.28
C ILE A 309 -15.79 -16.99 -36.70
N ILE A 310 -15.59 -17.19 -38.00
CA ILE A 310 -14.30 -17.58 -38.54
C ILE A 310 -13.45 -16.33 -38.70
N ARG A 311 -12.25 -16.35 -38.13
CA ARG A 311 -11.38 -15.20 -38.12
C ARG A 311 -10.12 -15.49 -38.93
N PRO A 312 -9.89 -14.81 -40.05
CA PRO A 312 -8.56 -14.78 -40.64
C PRO A 312 -7.72 -13.67 -40.01
N ASP A 313 -6.40 -13.86 -40.04
CA ASP A 313 -5.48 -12.93 -39.39
C ASP A 313 -4.26 -12.61 -40.24
N SER A 314 -4.32 -12.89 -41.55
CA SER A 314 -3.13 -12.71 -42.37
C SER A 314 -3.52 -12.63 -43.84
N GLY A 315 -2.63 -12.04 -44.62
CA GLY A 315 -2.84 -11.80 -46.02
C GLY A 315 -3.34 -10.38 -46.25
N ASN A 316 -3.61 -10.08 -47.52
CA ASN A 316 -4.18 -8.79 -47.85
C ASN A 316 -5.58 -8.76 -47.25
N PRO A 317 -5.91 -7.74 -46.42
CA PRO A 317 -7.15 -7.81 -45.64
C PRO A 317 -8.41 -7.95 -46.49
N LEU A 318 -8.55 -7.12 -47.54
CA LEU A 318 -9.73 -7.24 -48.39
C LEU A 318 -9.72 -8.55 -49.17
N ASP A 319 -8.58 -8.89 -49.79
CA ASP A 319 -8.54 -10.09 -50.65
C ASP A 319 -8.82 -11.36 -49.87
N THR A 320 -8.35 -11.44 -48.62
CA THR A 320 -8.56 -12.65 -47.84
C THR A 320 -10.02 -12.76 -47.41
N VAL A 321 -10.60 -11.65 -46.96
CA VAL A 321 -12.04 -11.62 -46.63
C VAL A 321 -12.86 -12.17 -47.79
N LEU A 322 -12.61 -11.64 -49.00
CA LEU A 322 -13.42 -12.03 -50.16
C LEU A 322 -13.28 -13.51 -50.45
N LYS A 323 -12.03 -14.01 -50.52
CA LYS A 323 -11.81 -15.41 -50.86
C LYS A 323 -12.30 -16.34 -49.77
N VAL A 324 -12.26 -15.91 -48.51
CA VAL A 324 -12.84 -16.71 -47.44
C VAL A 324 -14.33 -16.81 -47.61
N LEU A 325 -14.98 -15.71 -48.00
CA LEU A 325 -16.42 -15.70 -48.20
C LEU A 325 -16.83 -16.55 -49.42
N GLU A 326 -16.00 -16.55 -50.47
CA GLU A 326 -16.32 -17.36 -51.64
C GLU A 326 -16.26 -18.84 -51.31
N ILE A 327 -15.22 -19.26 -50.57
CA ILE A 327 -15.09 -20.66 -50.19
C ILE A 327 -16.29 -21.08 -49.34
N LEU A 328 -16.62 -20.28 -48.32
CA LEU A 328 -17.71 -20.66 -47.44
C LEU A 328 -19.04 -20.68 -48.19
N GLY A 329 -19.20 -19.76 -49.14
CA GLY A 329 -20.39 -19.78 -49.99
C GLY A 329 -20.48 -21.04 -50.82
N LYS A 330 -19.34 -21.54 -51.29
CA LYS A 330 -19.29 -22.79 -52.04
C LYS A 330 -19.40 -24.01 -51.14
N LYS A 331 -19.58 -23.83 -49.83
CA LYS A 331 -19.65 -24.94 -48.89
C LYS A 331 -20.81 -24.86 -47.92
N PHE A 332 -21.58 -23.77 -47.92
CA PHE A 332 -22.73 -23.62 -47.05
C PHE A 332 -23.87 -22.98 -47.83
N PRO A 333 -25.11 -23.25 -47.43
CA PRO A 333 -26.26 -22.72 -48.18
C PRO A 333 -26.36 -21.20 -48.14
N VAL A 334 -26.01 -20.52 -49.22
CA VAL A 334 -26.06 -19.06 -49.26
C VAL A 334 -27.36 -18.61 -49.90
N THR A 335 -28.00 -17.62 -49.28
CA THR A 335 -29.28 -17.05 -49.70
C THR A 335 -29.07 -15.60 -50.16
N GLU A 336 -30.15 -14.99 -50.66
CA GLU A 336 -30.11 -13.64 -51.19
C GLU A 336 -31.13 -12.79 -50.44
N ASN A 337 -30.69 -11.70 -49.82
CA ASN A 337 -31.54 -10.83 -49.03
C ASN A 337 -32.35 -9.90 -49.94
N SER A 338 -33.16 -9.04 -49.31
CA SER A 338 -34.10 -8.21 -50.05
C SER A 338 -33.42 -7.28 -51.06
N LYS A 339 -32.20 -6.82 -50.77
CA LYS A 339 -31.50 -5.86 -51.62
C LYS A 339 -30.67 -6.53 -52.71
N GLY A 340 -30.66 -7.86 -52.78
CA GLY A 340 -29.94 -8.58 -53.81
C GLY A 340 -28.52 -8.99 -53.48
N TYR A 341 -28.13 -8.97 -52.20
CA TYR A 341 -26.77 -9.27 -51.77
C TYR A 341 -26.75 -10.60 -51.06
N LYS A 342 -25.66 -11.34 -51.24
CA LYS A 342 -25.60 -12.70 -50.72
C LYS A 342 -25.33 -12.72 -49.22
N LEU A 343 -25.93 -13.70 -48.55
CA LEU A 343 -25.98 -13.75 -47.10
C LEU A 343 -25.73 -15.18 -46.64
N LEU A 344 -24.77 -15.35 -45.73
CA LEU A 344 -24.47 -16.65 -45.16
C LEU A 344 -25.62 -17.13 -44.27
N PRO A 345 -25.65 -18.43 -43.96
CA PRO A 345 -26.62 -18.90 -42.97
C PRO A 345 -26.28 -18.39 -41.60
N PRO A 346 -27.28 -18.24 -40.72
CA PRO A 346 -27.04 -17.54 -39.45
C PRO A 346 -26.09 -18.23 -38.48
N TYR A 347 -25.68 -19.48 -38.74
CA TYR A 347 -24.72 -20.12 -37.85
C TYR A 347 -23.27 -19.83 -38.25
N LEU A 348 -23.03 -19.04 -39.28
CA LEU A 348 -21.69 -18.79 -39.77
C LEU A 348 -21.50 -17.29 -40.02
N ARG A 349 -20.45 -16.73 -39.44
CA ARG A 349 -20.08 -15.35 -39.69
C ARG A 349 -18.57 -15.26 -39.86
N VAL A 350 -18.10 -14.05 -40.17
CA VAL A 350 -16.69 -13.80 -40.43
C VAL A 350 -16.28 -12.51 -39.72
N ILE A 351 -15.10 -12.51 -39.11
CA ILE A 351 -14.55 -11.29 -38.53
C ILE A 351 -13.14 -11.05 -39.10
N GLN A 352 -12.95 -9.90 -39.74
CA GLN A 352 -11.63 -9.45 -40.19
C GLN A 352 -11.00 -8.58 -39.12
N GLY A 353 -9.94 -9.07 -38.48
CA GLY A 353 -9.30 -8.29 -37.44
C GLY A 353 -7.84 -7.94 -37.69
N ASP A 354 -7.38 -8.10 -38.94
CA ASP A 354 -5.99 -7.84 -39.27
C ASP A 354 -5.87 -6.66 -40.21
N GLY A 355 -4.97 -5.73 -39.89
CA GLY A 355 -4.66 -4.61 -40.75
C GLY A 355 -5.79 -3.62 -40.96
N VAL A 356 -6.72 -3.53 -40.01
CA VAL A 356 -7.91 -2.68 -40.13
C VAL A 356 -7.63 -1.33 -39.50
N ASP A 357 -7.79 -0.28 -40.28
CA ASP A 357 -7.93 1.08 -39.76
C ASP A 357 -9.01 1.76 -40.59
N ILE A 358 -9.19 3.08 -40.40
CA ILE A 358 -10.33 3.75 -41.02
C ILE A 358 -10.28 3.59 -42.54
N ASN A 359 -9.08 3.59 -43.12
CA ASN A 359 -8.95 3.57 -44.57
C ASN A 359 -9.24 2.17 -45.13
N THR A 360 -8.56 1.15 -44.58
CA THR A 360 -8.78 -0.20 -45.11
C THR A 360 -10.19 -0.68 -44.80
N LEU A 361 -10.80 -0.20 -43.73
CA LEU A 361 -12.19 -0.55 -43.46
C LEU A 361 -13.09 -0.09 -44.58
N GLN A 362 -12.82 1.09 -45.14
CA GLN A 362 -13.58 1.58 -46.29
C GLN A 362 -13.39 0.66 -47.49
N GLU A 363 -12.14 0.26 -47.78
CA GLU A 363 -11.87 -0.60 -48.93
C GLU A 363 -12.54 -1.97 -48.79
N ILE A 364 -12.51 -2.55 -47.59
CA ILE A 364 -13.14 -3.85 -47.41
C ILE A 364 -14.64 -3.77 -47.68
N VAL A 365 -15.33 -2.82 -47.06
CA VAL A 365 -16.78 -2.80 -47.21
C VAL A 365 -17.15 -2.44 -48.65
N GLU A 366 -16.43 -1.49 -49.26
CA GLU A 366 -16.70 -1.16 -50.66
C GLU A 366 -16.43 -2.36 -51.55
N GLY A 367 -15.33 -3.07 -51.30
CA GLY A 367 -15.08 -4.31 -52.01
C GLY A 367 -16.21 -5.31 -51.84
N MET A 368 -16.65 -5.52 -50.59
CA MET A 368 -17.70 -6.50 -50.34
C MET A 368 -19.00 -6.15 -51.08
N LYS A 369 -19.27 -4.85 -51.27
CA LYS A 369 -20.53 -4.46 -51.88
C LYS A 369 -20.50 -4.70 -53.38
N GLN A 370 -19.35 -4.49 -54.02
CA GLN A 370 -19.30 -4.63 -55.47
C GLN A 370 -19.25 -6.08 -55.93
N LYS A 371 -18.77 -7.01 -55.08
CA LYS A 371 -18.96 -8.43 -55.31
C LYS A 371 -20.24 -8.96 -54.65
N MET A 372 -21.14 -8.05 -54.26
CA MET A 372 -22.51 -8.36 -53.82
C MET A 372 -22.53 -9.25 -52.57
N TRP A 373 -21.61 -9.00 -51.65
CA TRP A 373 -21.66 -9.57 -50.31
C TRP A 373 -22.21 -8.53 -49.34
N SER A 374 -23.19 -8.93 -48.53
CA SER A 374 -23.84 -8.01 -47.59
C SER A 374 -23.07 -7.89 -46.28
N ILE A 375 -23.11 -6.69 -45.70
CA ILE A 375 -22.32 -6.39 -44.52
C ILE A 375 -22.83 -7.10 -43.27
N GLU A 376 -23.99 -7.75 -43.34
CA GLU A 376 -24.42 -8.60 -42.23
C GLU A 376 -23.45 -9.73 -41.95
N ASN A 377 -22.66 -10.14 -42.96
CA ASN A 377 -21.79 -11.30 -42.81
C ASN A 377 -20.54 -11.00 -41.99
N ILE A 378 -20.11 -9.75 -41.98
CA ILE A 378 -18.79 -9.41 -41.52
C ILE A 378 -18.88 -8.63 -40.21
N ALA A 379 -17.78 -8.63 -39.48
CA ALA A 379 -17.55 -7.70 -38.39
C ALA A 379 -16.07 -7.38 -38.42
N PHE A 380 -15.66 -6.33 -37.72
CA PHE A 380 -14.28 -5.89 -37.81
C PHE A 380 -13.66 -5.81 -36.43
N GLY A 381 -12.38 -6.16 -36.38
CA GLY A 381 -11.54 -5.89 -35.22
C GLY A 381 -10.48 -4.88 -35.62
N SER A 382 -10.17 -3.98 -34.70
CA SER A 382 -9.15 -2.97 -34.89
C SER A 382 -8.40 -2.81 -33.59
N GLY A 383 -7.07 -2.82 -33.66
CA GLY A 383 -6.24 -2.58 -32.50
C GLY A 383 -5.42 -1.31 -32.64
N GLY A 384 -4.14 -1.44 -33.01
CA GLY A 384 -3.31 -0.28 -33.25
C GLY A 384 -3.97 0.77 -34.15
N GLY A 385 -4.78 0.33 -35.12
CA GLY A 385 -5.39 1.28 -36.02
C GLY A 385 -6.51 2.06 -35.37
N LEU A 386 -7.12 1.50 -34.33
CA LEU A 386 -8.19 2.15 -33.58
C LEU A 386 -7.66 3.01 -32.45
N LEU A 387 -6.82 2.43 -31.59
CA LEU A 387 -6.31 3.16 -30.44
C LEU A 387 -4.89 3.68 -30.43
N GLN A 388 -4.04 3.27 -31.35
CA GLN A 388 -2.67 3.76 -31.29
C GLN A 388 -2.17 4.60 -32.43
N LYS A 389 -2.67 4.38 -33.64
CA LYS A 389 -2.18 5.16 -34.78
C LYS A 389 -2.96 6.46 -34.98
N LEU A 390 -2.88 7.34 -34.00
CA LEU A 390 -3.55 8.62 -34.01
C LEU A 390 -2.62 9.63 -33.39
N THR A 391 -2.70 10.88 -33.84
CA THR A 391 -1.84 11.90 -33.30
C THR A 391 -2.61 13.16 -32.98
N ARG A 392 -2.03 13.99 -32.14
CA ARG A 392 -2.63 15.23 -31.75
C ARG A 392 -2.78 16.08 -32.99
N ASP A 393 -1.96 15.79 -33.98
CA ASP A 393 -1.97 16.51 -35.25
C ASP A 393 -3.25 16.27 -36.05
N LEU A 394 -3.90 15.13 -35.84
CA LEU A 394 -4.96 14.72 -36.76
C LEU A 394 -6.08 15.75 -36.80
N LEU A 395 -6.58 16.16 -35.63
CA LEU A 395 -7.66 17.13 -35.50
C LEU A 395 -7.18 18.53 -35.14
N ASN A 396 -5.87 18.76 -35.11
CA ASN A 396 -5.29 20.01 -34.66
C ASN A 396 -5.85 20.41 -33.30
N CYS A 397 -5.82 19.49 -32.35
CA CYS A 397 -6.20 19.86 -31.00
C CYS A 397 -5.17 20.78 -30.38
N SER A 398 -5.62 21.94 -29.88
CA SER A 398 -4.66 22.93 -29.42
C SER A 398 -5.27 23.73 -28.28
N PHE A 399 -4.39 24.37 -27.50
CA PHE A 399 -4.75 25.07 -26.26
C PHE A 399 -4.02 26.42 -26.24
N LYS A 400 -4.76 27.53 -26.37
CA LYS A 400 -4.16 28.84 -26.59
C LYS A 400 -4.76 29.92 -25.69
N CYS A 401 -3.95 30.93 -25.36
CA CYS A 401 -4.41 32.05 -24.55
C CYS A 401 -5.07 33.09 -25.45
N SER A 402 -6.33 33.43 -25.14
CA SER A 402 -7.07 34.44 -25.90
C SER A 402 -7.33 35.74 -25.14
N TYR A 403 -7.19 35.78 -23.82
CA TYR A 403 -7.59 36.95 -23.02
C TYR A 403 -6.72 37.08 -21.76
N VAL A 404 -6.07 38.24 -21.58
CA VAL A 404 -5.36 38.50 -20.33
C VAL A 404 -5.86 39.81 -19.73
N VAL A 405 -5.82 39.87 -18.38
CA VAL A 405 -6.10 41.09 -17.62
C VAL A 405 -4.81 41.49 -16.92
N THR A 406 -4.25 42.63 -17.32
CA THR A 406 -3.04 43.18 -16.73
C THR A 406 -3.33 44.60 -16.25
N ASN A 407 -3.10 44.84 -14.94
CA ASN A 407 -3.32 46.16 -14.34
C ASN A 407 -4.73 46.66 -14.62
N GLY A 408 -5.73 45.78 -14.41
CA GLY A 408 -7.12 46.13 -14.56
C GLY A 408 -7.62 46.30 -15.98
N LEU A 409 -6.76 46.17 -16.99
CA LEU A 409 -7.18 46.29 -18.38
C LEU A 409 -7.23 44.90 -19.00
N GLY A 410 -8.39 44.50 -19.51
CA GLY A 410 -8.47 43.30 -20.33
C GLY A 410 -8.04 43.59 -21.78
N ILE A 411 -7.23 42.70 -22.35
CA ILE A 411 -6.82 42.80 -23.74
C ILE A 411 -6.93 41.43 -24.39
N ASN A 412 -7.39 41.39 -25.63
CA ASN A 412 -7.50 40.14 -26.38
C ASN A 412 -6.14 39.77 -26.97
N VAL A 413 -5.69 38.55 -26.67
CA VAL A 413 -4.40 38.06 -27.12
C VAL A 413 -4.53 36.88 -28.07
N PHE A 414 -3.69 36.84 -29.08
CA PHE A 414 -3.73 35.77 -30.08
C PHE A 414 -2.40 35.62 -30.79
N LYS A 415 -2.25 34.51 -31.50
CA LYS A 415 -1.05 34.25 -32.28
C LYS A 415 -1.44 34.21 -33.76
N ASP A 416 -0.73 34.95 -34.58
CA ASP A 416 -1.00 34.99 -36.01
C ASP A 416 0.27 34.84 -36.81
N PRO A 417 0.82 33.62 -36.87
CA PRO A 417 2.07 33.43 -37.61
C PRO A 417 1.89 33.74 -39.08
N VAL A 418 2.85 34.47 -39.65
CA VAL A 418 2.78 34.81 -41.07
C VAL A 418 2.87 33.61 -41.99
N ALA A 419 3.75 32.67 -41.65
CA ALA A 419 3.95 31.48 -42.45
C ALA A 419 2.72 30.57 -42.51
N ASP A 420 2.05 30.39 -41.39
CA ASP A 420 0.86 29.55 -41.39
C ASP A 420 -0.40 30.32 -41.00
N PRO A 421 -1.35 30.40 -41.93
CA PRO A 421 -2.65 31.06 -41.75
C PRO A 421 -3.52 30.35 -40.72
N ASN A 422 -3.47 29.02 -40.77
CA ASN A 422 -4.27 28.17 -39.88
C ASN A 422 -3.98 28.27 -38.38
N LYS A 423 -2.70 28.36 -38.01
CA LYS A 423 -2.37 28.43 -36.60
C LYS A 423 -2.91 29.67 -35.88
N ARG A 424 -3.70 30.46 -36.59
CA ARG A 424 -4.32 31.66 -36.06
C ARG A 424 -5.23 31.25 -34.91
N SER A 425 -5.22 32.03 -33.83
CA SER A 425 -6.02 31.71 -32.66
C SER A 425 -7.09 32.75 -32.38
N LYS A 426 -8.24 32.28 -31.92
CA LYS A 426 -9.37 33.15 -31.61
C LYS A 426 -8.99 34.20 -30.57
N LYS A 427 -9.56 35.38 -30.69
CA LYS A 427 -9.24 36.49 -29.82
C LYS A 427 -10.27 36.82 -28.77
N GLY A 428 -9.84 36.91 -27.53
CA GLY A 428 -10.69 37.37 -26.45
C GLY A 428 -11.47 36.32 -25.71
N ARG A 429 -12.44 36.81 -24.94
CA ARG A 429 -13.36 35.94 -24.19
C ARG A 429 -14.36 35.28 -25.15
N LEU A 430 -14.44 33.95 -25.10
CA LEU A 430 -15.18 33.18 -26.10
C LEU A 430 -16.40 32.50 -25.52
N SER A 431 -17.34 32.14 -26.41
CA SER A 431 -18.57 31.43 -26.05
C SER A 431 -19.07 30.65 -27.25
N LEU A 432 -19.80 29.56 -26.99
CA LEU A 432 -20.37 28.72 -28.06
C LEU A 432 -21.89 28.82 -28.06
N HIS A 433 -22.48 29.12 -29.21
CA HIS A 433 -23.92 29.35 -29.33
C HIS A 433 -24.54 28.52 -30.44
N ARG A 434 -25.80 28.13 -30.22
CA ARG A 434 -26.58 27.49 -31.27
C ARG A 434 -27.22 28.55 -32.17
N THR A 435 -27.15 28.34 -33.48
CA THR A 435 -27.61 29.33 -34.44
C THR A 435 -29.10 29.11 -34.75
N PRO A 436 -29.76 30.12 -35.30
CA PRO A 436 -31.18 29.94 -35.67
C PRO A 436 -31.41 28.81 -36.66
N ALA A 437 -30.46 28.52 -37.54
CA ALA A 437 -30.60 27.37 -38.42
C ALA A 437 -30.31 26.06 -37.72
N GLY A 438 -29.74 26.09 -36.52
CA GLY A 438 -29.46 24.88 -35.78
C GLY A 438 -28.02 24.45 -35.79
N ASN A 439 -27.09 25.28 -36.28
CA ASN A 439 -25.67 24.96 -36.26
C ASN A 439 -24.99 25.66 -35.09
N PHE A 440 -23.67 25.59 -35.07
CA PHE A 440 -22.85 26.13 -33.99
C PHE A 440 -22.00 27.27 -34.50
N VAL A 441 -21.84 28.32 -33.68
CA VAL A 441 -20.91 29.39 -33.98
C VAL A 441 -20.17 29.77 -32.71
N THR A 442 -18.87 30.04 -32.85
CA THR A 442 -18.03 30.46 -31.74
C THR A 442 -17.84 31.97 -31.83
N LEU A 443 -18.25 32.68 -30.78
CA LEU A 443 -18.16 34.12 -30.75
C LEU A 443 -16.95 34.55 -29.93
N GLU A 444 -16.30 35.61 -30.39
CA GLU A 444 -15.05 36.12 -29.85
C GLU A 444 -15.29 37.52 -29.28
N GLU A 445 -14.26 38.03 -28.62
CA GLU A 445 -14.24 39.41 -28.10
C GLU A 445 -15.47 39.71 -27.22
N GLY A 446 -15.82 38.74 -26.36
CA GLY A 446 -16.89 38.89 -25.41
C GLY A 446 -18.29 39.05 -25.98
N LYS A 447 -18.43 38.85 -27.29
CA LYS A 447 -19.70 39.08 -27.98
C LYS A 447 -20.81 38.19 -27.47
N GLY A 448 -20.42 37.15 -26.75
CA GLY A 448 -21.32 36.21 -26.12
C GLY A 448 -22.21 36.81 -25.05
N ASP A 449 -21.76 37.87 -24.40
CA ASP A 449 -22.49 38.59 -23.36
C ASP A 449 -23.81 39.15 -23.87
N LEU A 450 -23.82 39.62 -25.11
CA LEU A 450 -25.02 40.17 -25.76
C LEU A 450 -26.15 39.17 -25.93
N GLU A 451 -25.80 37.89 -26.10
CA GLU A 451 -26.75 36.80 -26.29
C GLU A 451 -27.69 36.95 -27.47
N GLU A 452 -27.15 37.39 -28.59
CA GLU A 452 -27.92 37.53 -29.81
C GLU A 452 -28.43 36.18 -30.29
N TYR A 453 -27.59 35.16 -30.17
CA TYR A 453 -27.96 33.81 -30.58
C TYR A 453 -28.36 32.89 -29.44
N GLY A 454 -28.58 33.43 -28.25
CA GLY A 454 -28.97 32.59 -27.14
C GLY A 454 -27.90 32.41 -26.09
N GLN A 455 -28.17 31.53 -25.13
CA GLN A 455 -27.23 31.33 -24.02
C GLN A 455 -25.98 30.56 -24.49
N ASP A 456 -24.88 30.76 -23.76
CA ASP A 456 -23.64 30.04 -24.02
C ASP A 456 -23.82 28.55 -23.73
N LEU A 457 -23.39 27.70 -24.66
CA LEU A 457 -23.54 26.26 -24.48
C LEU A 457 -22.49 25.67 -23.55
N LEU A 458 -21.40 26.42 -23.29
CA LEU A 458 -20.42 26.00 -22.30
C LEU A 458 -21.01 26.09 -20.90
N HIS A 459 -20.81 25.03 -20.11
CA HIS A 459 -21.20 24.97 -18.71
C HIS A 459 -19.94 24.85 -17.86
N THR A 460 -19.94 25.50 -16.70
CA THR A 460 -18.88 25.28 -15.72
C THR A 460 -18.87 23.83 -15.26
N VAL A 461 -17.73 23.15 -15.47
CA VAL A 461 -17.56 21.78 -15.04
C VAL A 461 -16.57 21.66 -13.90
N PHE A 462 -15.77 22.69 -13.63
CA PHE A 462 -14.77 22.67 -12.57
C PHE A 462 -14.67 24.08 -12.02
N LYS A 463 -14.58 24.19 -10.70
CA LYS A 463 -14.37 25.48 -10.04
C LYS A 463 -13.77 25.25 -8.66
N ASN A 464 -12.64 25.91 -8.40
CA ASN A 464 -11.98 25.93 -7.08
C ASN A 464 -11.82 24.54 -6.50
N GLY A 465 -11.46 23.57 -7.34
CA GLY A 465 -11.19 22.23 -6.89
C GLY A 465 -12.39 21.31 -6.78
N LYS A 466 -13.55 21.71 -7.30
CA LYS A 466 -14.76 20.90 -7.22
C LYS A 466 -15.32 20.66 -8.62
N VAL A 467 -15.73 19.43 -8.89
CA VAL A 467 -16.35 19.07 -10.16
C VAL A 467 -17.84 19.44 -10.07
N THR A 468 -18.20 20.56 -10.71
CA THR A 468 -19.51 21.18 -10.57
C THR A 468 -20.56 20.67 -11.55
N LYS A 469 -20.18 20.14 -12.71
CA LYS A 469 -21.12 19.46 -13.58
C LYS A 469 -20.50 18.17 -14.10
N SER A 470 -21.29 17.11 -14.10
CA SER A 470 -20.84 15.80 -14.49
C SER A 470 -21.85 15.16 -15.41
N TYR A 471 -21.36 14.29 -16.28
CA TYR A 471 -22.22 13.58 -17.19
C TYR A 471 -22.01 12.09 -17.00
N SER A 472 -23.07 11.34 -17.22
CA SER A 472 -23.03 9.90 -17.22
C SER A 472 -22.62 9.39 -18.59
N PHE A 473 -21.97 8.22 -18.61
CA PHE A 473 -21.61 7.64 -19.88
C PHE A 473 -22.85 7.40 -20.74
N ASP A 474 -24.00 7.18 -20.09
CA ASP A 474 -25.22 6.95 -20.85
C ASP A 474 -25.72 8.23 -21.53
N GLU A 475 -25.49 9.39 -20.93
CA GLU A 475 -25.78 10.64 -21.63
C GLU A 475 -24.79 10.84 -22.77
N ILE A 476 -23.51 10.61 -22.52
CA ILE A 476 -22.48 10.86 -23.53
C ILE A 476 -22.77 10.02 -24.77
N ARG A 477 -23.15 8.75 -24.59
CA ARG A 477 -23.52 7.90 -25.72
C ARG A 477 -24.68 8.49 -26.50
N LYS A 478 -25.69 8.99 -25.79
CA LYS A 478 -26.84 9.56 -26.48
C LYS A 478 -26.50 10.86 -27.21
N ASN A 479 -25.58 11.67 -26.69
CA ASN A 479 -25.24 12.91 -27.36
C ASN A 479 -24.43 12.65 -28.63
N ALA A 480 -23.73 11.51 -28.66
CA ALA A 480 -22.89 11.18 -29.80
C ALA A 480 -23.55 10.27 -30.83
N GLN A 481 -24.85 10.09 -30.72
CA GLN A 481 -25.56 9.24 -31.65
C GLN A 481 -25.57 9.84 -33.04
N LEU A 482 -25.50 8.99 -34.05
CA LEU A 482 -25.53 9.44 -35.44
C LEU A 482 -26.91 9.90 -35.86
N ASN A 483 -26.96 10.90 -36.73
CA ASN A 483 -28.23 11.41 -37.22
C ASN A 483 -28.69 10.67 -38.46
N GLU B 8 -7.57 0.55 -7.08
CA GLU B 8 -6.31 -0.14 -7.24
C GLU B 8 -6.30 -0.96 -8.52
N PHE B 9 -5.14 -1.03 -9.17
CA PHE B 9 -5.01 -1.80 -10.40
C PHE B 9 -5.24 -3.25 -10.09
N ASN B 10 -6.00 -3.92 -10.94
CA ASN B 10 -6.27 -5.34 -10.74
C ASN B 10 -5.81 -6.13 -11.94
N ILE B 11 -4.90 -7.06 -11.73
CA ILE B 11 -4.38 -7.87 -12.82
C ILE B 11 -5.45 -8.73 -13.47
N LEU B 12 -6.37 -9.24 -12.67
CA LEU B 12 -7.44 -10.06 -13.21
C LEU B 12 -8.25 -9.27 -14.22
N LEU B 13 -8.16 -7.95 -14.17
CA LEU B 13 -8.89 -7.13 -15.12
C LEU B 13 -7.98 -6.45 -16.12
N ALA B 14 -6.78 -6.99 -16.33
CA ALA B 14 -5.74 -6.37 -17.16
C ALA B 14 -5.30 -7.29 -18.30
N THR B 15 -6.24 -8.01 -18.89
CA THR B 15 -5.93 -8.88 -20.02
C THR B 15 -7.00 -8.71 -21.09
N ASP B 16 -6.72 -9.24 -22.28
CA ASP B 16 -7.73 -9.27 -23.32
C ASP B 16 -8.89 -10.18 -22.91
N SER B 17 -10.12 -9.72 -23.17
CA SER B 17 -11.31 -10.47 -22.75
C SER B 17 -11.22 -11.93 -23.15
N TYR B 18 -10.86 -12.21 -24.40
CA TYR B 18 -10.91 -13.59 -24.86
C TYR B 18 -9.87 -14.47 -24.18
N LYS B 19 -8.83 -13.89 -23.57
CA LYS B 19 -7.92 -14.71 -22.78
C LYS B 19 -8.62 -15.28 -21.54
N VAL B 20 -9.68 -14.63 -21.06
CA VAL B 20 -10.41 -15.18 -19.91
C VAL B 20 -10.90 -16.60 -20.20
N THR B 21 -11.17 -16.91 -21.47
CA THR B 21 -11.71 -18.21 -21.85
C THR B 21 -10.68 -19.18 -22.40
N HIS B 22 -9.39 -18.82 -22.39
CA HIS B 22 -8.39 -19.68 -23.01
C HIS B 22 -8.09 -20.93 -22.19
N TYR B 23 -8.36 -20.92 -20.89
CA TYR B 23 -7.99 -22.06 -20.06
C TYR B 23 -8.84 -23.29 -20.38
N LYS B 24 -9.96 -23.12 -21.06
CA LYS B 24 -10.73 -24.25 -21.56
C LYS B 24 -10.44 -24.58 -23.02
N GLN B 25 -9.45 -23.93 -23.63
CA GLN B 25 -9.13 -24.16 -25.04
C GLN B 25 -7.84 -24.94 -25.25
N TYR B 26 -6.87 -24.82 -24.35
CA TYR B 26 -5.65 -25.60 -24.47
C TYR B 26 -5.95 -27.10 -24.39
N PRO B 27 -5.13 -27.95 -24.99
CA PRO B 27 -5.36 -29.41 -24.91
C PRO B 27 -5.42 -29.87 -23.46
N PRO B 28 -6.32 -30.81 -23.16
CA PRO B 28 -6.40 -31.34 -21.78
C PRO B 28 -5.06 -31.89 -21.31
N ASN B 29 -4.78 -31.68 -20.01
CA ASN B 29 -3.52 -32.07 -19.34
C ASN B 29 -2.34 -31.25 -19.83
N THR B 30 -2.57 -29.97 -20.14
CA THR B 30 -1.45 -29.12 -20.47
C THR B 30 -0.85 -28.61 -19.16
N SER B 31 0.43 -28.92 -18.95
CA SER B 31 1.14 -28.55 -17.73
C SER B 31 2.13 -27.41 -17.92
N LYS B 32 2.50 -27.09 -19.16
CA LYS B 32 3.43 -26.00 -19.38
C LYS B 32 3.02 -25.26 -20.64
N VAL B 33 3.06 -23.93 -20.56
CA VAL B 33 2.93 -23.07 -21.72
C VAL B 33 4.09 -22.09 -21.66
N TYR B 34 4.88 -22.06 -22.72
CA TYR B 34 6.15 -21.35 -22.78
C TYR B 34 6.08 -20.45 -24.00
N SER B 35 6.28 -19.16 -23.81
CA SER B 35 6.19 -18.20 -24.90
C SER B 35 7.41 -17.28 -24.90
N TYR B 36 7.59 -16.56 -26.01
CA TYR B 36 8.72 -15.65 -26.18
C TYR B 36 8.24 -14.35 -26.81
N PHE B 37 9.13 -13.36 -26.79
CA PHE B 37 8.87 -12.04 -27.37
C PHE B 37 10.03 -11.70 -28.29
N GLU B 38 9.73 -11.04 -29.39
CA GLU B 38 10.76 -10.65 -30.35
C GLU B 38 10.25 -9.56 -31.26
N CYS B 39 11.15 -8.92 -31.98
CA CYS B 39 10.76 -7.92 -32.96
C CYS B 39 11.07 -8.66 -34.24
N ARG B 40 10.04 -8.96 -35.02
CA ARG B 40 10.22 -9.73 -36.24
C ARG B 40 10.96 -9.01 -37.35
N GLU B 41 11.75 -9.78 -38.08
CA GLU B 41 12.53 -9.28 -39.20
C GLU B 41 11.57 -8.82 -40.29
N LYS B 42 11.90 -7.72 -40.95
CA LYS B 42 11.03 -7.20 -42.01
C LYS B 42 11.55 -7.55 -43.39
N VAL B 52 16.80 4.37 -42.95
CA VAL B 52 16.46 3.89 -41.61
C VAL B 52 15.68 2.58 -41.70
N LYS B 53 16.41 1.47 -41.69
CA LYS B 53 15.82 0.15 -41.79
C LYS B 53 15.46 -0.50 -40.46
N TYR B 54 15.79 0.16 -39.35
CA TYR B 54 15.51 -0.36 -38.01
C TYR B 54 16.05 -1.77 -37.80
N GLU B 55 17.30 -1.97 -38.22
CA GLU B 55 17.98 -3.25 -38.13
C GLU B 55 18.20 -3.77 -36.70
N GLU B 56 18.53 -2.87 -35.78
CA GLU B 56 18.79 -3.26 -34.39
C GLU B 56 17.90 -2.51 -33.40
N THR B 57 17.45 -3.21 -32.37
CA THR B 57 16.58 -2.61 -31.36
C THR B 57 17.18 -2.58 -29.96
N VAL B 58 16.77 -1.59 -29.19
CA VAL B 58 17.22 -1.43 -27.81
C VAL B 58 16.17 -2.05 -26.92
N PHE B 59 16.60 -2.92 -26.02
CA PHE B 59 15.64 -3.55 -25.13
C PHE B 59 15.55 -2.71 -23.88
N TYR B 60 14.37 -2.18 -23.59
CA TYR B 60 14.20 -1.33 -22.43
C TYR B 60 12.74 -1.38 -21.99
N GLY B 61 12.52 -1.38 -20.68
CA GLY B 61 11.19 -1.16 -20.13
C GLY B 61 10.57 -2.33 -19.41
N LEU B 62 11.11 -3.55 -19.56
CA LEU B 62 10.50 -4.70 -18.88
C LEU B 62 10.56 -4.55 -17.36
N GLN B 63 11.67 -3.99 -16.86
CA GLN B 63 11.82 -3.82 -15.43
C GLN B 63 10.70 -2.96 -14.85
N TYR B 64 10.36 -1.87 -15.54
CA TYR B 64 9.18 -1.11 -15.15
C TYR B 64 7.95 -2.00 -15.05
N ILE B 65 7.73 -2.89 -16.01
CA ILE B 65 6.49 -3.67 -16.00
C ILE B 65 6.54 -4.73 -14.90
N LEU B 66 7.72 -5.31 -14.66
CA LEU B 66 7.83 -6.32 -13.60
C LEU B 66 7.51 -5.72 -12.23
N ASN B 67 8.12 -4.58 -11.90
CA ASN B 67 7.95 -4.03 -10.57
C ASN B 67 6.54 -3.45 -10.38
N LYS B 68 6.04 -2.68 -11.34
CA LYS B 68 4.79 -1.97 -11.12
C LYS B 68 3.60 -2.92 -11.09
N TYR B 69 3.58 -3.95 -11.95
CA TYR B 69 2.36 -4.71 -12.19
C TYR B 69 2.43 -6.20 -11.86
N LEU B 70 3.62 -6.80 -11.74
CA LEU B 70 3.74 -8.25 -11.66
C LEU B 70 4.35 -8.79 -10.36
N LYS B 71 5.07 -7.98 -9.60
CA LYS B 71 5.72 -8.47 -8.39
C LYS B 71 4.77 -8.41 -7.19
N GLY B 72 5.03 -9.27 -6.20
CA GLY B 72 4.32 -9.24 -4.94
C GLY B 72 2.99 -9.98 -4.94
N LYS B 73 2.15 -9.64 -3.97
CA LYS B 73 0.83 -10.26 -3.87
C LYS B 73 -0.13 -9.46 -4.75
N VAL B 74 -0.31 -9.92 -5.99
CA VAL B 74 -1.18 -9.24 -6.94
C VAL B 74 -2.55 -9.89 -7.02
N VAL B 75 -2.82 -10.90 -6.20
CA VAL B 75 -4.15 -11.49 -6.09
C VAL B 75 -4.64 -11.37 -4.65
N THR B 76 -5.91 -11.02 -4.52
CA THR B 76 -6.62 -10.98 -3.26
C THR B 76 -8.01 -11.55 -3.49
N LYS B 77 -8.65 -11.99 -2.39
CA LYS B 77 -10.01 -12.51 -2.50
C LYS B 77 -10.97 -11.43 -2.97
N GLU B 78 -10.67 -10.16 -2.67
CA GLU B 78 -11.49 -9.06 -3.18
C GLU B 78 -11.33 -8.89 -4.68
N LYS B 79 -10.09 -8.98 -5.19
CA LYS B 79 -9.85 -8.84 -6.63
C LYS B 79 -10.50 -9.99 -7.42
N ILE B 80 -10.39 -11.22 -6.93
CA ILE B 80 -11.12 -12.32 -7.56
C ILE B 80 -12.62 -11.99 -7.64
N GLN B 81 -13.21 -11.50 -6.55
CA GLN B 81 -14.64 -11.22 -6.57
C GLN B 81 -14.97 -10.11 -7.56
N GLU B 82 -14.15 -9.06 -7.61
CA GLU B 82 -14.35 -8.00 -8.60
C GLU B 82 -14.33 -8.57 -10.02
N ALA B 83 -13.31 -9.37 -10.34
CA ALA B 83 -13.17 -9.92 -11.68
C ALA B 83 -14.34 -10.85 -12.01
N LYS B 84 -14.79 -11.65 -11.05
CA LYS B 84 -15.89 -12.56 -11.31
C LYS B 84 -17.16 -11.80 -11.62
N ASP B 85 -17.38 -10.66 -10.93
CA ASP B 85 -18.59 -9.86 -11.16
C ASP B 85 -18.58 -9.24 -12.55
N VAL B 86 -17.46 -8.62 -12.94
CA VAL B 86 -17.41 -7.95 -14.24
C VAL B 86 -17.60 -8.96 -15.37
N TYR B 87 -16.84 -10.05 -15.32
CA TYR B 87 -16.86 -11.04 -16.38
C TYR B 87 -18.20 -11.71 -16.61
N LYS B 88 -18.93 -12.01 -15.55
CA LYS B 88 -20.24 -12.64 -15.75
C LYS B 88 -21.13 -11.72 -16.56
N GLU B 89 -21.15 -10.45 -16.20
CA GLU B 89 -21.92 -9.44 -16.93
C GLU B 89 -21.37 -9.17 -18.33
N HIS B 90 -20.05 -9.10 -18.42
CA HIS B 90 -19.36 -8.80 -19.67
C HIS B 90 -19.55 -9.82 -20.78
N PHE B 91 -19.46 -11.10 -20.45
CA PHE B 91 -19.65 -12.15 -21.45
C PHE B 91 -21.08 -12.66 -21.51
N GLN B 92 -21.87 -12.32 -20.49
CA GLN B 92 -23.26 -12.76 -20.30
C GLN B 92 -23.40 -14.29 -20.18
N ASP B 93 -22.38 -14.90 -19.61
CA ASP B 93 -22.26 -16.33 -19.37
C ASP B 93 -21.19 -16.52 -18.28
N ASP B 94 -21.16 -17.67 -17.64
CA ASP B 94 -20.14 -17.86 -16.63
C ASP B 94 -18.95 -18.56 -17.25
N VAL B 95 -17.87 -17.81 -17.45
CA VAL B 95 -16.64 -18.37 -18.02
C VAL B 95 -15.34 -18.03 -17.26
N PHE B 96 -15.44 -17.26 -16.20
CA PHE B 96 -14.26 -16.87 -15.44
C PHE B 96 -13.68 -18.05 -14.70
N ASN B 97 -12.36 -18.17 -14.73
CA ASN B 97 -11.67 -19.25 -14.05
C ASN B 97 -11.41 -18.89 -12.59
N GLU B 98 -12.46 -18.90 -11.79
CA GLU B 98 -12.36 -18.55 -10.38
C GLU B 98 -11.45 -19.50 -9.63
N LYS B 99 -11.56 -20.79 -9.94
CA LYS B 99 -10.74 -21.79 -9.27
C LYS B 99 -9.25 -21.63 -9.51
N GLY B 100 -8.88 -21.34 -10.75
CA GLY B 100 -7.46 -21.18 -11.06
C GLY B 100 -6.83 -20.03 -10.31
N TRP B 101 -7.55 -18.92 -10.27
CA TRP B 101 -7.09 -17.73 -9.55
C TRP B 101 -7.02 -18.00 -8.05
N ASN B 102 -8.00 -18.75 -7.56
CA ASN B 102 -8.05 -19.10 -6.14
C ASN B 102 -6.84 -19.93 -5.72
N TYR B 103 -6.42 -20.83 -6.60
CA TYR B 103 -5.27 -21.68 -6.36
C TYR B 103 -4.03 -20.83 -6.17
N ILE B 104 -3.89 -19.78 -6.98
CA ILE B 104 -2.72 -18.91 -6.86
C ILE B 104 -2.76 -18.14 -5.55
N LEU B 105 -3.96 -17.80 -5.07
CA LEU B 105 -4.07 -17.04 -3.83
C LEU B 105 -3.71 -17.90 -2.63
N GLU B 106 -4.16 -19.17 -2.63
CA GLU B 106 -3.96 -20.03 -1.48
C GLU B 106 -2.52 -20.53 -1.40
N LYS B 107 -2.00 -21.12 -2.49
CA LYS B 107 -0.73 -21.81 -2.40
C LYS B 107 0.49 -20.92 -2.62
N TYR B 108 0.35 -19.76 -3.28
CA TYR B 108 1.49 -18.87 -3.51
C TYR B 108 1.29 -17.50 -2.89
N ASP B 109 0.29 -17.35 -2.02
CA ASP B 109 -0.04 -16.08 -1.36
C ASP B 109 -0.20 -14.97 -2.41
N GLY B 110 -0.92 -15.29 -3.49
CA GLY B 110 -1.20 -14.32 -4.53
C GLY B 110 0.01 -13.83 -5.30
N HIS B 111 1.14 -14.53 -5.21
CA HIS B 111 2.29 -14.25 -6.07
C HIS B 111 2.21 -15.11 -7.32
N LEU B 112 2.63 -14.56 -8.45
CA LEU B 112 2.46 -15.24 -9.74
C LEU B 112 3.48 -16.36 -9.89
N PRO B 113 3.06 -17.58 -10.16
CA PRO B 113 4.04 -18.66 -10.40
C PRO B 113 4.56 -18.67 -11.85
N ILE B 114 5.46 -17.71 -12.11
CA ILE B 114 5.92 -17.39 -13.46
C ILE B 114 7.42 -17.13 -13.40
N GLU B 115 8.15 -17.61 -14.40
CA GLU B 115 9.56 -17.29 -14.57
C GLU B 115 9.75 -16.59 -15.90
N ILE B 116 10.41 -15.43 -15.87
CA ILE B 116 10.70 -14.66 -17.09
C ILE B 116 12.21 -14.45 -17.16
N LYS B 117 12.80 -14.74 -18.31
CA LYS B 117 14.23 -14.58 -18.53
C LYS B 117 14.43 -13.57 -19.65
N ALA B 118 15.41 -12.70 -19.50
CA ALA B 118 15.48 -11.55 -20.38
C ALA B 118 16.92 -11.19 -20.69
N VAL B 119 17.13 -10.68 -21.90
CA VAL B 119 18.36 -10.02 -22.30
C VAL B 119 18.51 -8.80 -21.39
N PRO B 120 19.72 -8.37 -21.05
CA PRO B 120 19.85 -7.20 -20.16
C PRO B 120 19.33 -5.93 -20.81
N GLU B 121 18.65 -5.11 -20.01
CA GLU B 121 18.12 -3.86 -20.53
C GLU B 121 19.24 -2.93 -20.98
N GLY B 122 19.03 -2.26 -22.11
CA GLY B 122 20.04 -1.46 -22.75
C GLY B 122 20.74 -2.16 -23.89
N PHE B 123 20.66 -3.49 -23.95
CA PHE B 123 21.33 -4.23 -25.01
C PHE B 123 20.70 -3.90 -26.35
N VAL B 124 21.56 -3.78 -27.36
CA VAL B 124 21.14 -3.57 -28.73
C VAL B 124 21.19 -4.93 -29.41
N ILE B 125 20.06 -5.42 -29.91
CA ILE B 125 19.95 -6.76 -30.47
C ILE B 125 19.41 -6.64 -31.88
N PRO B 126 19.99 -7.33 -32.86
CA PRO B 126 19.42 -7.32 -34.22
C PRO B 126 18.04 -7.94 -34.27
N ARG B 127 17.23 -7.50 -35.23
CA ARG B 127 15.87 -8.00 -35.33
C ARG B 127 15.88 -9.52 -35.46
N GLY B 128 14.71 -10.14 -35.26
CA GLY B 128 14.56 -11.57 -35.35
C GLY B 128 15.09 -12.38 -34.18
N ASN B 129 15.54 -11.75 -33.11
CA ASN B 129 16.08 -12.44 -31.95
C ASN B 129 15.08 -12.47 -30.79
N VAL B 130 15.10 -13.56 -30.03
CA VAL B 130 14.31 -13.62 -28.81
C VAL B 130 14.87 -12.61 -27.83
N LEU B 131 13.97 -11.83 -27.20
CA LEU B 131 14.34 -10.87 -26.19
C LEU B 131 13.95 -11.27 -24.79
N PHE B 132 12.82 -11.99 -24.62
CA PHE B 132 12.53 -12.61 -23.32
C PHE B 132 11.55 -13.76 -23.52
N THR B 133 11.49 -14.63 -22.50
CA THR B 133 10.61 -15.78 -22.54
C THR B 133 9.79 -15.83 -21.27
N VAL B 134 8.58 -16.38 -21.38
CA VAL B 134 7.65 -16.49 -20.27
C VAL B 134 7.21 -17.95 -20.17
N GLU B 135 7.18 -18.48 -18.95
CA GLU B 135 6.73 -19.84 -18.71
C GLU B 135 6.15 -19.93 -17.31
N ASN B 136 5.20 -20.86 -17.11
CA ASN B 136 4.61 -21.12 -15.81
C ASN B 136 5.46 -22.13 -15.03
N THR B 137 5.62 -21.88 -13.73
CA THR B 137 6.42 -22.75 -12.88
C THR B 137 5.59 -23.82 -12.18
N ASP B 138 4.26 -23.76 -12.26
CA ASP B 138 3.37 -24.72 -11.63
C ASP B 138 2.44 -25.30 -12.69
N PRO B 139 2.35 -26.63 -12.79
CA PRO B 139 1.46 -27.24 -13.80
C PRO B 139 0.01 -26.74 -13.75
N GLU B 140 -0.47 -26.26 -12.62
CA GLU B 140 -1.87 -25.86 -12.56
C GLU B 140 -2.11 -24.53 -13.28
N CYS B 141 -1.06 -23.71 -13.46
CA CYS B 141 -1.16 -22.39 -14.06
C CYS B 141 -0.57 -22.35 -15.48
N TYR B 142 -0.83 -23.41 -16.27
CA TYR B 142 -0.52 -23.37 -17.69
C TYR B 142 -1.23 -22.21 -18.38
N TRP B 143 -2.43 -21.87 -17.93
CA TRP B 143 -3.21 -20.77 -18.47
C TRP B 143 -2.67 -19.40 -18.09
N LEU B 144 -1.64 -19.34 -17.24
CA LEU B 144 -1.15 -18.06 -16.74
C LEU B 144 -0.16 -17.38 -17.69
N THR B 145 0.57 -18.16 -18.50
CA THR B 145 1.61 -17.59 -19.33
C THR B 145 1.03 -16.54 -20.29
N ASN B 146 0.02 -16.91 -21.06
CA ASN B 146 -0.51 -15.95 -22.02
C ASN B 146 -1.56 -15.02 -21.43
N TRP B 147 -2.05 -15.29 -20.22
CA TRP B 147 -2.91 -14.33 -19.56
C TRP B 147 -2.20 -12.99 -19.45
N ILE B 148 -0.91 -13.02 -19.19
CA ILE B 148 -0.10 -11.82 -19.03
C ILE B 148 0.64 -11.46 -20.33
N GLU B 149 0.20 -11.97 -21.47
CA GLU B 149 0.78 -11.50 -22.73
C GLU B 149 0.47 -10.03 -22.92
N THR B 150 -0.79 -9.64 -22.77
CA THR B 150 -1.18 -8.26 -23.08
C THR B 150 -0.35 -7.27 -22.28
N ILE B 151 -0.08 -7.56 -21.01
CA ILE B 151 0.64 -6.60 -20.18
C ILE B 151 2.12 -6.54 -20.54
N LEU B 152 2.68 -7.64 -21.05
CA LEU B 152 4.09 -7.68 -21.39
C LEU B 152 4.37 -7.23 -22.82
N VAL B 153 3.43 -7.44 -23.73
CA VAL B 153 3.60 -6.96 -25.09
C VAL B 153 3.69 -5.45 -25.12
N GLN B 154 3.11 -4.77 -24.11
CA GLN B 154 3.19 -3.31 -24.05
C GLN B 154 4.61 -2.81 -23.86
N SER B 155 5.58 -3.70 -23.64
CA SER B 155 6.96 -3.26 -23.74
C SER B 155 7.37 -2.96 -25.18
N TRP B 156 6.47 -3.12 -26.15
CA TRP B 156 6.78 -2.62 -27.47
C TRP B 156 6.99 -1.10 -27.46
N TYR B 157 6.29 -0.37 -26.58
CA TYR B 157 6.42 1.09 -26.61
C TYR B 157 7.77 1.59 -26.11
N PRO B 158 8.24 1.25 -24.90
CA PRO B 158 9.56 1.76 -24.52
C PRO B 158 10.65 1.27 -25.45
N ILE B 159 10.60 -0.01 -25.86
CA ILE B 159 11.55 -0.53 -26.84
C ILE B 159 11.56 0.34 -28.09
N THR B 160 10.36 0.68 -28.59
CA THR B 160 10.28 1.42 -29.85
C THR B 160 10.69 2.87 -29.68
N VAL B 161 10.33 3.51 -28.58
CA VAL B 161 10.81 4.88 -28.37
C VAL B 161 12.32 4.89 -28.21
N ALA B 162 12.86 3.99 -27.39
CA ALA B 162 14.32 3.94 -27.20
C ALA B 162 15.04 3.66 -28.53
N THR B 163 14.42 2.84 -29.39
CA THR B 163 15.07 2.47 -30.64
C THR B 163 15.05 3.61 -31.64
N ASN B 164 13.87 4.19 -31.84
CA ASN B 164 13.73 5.30 -32.78
C ASN B 164 14.54 6.51 -32.32
N SER B 165 14.55 6.77 -31.00
CA SER B 165 15.39 7.83 -30.46
C SER B 165 16.83 7.60 -30.84
N ARG B 166 17.34 6.39 -30.56
CA ARG B 166 18.72 6.04 -30.89
C ARG B 166 19.03 6.27 -32.36
N GLU B 167 18.13 5.85 -33.25
CA GLU B 167 18.38 6.04 -34.68
C GLU B 167 18.54 7.51 -35.03
N GLN B 168 17.73 8.38 -34.41
CA GLN B 168 17.92 9.81 -34.61
C GLN B 168 19.29 10.26 -34.10
N LYS B 169 19.74 9.69 -32.97
CA LYS B 169 21.09 10.00 -32.48
C LYS B 169 22.15 9.60 -33.51
N LYS B 170 21.97 8.47 -34.18
CA LYS B 170 22.90 8.10 -35.25
C LYS B 170 22.96 9.19 -36.31
N ILE B 171 21.81 9.58 -36.85
CA ILE B 171 21.76 10.65 -37.84
C ILE B 171 22.50 11.87 -37.34
N LEU B 172 22.24 12.27 -36.09
CA LEU B 172 22.77 13.54 -35.59
C LEU B 172 24.27 13.47 -35.39
N ALA B 173 24.79 12.30 -35.03
CA ALA B 173 26.22 12.18 -34.82
C ALA B 173 26.97 12.23 -36.14
N LYS B 174 26.41 11.61 -37.19
CA LYS B 174 27.04 11.58 -38.50
C LYS B 174 27.20 12.98 -39.06
N TYR B 175 26.15 13.81 -38.95
CA TYR B 175 26.18 15.17 -39.48
C TYR B 175 26.86 16.14 -38.53
N LEU B 176 26.80 15.92 -37.22
CA LEU B 176 27.58 16.78 -36.34
C LEU B 176 29.07 16.54 -36.58
N LEU B 177 29.47 15.27 -36.77
CA LEU B 177 30.87 14.96 -37.01
C LEU B 177 31.35 15.57 -38.31
N GLU B 178 30.58 15.40 -39.37
CA GLU B 178 30.97 15.91 -40.68
C GLU B 178 31.10 17.41 -40.74
N THR B 179 30.18 18.13 -40.13
CA THR B 179 30.21 19.57 -40.15
C THR B 179 31.01 20.16 -39.01
N SER B 180 31.32 19.36 -38.01
CA SER B 180 32.04 19.87 -36.86
C SER B 180 33.37 19.22 -36.50
N GLY B 181 33.50 17.93 -36.78
CA GLY B 181 34.70 17.21 -36.41
C GLY B 181 34.72 16.70 -34.98
N ASN B 182 33.62 16.88 -34.27
CA ASN B 182 33.51 16.41 -32.90
C ASN B 182 32.06 16.12 -32.56
N LEU B 183 31.83 15.39 -31.47
CA LEU B 183 30.49 15.03 -31.09
C LEU B 183 30.00 15.81 -29.88
N ASP B 184 30.59 16.98 -29.65
CA ASP B 184 30.24 17.76 -28.48
C ASP B 184 28.77 18.11 -28.43
N GLY B 185 28.19 17.91 -27.25
CA GLY B 185 26.80 18.23 -27.02
C GLY B 185 25.80 17.37 -27.73
N LEU B 186 26.24 16.28 -28.37
CA LEU B 186 25.33 15.45 -29.14
C LEU B 186 24.12 15.01 -28.30
N GLU B 187 24.34 14.58 -27.06
CA GLU B 187 23.26 14.04 -26.25
C GLU B 187 22.30 15.11 -25.71
N TYR B 188 22.42 16.36 -26.17
CA TYR B 188 21.45 17.39 -25.81
C TYR B 188 20.74 17.92 -27.04
N LYS B 189 20.93 17.28 -28.19
CA LYS B 189 20.51 17.84 -29.47
C LYS B 189 19.06 17.52 -29.81
N LEU B 190 18.52 16.43 -29.26
CA LEU B 190 17.14 16.01 -29.53
C LEU B 190 16.38 16.09 -28.21
N HIS B 191 15.51 17.08 -28.08
CA HIS B 191 14.89 17.46 -26.83
C HIS B 191 13.41 17.09 -26.83
N ASP B 192 12.96 16.43 -25.76
CA ASP B 192 11.63 15.85 -25.69
C ASP B 192 10.61 16.96 -25.38
N PHE B 193 9.76 17.24 -26.38
CA PHE B 193 8.69 18.21 -26.32
C PHE B 193 7.34 17.49 -26.38
N GLY B 194 7.35 16.19 -26.11
CA GLY B 194 6.17 15.36 -26.25
C GLY B 194 5.19 15.09 -25.12
N TYR B 195 5.32 15.78 -24.00
CA TYR B 195 4.42 15.52 -22.87
C TYR B 195 2.94 15.77 -23.22
N ARG B 196 2.65 16.87 -23.90
CA ARG B 196 1.26 17.15 -24.32
C ARG B 196 0.74 16.15 -25.35
N GLY B 197 1.62 15.74 -26.25
CA GLY B 197 1.32 14.81 -27.33
C GLY B 197 0.88 13.40 -27.00
N VAL B 198 1.45 12.83 -25.94
CA VAL B 198 1.14 11.45 -25.54
C VAL B 198 -0.30 11.21 -25.10
N SER B 199 -0.74 9.97 -25.29
CA SER B 199 -2.10 9.53 -24.96
C SER B 199 -2.46 9.63 -23.48
N SER B 200 -1.54 9.24 -22.63
CA SER B 200 -1.78 9.24 -21.19
C SER B 200 -0.55 9.64 -20.42
N GLN B 201 -0.76 9.98 -19.15
CA GLN B 201 0.33 10.36 -18.28
C GLN B 201 1.31 9.23 -18.10
N GLU B 202 0.80 8.00 -18.00
CA GLU B 202 1.68 6.86 -17.83
C GLU B 202 2.55 6.74 -19.07
N THR B 203 1.96 6.89 -20.24
CA THR B 203 2.74 6.88 -21.48
C THR B 203 3.82 7.95 -21.48
N ALA B 204 3.45 9.16 -21.06
CA ALA B 204 4.41 10.27 -21.07
C ALA B 204 5.64 9.91 -20.27
N GLY B 205 5.46 9.25 -19.13
CA GLY B 205 6.61 8.88 -18.31
C GLY B 205 7.42 7.77 -18.96
N ILE B 206 6.75 6.69 -19.37
CA ILE B 206 7.44 5.57 -20.02
C ILE B 206 8.23 6.07 -21.22
N GLY B 207 7.54 6.75 -22.15
CA GLY B 207 8.20 7.25 -23.34
C GLY B 207 9.38 8.16 -23.04
N ALA B 208 9.18 9.15 -22.18
CA ALA B 208 10.26 10.10 -21.93
C ALA B 208 11.46 9.41 -21.30
N SER B 209 11.21 8.44 -20.42
CA SER B 209 12.32 7.66 -19.88
C SER B 209 13.05 6.92 -20.99
N ALA B 210 12.29 6.39 -21.96
CA ALA B 210 12.91 5.62 -23.03
C ALA B 210 13.80 6.50 -23.89
N HIS B 211 13.37 7.74 -24.16
CA HIS B 211 14.17 8.70 -24.89
C HIS B 211 15.42 9.11 -24.12
N LEU B 212 15.37 9.08 -22.79
CA LEU B 212 16.52 9.49 -22.01
C LEU B 212 17.61 8.42 -21.99
N VAL B 213 17.34 7.23 -22.54
CA VAL B 213 18.38 6.23 -22.69
C VAL B 213 19.46 6.70 -23.68
N ASN B 214 19.12 7.64 -24.57
CA ASN B 214 20.05 8.16 -25.55
C ASN B 214 20.41 9.64 -25.37
N PHE B 215 19.55 10.42 -24.74
CA PHE B 215 19.75 11.87 -24.64
C PHE B 215 19.52 12.33 -23.21
N LYS B 216 19.98 13.54 -22.91
CA LYS B 216 19.92 14.08 -21.55
C LYS B 216 18.92 15.20 -21.38
N GLY B 217 18.24 15.62 -22.44
CA GLY B 217 17.39 16.79 -22.40
C GLY B 217 15.93 16.40 -22.62
N THR B 218 15.08 16.86 -21.71
CA THR B 218 13.67 16.54 -21.79
C THR B 218 12.90 17.60 -21.03
N ASP B 219 11.67 17.84 -21.48
CA ASP B 219 10.71 18.65 -20.74
C ASP B 219 9.50 17.85 -20.29
N THR B 220 9.47 16.54 -20.57
CA THR B 220 8.43 15.65 -20.06
C THR B 220 8.88 15.19 -18.69
N VAL B 221 8.53 15.98 -17.67
CA VAL B 221 9.02 15.80 -16.30
C VAL B 221 8.68 14.43 -15.76
N ALA B 222 7.52 13.86 -16.17
CA ALA B 222 7.11 12.53 -15.75
C ALA B 222 8.20 11.48 -15.99
N GLY B 223 9.04 11.73 -16.97
CA GLY B 223 10.14 10.84 -17.29
C GLY B 223 11.16 10.74 -16.18
N LEU B 224 11.46 11.87 -15.55
CA LEU B 224 12.44 11.89 -14.47
C LEU B 224 11.99 11.05 -13.27
N ALA B 225 10.72 11.17 -12.92
CA ALA B 225 10.18 10.44 -11.79
C ALA B 225 10.20 8.93 -11.98
N LEU B 226 9.85 8.47 -13.17
CA LEU B 226 9.81 7.04 -13.46
C LEU B 226 11.18 6.39 -13.38
N ILE B 227 12.20 7.05 -13.92
CA ILE B 227 13.55 6.51 -13.90
C ILE B 227 14.08 6.38 -12.48
N LYS B 228 13.85 7.39 -11.67
CA LYS B 228 14.32 7.39 -10.29
C LYS B 228 13.69 6.27 -9.49
N LYS B 229 12.37 6.12 -9.65
CA LYS B 229 11.63 5.09 -8.94
C LYS B 229 11.95 3.64 -9.32
N TYR B 230 12.10 3.38 -10.62
CA TYR B 230 12.37 2.01 -11.07
C TYR B 230 13.81 1.61 -11.42
N TYR B 231 14.53 2.45 -12.14
CA TYR B 231 15.91 2.11 -12.51
C TYR B 231 16.99 2.74 -11.63
N GLY B 232 16.83 4.04 -11.36
CA GLY B 232 17.77 4.77 -10.53
C GLY B 232 19.01 5.17 -11.28
N THR B 233 19.64 6.25 -10.83
CA THR B 233 20.87 6.71 -11.44
C THR B 233 21.73 7.33 -10.36
N LYS B 234 23.04 7.28 -10.54
CA LYS B 234 23.95 7.87 -9.56
C LYS B 234 23.80 9.39 -9.51
N ASP B 235 23.67 10.04 -10.67
CA ASP B 235 23.41 11.46 -10.71
C ASP B 235 22.05 11.77 -10.10
N PRO B 236 21.87 12.99 -9.56
CA PRO B 236 20.59 13.32 -8.91
C PRO B 236 19.38 13.24 -9.84
N VAL B 237 19.51 13.69 -11.09
CA VAL B 237 18.45 13.53 -12.11
C VAL B 237 19.09 13.09 -13.42
N PRO B 238 18.30 12.38 -14.24
CA PRO B 238 18.81 11.94 -15.54
C PRO B 238 18.61 12.95 -16.67
N GLY B 239 17.70 13.92 -16.52
CA GLY B 239 17.38 14.83 -17.60
C GLY B 239 17.37 16.27 -17.18
N TYR B 240 17.71 17.16 -18.13
CA TYR B 240 17.87 18.58 -17.85
C TYR B 240 17.07 19.43 -18.85
N SER B 241 16.81 20.66 -18.43
CA SER B 241 16.10 21.62 -19.27
C SER B 241 16.62 23.04 -18.98
N VAL B 242 16.02 24.03 -19.65
CA VAL B 242 16.37 25.44 -19.48
C VAL B 242 15.08 26.25 -19.46
N PRO B 243 15.11 27.54 -19.09
CA PRO B 243 13.88 28.34 -19.19
C PRO B 243 13.60 28.70 -20.64
N ALA B 244 12.33 28.67 -21.01
CA ALA B 244 11.91 28.95 -22.38
C ALA B 244 10.53 29.57 -22.37
N ALA B 245 10.25 30.32 -23.43
CA ALA B 245 8.98 31.00 -23.58
C ALA B 245 7.97 30.10 -24.28
N GLU B 246 6.70 30.48 -24.22
CA GLU B 246 5.63 29.88 -25.00
C GLU B 246 4.79 31.01 -25.60
N HIS B 247 3.80 30.64 -26.41
CA HIS B 247 3.07 31.68 -27.12
C HIS B 247 2.26 32.55 -26.17
N SER B 248 1.78 31.99 -25.06
CA SER B 248 1.02 32.84 -24.15
C SER B 248 1.93 33.85 -23.43
N THR B 249 3.16 33.48 -23.08
CA THR B 249 4.01 34.47 -22.42
C THR B 249 4.64 35.47 -23.39
N ILE B 250 4.40 35.36 -24.68
CA ILE B 250 4.70 36.45 -25.60
C ILE B 250 3.45 37.27 -25.90
N THR B 251 2.39 36.61 -26.40
CA THR B 251 1.24 37.32 -26.95
C THR B 251 0.44 38.04 -25.89
N ALA B 252 0.69 37.76 -24.61
CA ALA B 252 -0.06 38.42 -23.53
C ALA B 252 0.41 39.84 -23.28
N TRP B 253 1.59 40.22 -23.78
CA TRP B 253 1.98 41.62 -23.76
C TRP B 253 1.32 42.44 -24.85
N GLY B 254 0.45 41.83 -25.66
CA GLY B 254 -0.15 42.49 -26.81
C GLY B 254 0.74 42.43 -28.02
N LYS B 255 0.14 42.37 -29.22
CA LYS B 255 0.92 42.30 -30.45
C LYS B 255 1.94 43.43 -30.55
N ASP B 256 1.52 44.64 -30.20
CA ASP B 256 2.37 45.81 -30.39
C ASP B 256 3.55 45.86 -29.42
N HIS B 257 3.73 44.85 -28.57
CA HIS B 257 4.79 44.90 -27.55
C HIS B 257 5.62 43.63 -27.53
N GLU B 258 5.62 42.89 -28.64
CA GLU B 258 6.44 41.68 -28.72
C GLU B 258 7.90 41.97 -28.39
N LYS B 259 8.39 43.16 -28.72
CA LYS B 259 9.74 43.51 -28.29
C LYS B 259 9.85 43.56 -26.77
N ASP B 260 8.80 44.03 -26.10
CA ASP B 260 8.87 44.17 -24.65
C ASP B 260 8.85 42.81 -23.96
N ALA B 261 8.03 41.88 -24.46
CA ALA B 261 8.10 40.51 -23.99
C ALA B 261 9.52 39.94 -24.15
N PHE B 262 10.09 40.04 -25.36
CA PHE B 262 11.44 39.54 -25.59
C PHE B 262 12.42 40.13 -24.60
N GLU B 263 12.43 41.45 -24.48
CA GLU B 263 13.36 42.11 -23.59
C GLU B 263 13.17 41.68 -22.16
N HIS B 264 11.93 41.54 -21.74
CA HIS B 264 11.68 41.12 -20.38
C HIS B 264 12.19 39.71 -20.11
N ILE B 265 11.90 38.79 -21.01
CA ILE B 265 12.32 37.40 -20.83
C ILE B 265 13.81 37.16 -20.83
N VAL B 266 14.52 37.80 -21.74
CA VAL B 266 15.97 37.63 -21.81
C VAL B 266 16.65 38.16 -20.56
N THR B 267 16.15 39.28 -20.08
CA THR B 267 16.65 39.93 -18.88
C THR B 267 16.43 39.09 -17.64
N GLN B 268 15.28 38.43 -17.55
CA GLN B 268 14.97 37.60 -16.40
C GLN B 268 15.92 36.44 -16.28
N PHE B 269 16.31 35.85 -17.39
CA PHE B 269 17.20 34.72 -17.36
C PHE B 269 18.42 35.05 -18.15
N SER B 270 19.18 35.96 -17.59
CA SER B 270 20.44 36.41 -18.12
C SER B 270 21.58 35.41 -18.06
N SER B 271 21.65 34.69 -16.95
CA SER B 271 22.74 33.74 -16.68
C SER B 271 22.58 32.31 -17.19
N VAL B 272 21.44 32.00 -17.80
CA VAL B 272 21.20 30.66 -18.30
C VAL B 272 20.75 30.69 -19.75
N PRO B 273 20.94 29.57 -20.46
CA PRO B 273 20.47 29.59 -21.84
C PRO B 273 18.97 29.77 -21.79
N VAL B 274 18.44 30.67 -22.59
CA VAL B 274 17.03 30.91 -22.61
C VAL B 274 16.54 30.80 -24.03
N SER B 275 15.41 30.13 -24.21
CA SER B 275 14.88 30.00 -25.54
C SER B 275 13.54 30.71 -25.64
N VAL B 276 13.41 31.55 -26.66
CA VAL B 276 12.19 32.32 -26.86
C VAL B 276 11.57 32.03 -28.22
N VAL B 277 10.28 31.73 -28.24
CA VAL B 277 9.60 31.48 -29.50
C VAL B 277 9.40 32.86 -30.13
N SER B 278 9.83 33.01 -31.37
CA SER B 278 9.74 34.29 -32.07
C SER B 278 8.84 34.32 -33.30
N ASP B 279 7.96 33.33 -33.46
CA ASP B 279 7.14 33.30 -34.67
C ASP B 279 5.69 33.71 -34.42
N SER B 280 5.41 34.33 -33.27
CA SER B 280 4.02 34.60 -32.87
C SER B 280 3.29 35.44 -33.88
N TYR B 281 3.97 36.39 -34.51
CA TYR B 281 3.34 37.23 -35.51
C TYR B 281 4.05 37.17 -36.85
N ASP B 282 5.35 37.38 -36.83
CA ASP B 282 6.17 37.31 -38.03
C ASP B 282 7.57 36.89 -37.63
N ILE B 283 7.94 35.65 -37.92
CA ILE B 283 9.25 35.18 -37.51
C ILE B 283 10.42 35.92 -38.16
N TYR B 284 10.32 36.19 -39.45
CA TYR B 284 11.38 36.88 -40.15
C TYR B 284 11.57 38.29 -39.64
N ASN B 285 10.47 38.99 -39.38
CA ASN B 285 10.56 40.33 -38.87
C ASN B 285 11.21 40.35 -37.50
N ALA B 286 10.85 39.38 -36.66
CA ALA B 286 11.42 39.32 -35.33
C ALA B 286 12.93 39.11 -35.31
N CYS B 287 13.42 38.19 -36.14
CA CYS B 287 14.85 37.95 -36.17
C CYS B 287 15.64 39.12 -36.74
N GLU B 288 15.17 39.64 -37.86
CA GLU B 288 15.84 40.75 -38.52
C GLU B 288 15.80 42.07 -37.80
N LYS B 289 14.64 42.41 -37.23
CA LYS B 289 14.51 43.69 -36.57
C LYS B 289 14.51 43.70 -35.05
N ILE B 290 13.62 42.95 -34.41
CA ILE B 290 13.62 42.97 -32.95
C ILE B 290 14.87 42.35 -32.35
N TRP B 291 15.24 41.16 -32.80
CA TRP B 291 16.46 40.54 -32.33
C TRP B 291 17.68 41.23 -32.91
N GLY B 292 17.59 41.51 -34.21
CA GLY B 292 18.65 42.14 -34.96
C GLY B 292 19.07 43.56 -34.64
N GLU B 293 18.10 44.43 -34.42
CA GLU B 293 18.42 45.82 -34.14
C GLU B 293 18.00 46.34 -32.77
N ASP B 294 16.73 46.19 -32.45
CA ASP B 294 16.20 46.70 -31.19
C ASP B 294 16.78 46.08 -29.92
N LEU B 295 16.92 44.76 -29.92
CA LEU B 295 17.43 44.05 -28.75
C LEU B 295 18.80 43.42 -28.97
N ARG B 296 19.52 43.90 -29.97
CA ARG B 296 20.83 43.36 -30.32
C ARG B 296 21.84 43.47 -29.19
N HIS B 297 21.80 44.57 -28.45
CA HIS B 297 22.72 44.78 -27.35
C HIS B 297 22.59 43.72 -26.27
N LEU B 298 21.38 43.26 -26.01
CA LEU B 298 21.13 42.26 -24.98
C LEU B 298 21.58 40.86 -25.39
N ILE B 299 21.86 40.64 -26.68
CA ILE B 299 22.30 39.35 -27.18
C ILE B 299 23.81 39.23 -27.19
N VAL B 300 24.49 40.25 -27.67
CA VAL B 300 25.94 40.21 -27.75
C VAL B 300 26.55 40.09 -26.36
N SER B 301 25.93 40.75 -25.40
CA SER B 301 26.35 40.75 -24.01
C SER B 301 26.31 39.38 -23.34
N ARG B 302 25.36 38.54 -23.77
CA ARG B 302 25.19 37.22 -23.17
C ARG B 302 26.41 36.30 -23.27
N SER B 303 26.63 35.56 -22.19
CA SER B 303 27.74 34.62 -22.05
C SER B 303 27.62 33.38 -22.92
N THR B 304 28.74 32.72 -23.18
CA THR B 304 28.77 31.50 -23.97
C THR B 304 27.98 30.38 -23.29
N GLN B 305 28.09 30.32 -21.98
CA GLN B 305 27.37 29.32 -21.21
C GLN B 305 25.86 29.48 -21.32
N ALA B 306 25.41 30.73 -21.34
CA ALA B 306 23.98 31.00 -21.42
C ALA B 306 23.61 31.88 -22.61
N PRO B 307 23.60 31.28 -23.82
CA PRO B 307 23.27 31.89 -25.10
C PRO B 307 21.77 32.02 -25.33
N LEU B 308 21.40 32.84 -26.30
CA LEU B 308 20.00 33.04 -26.62
C LEU B 308 19.63 32.05 -27.71
N ILE B 309 18.55 31.30 -27.49
CA ILE B 309 18.12 30.33 -28.46
C ILE B 309 16.84 30.82 -29.11
N ILE B 310 16.84 30.90 -30.43
CA ILE B 310 15.67 31.36 -31.16
C ILE B 310 14.90 30.17 -31.70
N ARG B 311 13.61 30.15 -31.42
CA ARG B 311 12.77 29.06 -31.88
C ARG B 311 11.64 29.50 -32.78
N PRO B 312 11.52 28.85 -33.96
CA PRO B 312 10.47 29.09 -34.94
C PRO B 312 9.52 27.91 -34.89
N ASP B 313 8.24 28.18 -34.67
CA ASP B 313 7.24 27.13 -34.56
C ASP B 313 6.27 27.05 -35.74
N SER B 314 6.60 27.67 -36.86
CA SER B 314 5.67 27.66 -37.95
C SER B 314 6.31 27.57 -39.31
N GLY B 315 5.52 27.18 -40.29
CA GLY B 315 6.01 27.05 -41.65
C GLY B 315 6.78 25.77 -41.93
N ASN B 316 7.39 25.70 -43.11
CA ASN B 316 8.17 24.54 -43.48
C ASN B 316 9.35 24.46 -42.53
N PRO B 317 9.60 23.27 -41.97
CA PRO B 317 10.72 23.19 -41.04
C PRO B 317 12.08 23.45 -41.65
N LEU B 318 12.37 22.85 -42.80
CA LEU B 318 13.66 23.06 -43.44
C LEU B 318 13.87 24.47 -43.96
N ASP B 319 12.85 25.02 -44.59
CA ASP B 319 12.95 26.37 -45.16
C ASP B 319 13.13 27.40 -44.06
N THR B 320 12.28 27.34 -43.03
CA THR B 320 12.31 28.35 -41.98
C THR B 320 13.66 28.33 -41.26
N VAL B 321 14.20 27.15 -40.98
CA VAL B 321 15.51 27.08 -40.35
C VAL B 321 16.55 27.83 -41.19
N LEU B 322 16.54 27.60 -42.51
CA LEU B 322 17.50 28.25 -43.39
C LEU B 322 17.29 29.76 -43.45
N LYS B 323 16.03 30.20 -43.59
CA LYS B 323 15.77 31.64 -43.68
C LYS B 323 16.10 32.35 -42.38
N VAL B 324 15.89 31.70 -41.23
CA VAL B 324 16.30 32.26 -39.95
C VAL B 324 17.81 32.36 -39.90
N LEU B 325 18.50 31.29 -40.27
CA LEU B 325 19.97 31.29 -40.24
C LEU B 325 20.55 32.33 -41.18
N GLU B 326 19.98 32.45 -42.38
CA GLU B 326 20.45 33.46 -43.34
C GLU B 326 20.33 34.87 -42.78
N ILE B 327 19.20 35.18 -42.13
CA ILE B 327 18.96 36.53 -41.62
C ILE B 327 19.90 36.84 -40.46
N LEU B 328 20.00 35.91 -39.49
CA LEU B 328 20.88 36.13 -38.35
C LEU B 328 22.34 36.23 -38.79
N GLY B 329 22.70 35.58 -39.90
CA GLY B 329 24.06 35.69 -40.38
C GLY B 329 24.41 37.11 -40.80
N LYS B 330 23.45 37.82 -41.37
CA LYS B 330 23.69 39.19 -41.81
C LYS B 330 23.66 40.21 -40.67
N LYS B 331 23.11 39.88 -39.49
CA LYS B 331 23.12 40.80 -38.36
C LYS B 331 24.13 40.43 -37.28
N PHE B 332 24.84 39.31 -37.42
CA PHE B 332 25.80 38.86 -36.41
C PHE B 332 27.06 38.29 -37.06
N PRO B 333 28.24 38.51 -36.46
CA PRO B 333 29.50 38.04 -37.06
C PRO B 333 29.55 36.52 -37.14
N VAL B 334 29.64 36.00 -38.36
CA VAL B 334 29.68 34.56 -38.59
C VAL B 334 31.10 34.10 -38.88
N THR B 335 31.53 33.04 -38.20
CA THR B 335 32.86 32.45 -38.35
C THR B 335 32.79 31.21 -39.23
N GLU B 336 33.95 30.62 -39.47
CA GLU B 336 34.06 29.38 -40.21
C GLU B 336 34.90 28.43 -39.36
N ASN B 337 34.44 27.19 -39.23
CA ASN B 337 35.04 26.26 -38.28
C ASN B 337 36.08 25.37 -38.95
N SER B 338 36.63 24.45 -38.17
CA SER B 338 37.72 23.59 -38.64
C SER B 338 37.38 22.91 -39.96
N LYS B 339 36.14 22.48 -40.13
CA LYS B 339 35.73 21.72 -41.32
C LYS B 339 35.21 22.61 -42.44
N GLY B 340 35.21 23.93 -42.25
CA GLY B 340 34.79 24.85 -43.29
C GLY B 340 33.32 25.18 -43.33
N TYR B 341 32.62 25.07 -42.20
CA TYR B 341 31.17 25.28 -42.12
C TYR B 341 30.86 26.51 -41.27
N LYS B 342 29.72 27.13 -41.56
CA LYS B 342 29.38 28.42 -40.96
C LYS B 342 28.88 28.25 -39.53
N LEU B 343 29.38 29.09 -38.62
CA LEU B 343 29.14 28.92 -37.19
C LEU B 343 28.76 30.25 -36.57
N LEU B 344 27.59 30.31 -35.94
CA LEU B 344 27.11 31.55 -35.35
C LEU B 344 27.98 31.93 -34.15
N PRO B 345 27.89 33.18 -33.70
CA PRO B 345 28.64 33.57 -32.51
C PRO B 345 28.14 32.81 -31.29
N PRO B 346 29.00 32.58 -30.30
CA PRO B 346 28.65 31.62 -29.23
C PRO B 346 27.41 31.98 -28.42
N TYR B 347 27.00 33.25 -28.42
CA TYR B 347 25.86 33.69 -27.63
C TYR B 347 24.52 33.52 -28.35
N LEU B 348 24.51 32.96 -29.56
CA LEU B 348 23.29 32.85 -30.34
C LEU B 348 23.18 31.46 -30.93
N ARG B 349 22.01 30.84 -30.77
CA ARG B 349 21.75 29.52 -31.30
C ARG B 349 20.28 29.45 -31.71
N VAL B 350 19.95 28.41 -32.46
CA VAL B 350 18.60 28.19 -32.98
C VAL B 350 18.12 26.84 -32.48
N ILE B 351 16.80 26.68 -32.31
CA ILE B 351 16.22 25.37 -32.05
C ILE B 351 14.93 25.20 -32.86
N GLN B 352 14.87 24.13 -33.63
CA GLN B 352 13.70 23.82 -34.44
C GLN B 352 12.89 22.75 -33.71
N GLY B 353 11.64 23.09 -33.34
CA GLY B 353 10.82 22.19 -32.55
C GLY B 353 9.49 21.78 -33.16
N ASP B 354 9.15 22.35 -34.32
CA ASP B 354 7.86 22.14 -34.98
C ASP B 354 7.99 21.10 -36.10
N GLY B 355 7.08 20.12 -36.11
CA GLY B 355 7.00 19.17 -37.21
C GLY B 355 8.19 18.23 -37.38
N VAL B 356 8.96 18.01 -36.32
CA VAL B 356 10.17 17.21 -36.40
C VAL B 356 9.85 15.75 -36.08
N ASP B 357 10.10 14.85 -37.05
CA ASP B 357 10.16 13.43 -36.75
C ASP B 357 11.50 12.89 -37.26
N ILE B 358 11.71 11.58 -37.21
CA ILE B 358 12.99 11.03 -37.67
C ILE B 358 13.25 11.39 -39.12
N ASN B 359 12.20 11.44 -39.95
CA ASN B 359 12.39 11.71 -41.38
C ASN B 359 12.81 13.17 -41.63
N THR B 360 11.99 14.09 -41.13
CA THR B 360 12.21 15.51 -41.30
C THR B 360 13.52 15.94 -40.66
N LEU B 361 13.88 15.33 -39.53
CA LEU B 361 15.12 15.68 -38.84
C LEU B 361 16.31 15.40 -39.74
N GLN B 362 16.28 14.27 -40.44
CA GLN B 362 17.35 13.92 -41.37
C GLN B 362 17.40 14.94 -42.51
N GLU B 363 16.22 15.34 -42.98
CA GLU B 363 16.14 16.32 -44.06
C GLU B 363 16.72 17.67 -43.66
N ILE B 364 16.41 18.11 -42.44
CA ILE B 364 16.90 19.39 -41.97
C ILE B 364 18.43 19.45 -41.83
N VAL B 365 19.02 18.43 -41.24
CA VAL B 365 20.48 18.42 -41.09
C VAL B 365 21.15 18.35 -42.45
N GLU B 366 20.60 17.53 -43.34
CA GLU B 366 21.12 17.38 -44.69
C GLU B 366 20.99 18.70 -45.44
N GLY B 367 19.84 19.35 -45.25
CA GLY B 367 19.59 20.63 -45.87
C GLY B 367 20.57 21.67 -45.37
N MET B 368 20.83 21.65 -44.07
CA MET B 368 21.77 22.59 -43.48
C MET B 368 23.17 22.37 -44.03
N LYS B 369 23.52 21.10 -44.21
CA LYS B 369 24.82 20.73 -44.75
C LYS B 369 25.03 21.26 -46.15
N GLN B 370 23.97 21.21 -46.96
CA GLN B 370 24.02 21.69 -48.33
C GLN B 370 24.35 23.18 -48.38
N LYS B 371 23.75 23.94 -47.47
CA LYS B 371 23.99 25.38 -47.37
C LYS B 371 25.19 25.73 -46.51
N MET B 372 25.94 24.72 -46.06
CA MET B 372 27.23 24.91 -45.39
C MET B 372 27.08 25.49 -43.97
N TRP B 373 26.05 25.04 -43.25
CA TRP B 373 25.78 25.47 -41.88
C TRP B 373 26.10 24.33 -40.92
N SER B 374 26.92 24.62 -39.92
CA SER B 374 27.30 23.58 -38.98
C SER B 374 26.14 23.16 -38.08
N ILE B 375 26.07 21.86 -37.79
CA ILE B 375 25.01 21.36 -36.91
C ILE B 375 25.18 21.90 -35.49
N GLU B 376 26.38 22.38 -35.14
CA GLU B 376 26.59 23.01 -33.84
C GLU B 376 25.58 24.13 -33.56
N ASN B 377 25.06 24.79 -34.61
CA ASN B 377 24.16 25.93 -34.45
C ASN B 377 22.77 25.54 -34.00
N ILE B 378 22.35 24.31 -34.27
CA ILE B 378 20.96 23.92 -34.19
C ILE B 378 20.76 23.03 -32.97
N ALA B 379 19.52 22.98 -32.51
CA ALA B 379 19.01 21.90 -31.67
C ALA B 379 17.59 21.58 -32.12
N PHE B 380 17.14 20.40 -31.76
CA PHE B 380 15.83 19.93 -32.19
C PHE B 380 14.98 19.61 -30.98
N GLY B 381 13.71 19.94 -31.08
CA GLY B 381 12.72 19.50 -30.13
C GLY B 381 11.66 18.71 -30.89
N SER B 382 11.27 17.57 -30.32
CA SER B 382 10.27 16.72 -30.94
C SER B 382 9.17 16.37 -29.95
N GLY B 383 7.93 16.46 -30.39
CA GLY B 383 6.81 16.14 -29.52
C GLY B 383 6.15 14.83 -29.86
N GLY B 384 5.02 14.89 -30.57
CA GLY B 384 4.36 13.67 -31.00
C GLY B 384 5.24 12.80 -31.88
N GLY B 385 6.09 13.43 -32.69
CA GLY B 385 6.98 12.66 -33.54
C GLY B 385 7.89 11.75 -32.75
N LEU B 386 8.17 12.10 -31.50
CA LEU B 386 9.12 11.33 -30.71
C LEU B 386 8.43 10.29 -29.85
N LEU B 387 7.24 10.60 -29.33
CA LEU B 387 6.57 9.72 -28.38
C LEU B 387 5.19 9.22 -28.82
N GLN B 388 4.61 9.76 -29.90
CA GLN B 388 3.24 9.33 -30.22
C GLN B 388 3.11 8.66 -31.58
N LYS B 389 3.79 9.14 -32.62
CA LYS B 389 3.69 8.54 -33.95
C LYS B 389 4.60 7.31 -34.02
N LEU B 390 4.15 6.25 -33.34
CA LEU B 390 4.84 4.98 -33.18
C LEU B 390 3.79 3.91 -32.95
N THR B 391 3.95 2.77 -33.61
CA THR B 391 3.05 1.64 -33.42
C THR B 391 3.85 0.38 -33.17
N ARG B 392 3.21 -0.57 -32.50
CA ARG B 392 3.78 -1.92 -32.39
C ARG B 392 4.15 -2.50 -33.75
N ASP B 393 3.53 -2.02 -34.82
CA ASP B 393 3.84 -2.51 -36.16
C ASP B 393 5.23 -2.14 -36.66
N LEU B 394 5.86 -1.11 -36.07
CA LEU B 394 7.09 -0.58 -36.66
C LEU B 394 8.24 -1.58 -36.56
N LEU B 395 8.37 -2.26 -35.43
CA LEU B 395 9.41 -3.26 -35.24
C LEU B 395 8.84 -4.67 -35.17
N ASN B 396 7.53 -4.82 -35.30
CA ASN B 396 6.88 -6.14 -35.29
C ASN B 396 7.15 -6.86 -33.97
N CYS B 397 6.88 -6.14 -32.88
CA CYS B 397 6.99 -6.70 -31.54
C CYS B 397 5.86 -7.72 -31.35
N SER B 398 6.21 -8.96 -31.00
CA SER B 398 5.17 -9.99 -30.98
C SER B 398 5.52 -11.04 -29.94
N PHE B 399 4.47 -11.66 -29.41
CA PHE B 399 4.53 -12.58 -28.27
C PHE B 399 3.85 -13.87 -28.73
N LYS B 400 4.59 -14.98 -28.78
CA LYS B 400 4.03 -16.22 -29.31
C LYS B 400 4.50 -17.39 -28.47
N CYS B 401 3.62 -18.38 -28.38
CA CYS B 401 3.95 -19.67 -27.78
C CYS B 401 4.79 -20.50 -28.73
N SER B 402 5.87 -21.07 -28.17
CA SER B 402 6.81 -21.89 -28.95
C SER B 402 6.98 -23.29 -28.39
N TYR B 403 6.41 -23.61 -27.22
CA TYR B 403 6.67 -24.88 -26.54
C TYR B 403 5.58 -25.11 -25.50
N VAL B 404 4.98 -26.30 -25.51
CA VAL B 404 4.03 -26.70 -24.48
C VAL B 404 4.36 -28.12 -24.05
N VAL B 405 3.91 -28.49 -22.86
CA VAL B 405 3.93 -29.87 -22.38
C VAL B 405 2.49 -30.30 -22.14
N THR B 406 2.04 -31.29 -22.90
CA THR B 406 0.71 -31.88 -22.77
C THR B 406 0.89 -33.38 -22.61
N ASN B 407 0.25 -33.94 -21.59
CA ASN B 407 0.42 -35.37 -21.27
C ASN B 407 1.89 -35.72 -21.09
N GLY B 408 2.59 -34.88 -20.33
CA GLY B 408 3.98 -35.12 -20.03
C GLY B 408 4.91 -35.21 -21.22
N LEU B 409 4.48 -34.73 -22.40
CA LEU B 409 5.29 -34.75 -23.61
C LEU B 409 5.55 -33.33 -24.10
N GLY B 410 6.82 -33.01 -24.38
CA GLY B 410 7.20 -31.69 -24.82
C GLY B 410 7.12 -31.59 -26.33
N ILE B 411 6.39 -30.59 -26.82
CA ILE B 411 6.12 -30.39 -28.23
C ILE B 411 6.52 -28.97 -28.58
N ASN B 412 7.19 -28.81 -29.71
CA ASN B 412 7.52 -27.50 -30.23
C ASN B 412 6.36 -27.03 -31.10
N VAL B 413 5.81 -25.87 -30.77
CA VAL B 413 4.67 -25.33 -31.50
C VAL B 413 4.98 -23.98 -32.14
N PHE B 414 4.33 -23.71 -33.26
CA PHE B 414 4.55 -22.47 -34.00
C PHE B 414 3.37 -22.19 -34.91
N LYS B 415 3.33 -20.97 -35.43
CA LYS B 415 2.29 -20.56 -36.37
C LYS B 415 2.99 -20.30 -37.68
N ASP B 416 2.47 -20.84 -38.77
CA ASP B 416 3.07 -20.63 -40.08
C ASP B 416 2.03 -20.25 -41.13
N PRO B 417 1.54 -19.01 -41.08
CA PRO B 417 0.50 -18.64 -42.06
C PRO B 417 1.01 -18.69 -43.49
N VAL B 418 0.24 -19.31 -44.37
CA VAL B 418 0.63 -19.43 -45.77
C VAL B 418 0.70 -18.08 -46.48
N ALA B 419 -0.26 -17.22 -46.19
CA ALA B 419 -0.31 -15.90 -46.82
C ALA B 419 0.87 -15.02 -46.45
N ASP B 420 1.28 -15.02 -45.18
CA ASP B 420 2.41 -14.19 -44.79
C ASP B 420 3.59 -15.01 -44.28
N PRO B 421 4.72 -14.94 -44.99
CA PRO B 421 5.98 -15.62 -44.64
C PRO B 421 6.59 -15.10 -43.34
N ASN B 422 6.56 -13.78 -43.17
CA ASN B 422 7.14 -13.13 -42.00
C ASN B 422 6.52 -13.49 -40.65
N LYS B 423 5.19 -13.59 -40.61
CA LYS B 423 4.50 -13.90 -39.36
C LYS B 423 4.91 -15.22 -38.68
N ARG B 424 5.61 -16.10 -39.37
CA ARG B 424 6.00 -17.37 -38.77
C ARG B 424 6.91 -17.17 -37.56
N SER B 425 6.75 -18.03 -36.56
CA SER B 425 7.48 -17.93 -35.31
C SER B 425 8.39 -19.11 -34.97
N LYS B 426 9.31 -18.86 -34.05
CA LYS B 426 10.29 -19.84 -33.60
C LYS B 426 9.66 -21.02 -32.87
N LYS B 427 10.30 -22.18 -33.01
CA LYS B 427 9.81 -23.43 -32.42
C LYS B 427 10.67 -23.96 -31.29
N GLY B 428 10.05 -24.27 -30.17
CA GLY B 428 10.75 -24.87 -29.05
C GLY B 428 11.21 -23.87 -28.02
N ARG B 429 12.10 -24.36 -27.15
CA ARG B 429 12.64 -23.50 -26.10
C ARG B 429 13.86 -22.77 -26.63
N LEU B 430 13.95 -21.49 -26.32
CA LEU B 430 14.90 -20.64 -27.01
C LEU B 430 16.01 -20.18 -26.08
N SER B 431 17.07 -19.68 -26.71
CA SER B 431 18.20 -19.08 -26.00
C SER B 431 18.89 -18.14 -26.98
N LEU B 432 19.57 -17.15 -26.44
CA LEU B 432 20.27 -16.13 -27.22
C LEU B 432 21.76 -16.31 -26.99
N HIS B 433 22.53 -16.29 -28.08
CA HIS B 433 23.96 -16.52 -27.97
C HIS B 433 24.73 -15.55 -28.88
N ARG B 434 25.98 -15.30 -28.48
CA ARG B 434 26.93 -14.51 -29.25
C ARG B 434 28.02 -15.44 -29.79
N THR B 435 28.26 -15.39 -31.08
CA THR B 435 29.35 -16.16 -31.64
C THR B 435 30.68 -15.49 -31.34
N PRO B 436 31.79 -16.22 -31.43
CA PRO B 436 33.09 -15.58 -31.20
C PRO B 436 33.36 -14.39 -32.11
N ALA B 437 32.78 -14.36 -33.32
CA ALA B 437 32.82 -13.15 -34.14
C ALA B 437 32.00 -12.01 -33.52
N GLY B 438 30.99 -12.33 -32.72
CA GLY B 438 30.20 -11.31 -32.07
C GLY B 438 28.77 -11.17 -32.56
N ASN B 439 28.41 -11.78 -33.69
CA ASN B 439 27.03 -11.68 -34.14
C ASN B 439 26.13 -12.51 -33.22
N PHE B 440 24.85 -12.14 -33.18
CA PHE B 440 23.86 -12.82 -32.35
C PHE B 440 23.15 -13.92 -33.14
N VAL B 441 22.72 -14.96 -32.43
CA VAL B 441 21.94 -16.07 -33.00
C VAL B 441 21.01 -16.60 -31.90
N THR B 442 19.75 -16.87 -32.24
CA THR B 442 18.86 -17.50 -31.26
C THR B 442 18.71 -18.94 -31.69
N LEU B 443 19.00 -19.87 -30.77
CA LEU B 443 18.93 -21.29 -31.02
C LEU B 443 17.54 -21.77 -30.66
N GLU B 444 16.91 -22.50 -31.57
CA GLU B 444 15.57 -23.01 -31.33
C GLU B 444 15.62 -24.46 -30.81
N GLU B 445 14.43 -25.03 -30.55
CA GLU B 445 14.26 -26.46 -30.27
C GLU B 445 15.10 -26.92 -29.09
N GLY B 446 15.40 -26.01 -28.18
CA GLY B 446 16.19 -26.34 -27.03
C GLY B 446 17.63 -26.67 -27.32
N LYS B 447 18.10 -26.44 -28.54
CA LYS B 447 19.50 -26.73 -28.87
C LYS B 447 20.49 -25.83 -28.13
N GLY B 448 20.02 -24.85 -27.36
CA GLY B 448 20.93 -24.14 -26.48
C GLY B 448 21.46 -25.01 -25.36
N ASP B 449 20.79 -26.13 -25.07
CA ASP B 449 21.26 -27.05 -24.04
C ASP B 449 22.62 -27.64 -24.38
N LEU B 450 22.89 -27.82 -25.67
CA LEU B 450 24.17 -28.35 -26.14
C LEU B 450 25.34 -27.43 -25.82
N GLU B 451 25.10 -26.13 -25.91
CA GLU B 451 26.12 -25.12 -25.65
C GLU B 451 26.54 -25.08 -24.18
N GLU B 452 27.76 -24.60 -23.93
CA GLU B 452 28.30 -24.52 -22.58
C GLU B 452 27.51 -23.59 -21.67
N TYR B 453 27.48 -23.91 -20.38
CA TYR B 453 26.74 -23.14 -19.40
C TYR B 453 27.23 -21.70 -19.27
N GLY B 454 26.29 -20.78 -19.15
CA GLY B 454 26.56 -19.36 -19.02
C GLY B 454 26.61 -18.62 -20.34
N GLN B 455 26.56 -19.37 -21.44
CA GLN B 455 26.57 -18.80 -22.77
C GLN B 455 25.33 -17.97 -23.06
N ASP B 456 24.17 -18.44 -22.61
CA ASP B 456 22.91 -17.76 -22.89
C ASP B 456 22.82 -16.38 -22.27
N LEU B 457 22.45 -15.41 -23.10
CA LEU B 457 22.26 -14.02 -22.68
C LEU B 457 21.05 -13.83 -21.75
N LEU B 458 19.97 -14.54 -22.03
CA LEU B 458 18.77 -14.45 -21.23
C LEU B 458 19.05 -14.81 -19.78
N HIS B 459 18.93 -13.84 -18.86
CA HIS B 459 19.02 -14.11 -17.43
C HIS B 459 17.65 -14.01 -16.80
N THR B 460 17.41 -14.86 -15.83
CA THR B 460 16.14 -14.81 -15.11
C THR B 460 16.01 -13.50 -14.37
N VAL B 461 14.95 -12.75 -14.68
CA VAL B 461 14.63 -11.49 -14.02
C VAL B 461 13.39 -11.57 -13.16
N PHE B 462 12.54 -12.59 -13.34
CA PHE B 462 11.31 -12.68 -12.57
C PHE B 462 10.97 -14.14 -12.33
N LYS B 463 10.79 -14.50 -11.06
CA LYS B 463 10.37 -15.86 -10.73
C LYS B 463 9.52 -15.82 -9.47
N ASN B 464 8.29 -16.32 -9.58
CA ASN B 464 7.42 -16.51 -8.42
C ASN B 464 7.27 -15.23 -7.60
N GLY B 465 6.92 -14.14 -8.28
CA GLY B 465 6.54 -12.92 -7.60
C GLY B 465 7.68 -12.03 -7.13
N LYS B 466 8.93 -12.35 -7.46
CA LYS B 466 10.07 -11.53 -7.06
C LYS B 466 10.91 -11.15 -8.28
N VAL B 467 11.41 -9.92 -8.28
CA VAL B 467 12.37 -9.47 -9.28
C VAL B 467 13.74 -9.95 -8.87
N THR B 468 14.35 -10.81 -9.70
CA THR B 468 15.56 -11.54 -9.36
C THR B 468 16.85 -10.93 -9.88
N LYS B 469 16.79 -10.11 -10.94
CA LYS B 469 17.94 -9.36 -11.43
C LYS B 469 17.46 -8.01 -11.95
N SER B 470 18.07 -6.92 -11.47
CA SER B 470 17.68 -5.56 -11.83
C SER B 470 18.88 -4.81 -12.37
N TYR B 471 18.63 -3.84 -13.27
CA TYR B 471 19.70 -2.99 -13.79
C TYR B 471 19.37 -1.53 -13.51
N SER B 472 20.41 -0.75 -13.27
CA SER B 472 20.29 0.69 -13.07
C SER B 472 20.36 1.44 -14.40
N PHE B 473 19.77 2.64 -14.40
CA PHE B 473 19.68 3.43 -15.64
C PHE B 473 21.06 3.77 -16.20
N ASP B 474 22.06 3.90 -15.35
CA ASP B 474 23.38 4.23 -15.82
C ASP B 474 23.91 3.09 -16.66
N GLU B 475 23.73 1.87 -16.18
CA GLU B 475 24.18 0.70 -16.92
C GLU B 475 23.44 0.57 -18.23
N ILE B 476 22.14 0.85 -18.22
CA ILE B 476 21.32 0.77 -19.40
C ILE B 476 21.81 1.74 -20.46
N ARG B 477 22.17 2.95 -20.04
CA ARG B 477 22.72 3.94 -20.93
C ARG B 477 24.04 3.46 -21.51
N LYS B 478 24.86 2.83 -20.67
CA LYS B 478 26.15 2.32 -21.09
C LYS B 478 26.00 1.26 -22.14
N ASN B 479 25.02 0.39 -21.95
CA ASN B 479 24.73 -0.68 -22.88
C ASN B 479 24.26 -0.18 -24.23
N ALA B 480 23.50 0.89 -24.23
CA ALA B 480 22.90 1.46 -25.43
C ALA B 480 23.73 2.44 -26.20
N GLN B 481 24.97 2.65 -25.78
CA GLN B 481 25.84 3.60 -26.45
C GLN B 481 26.12 3.24 -27.89
N LEU B 482 26.25 4.26 -28.73
CA LEU B 482 26.56 4.09 -30.14
C LEU B 482 27.98 3.61 -30.32
N ASN B 483 28.23 2.95 -31.44
CA ASN B 483 29.56 2.45 -31.75
C ASN B 483 30.55 3.58 -31.87
N ILE B 484 30.13 4.66 -32.51
CA ILE B 484 30.98 5.83 -32.67
C ILE B 484 31.31 6.44 -31.31
N GLU B 485 30.35 6.47 -30.39
CA GLU B 485 30.60 6.97 -29.06
C GLU B 485 31.60 6.08 -28.35
N GLU C 8 -1.50 -6.16 48.80
CA GLU C 8 -0.48 -7.19 48.62
C GLU C 8 -1.03 -8.39 47.82
N PHE C 9 -0.21 -8.93 46.90
CA PHE C 9 -0.63 -9.98 45.98
C PHE C 9 -1.15 -11.21 46.72
N ASN C 10 -2.32 -11.70 46.30
CA ASN C 10 -2.93 -12.89 46.87
C ASN C 10 -3.16 -13.95 45.79
N ILE C 11 -2.38 -15.02 45.86
CA ILE C 11 -2.41 -16.07 44.86
C ILE C 11 -3.76 -16.75 44.73
N LEU C 12 -4.56 -16.69 45.78
CA LEU C 12 -5.91 -17.22 45.77
C LEU C 12 -6.85 -16.45 44.83
N LEU C 13 -6.58 -15.17 44.64
CA LEU C 13 -7.35 -14.30 43.76
C LEU C 13 -6.63 -14.07 42.42
N ALA C 14 -5.65 -14.92 42.13
CA ALA C 14 -4.84 -14.82 40.92
C ALA C 14 -5.07 -15.90 39.85
N THR C 15 -6.26 -16.48 39.82
CA THR C 15 -6.58 -17.53 38.86
C THR C 15 -7.92 -17.26 38.19
N ASP C 16 -8.17 -17.87 37.03
CA ASP C 16 -9.47 -17.70 36.40
C ASP C 16 -10.57 -18.18 37.34
N SER C 17 -11.72 -17.49 37.30
CA SER C 17 -12.79 -17.77 38.25
C SER C 17 -13.16 -19.25 38.23
N TYR C 18 -13.30 -19.83 37.04
CA TYR C 18 -13.86 -21.17 36.97
C TYR C 18 -12.96 -22.22 37.60
N LYS C 19 -11.65 -21.96 37.65
CA LYS C 19 -10.76 -22.88 38.36
C LYS C 19 -11.06 -22.96 39.86
N VAL C 20 -11.68 -21.93 40.45
CA VAL C 20 -12.13 -22.02 41.85
C VAL C 20 -13.05 -23.24 42.01
N THR C 21 -13.77 -23.62 40.96
CA THR C 21 -14.75 -24.69 40.99
C THR C 21 -14.23 -26.04 40.48
N HIS C 22 -12.96 -26.13 40.08
CA HIS C 22 -12.52 -27.34 39.43
C HIS C 22 -12.31 -28.49 40.40
N TYR C 23 -11.99 -28.20 41.67
CA TYR C 23 -11.70 -29.26 42.64
C TYR C 23 -12.87 -30.23 42.78
N LYS C 24 -14.10 -29.75 42.58
CA LYS C 24 -15.29 -30.59 42.59
C LYS C 24 -15.46 -31.38 41.30
N GLN C 25 -14.72 -31.06 40.24
CA GLN C 25 -14.98 -31.64 38.93
C GLN C 25 -14.07 -32.82 38.58
N TYR C 26 -12.83 -32.86 39.10
CA TYR C 26 -11.93 -33.97 38.83
C TYR C 26 -12.53 -35.26 39.36
N PRO C 27 -12.15 -36.41 38.81
CA PRO C 27 -12.73 -37.65 39.27
C PRO C 27 -12.48 -37.83 40.75
N PRO C 28 -13.45 -38.33 41.49
CA PRO C 28 -13.22 -38.65 42.90
C PRO C 28 -11.97 -39.50 43.08
N ASN C 29 -11.24 -39.21 44.17
CA ASN C 29 -10.04 -39.95 44.57
C ASN C 29 -8.89 -39.77 43.58
N THR C 30 -8.70 -38.55 43.09
CA THR C 30 -7.59 -38.22 42.19
C THR C 30 -6.39 -37.83 43.03
N SER C 31 -5.31 -38.59 42.91
CA SER C 31 -4.11 -38.38 43.73
C SER C 31 -3.22 -37.30 43.15
N LYS C 32 -3.08 -37.25 41.83
CA LYS C 32 -2.08 -36.43 41.19
C LYS C 32 -2.64 -35.91 39.88
N VAL C 33 -2.33 -34.66 39.55
CA VAL C 33 -2.59 -34.09 38.24
C VAL C 33 -1.28 -33.52 37.73
N TYR C 34 -0.85 -33.97 36.54
CA TYR C 34 0.42 -33.63 35.92
C TYR C 34 0.15 -32.88 34.62
N SER C 35 0.77 -31.71 34.47
CA SER C 35 0.45 -30.82 33.37
C SER C 35 1.74 -30.30 32.72
N TYR C 36 1.64 -29.87 31.47
CA TYR C 36 2.82 -29.48 30.71
C TYR C 36 2.55 -28.25 29.87
N PHE C 37 3.63 -27.55 29.53
CA PHE C 37 3.59 -26.34 28.73
C PHE C 37 4.44 -26.51 27.48
N GLU C 38 3.88 -26.09 26.34
CA GLU C 38 4.53 -26.17 25.05
C GLU C 38 4.07 -25.01 24.18
N CYS C 39 4.82 -24.80 23.10
CA CYS C 39 4.50 -23.83 22.08
C CYS C 39 4.11 -24.77 20.96
N ARG C 40 2.82 -24.93 20.73
CA ARG C 40 2.32 -25.89 19.73
C ARG C 40 2.71 -25.62 18.29
N GLU C 41 2.90 -26.70 17.56
CA GLU C 41 3.24 -26.67 16.15
C GLU C 41 2.08 -26.14 15.31
N LYS C 42 2.41 -25.52 14.18
CA LYS C 42 1.41 -24.99 13.28
C LYS C 42 1.38 -25.87 12.03
N LYS C 43 0.19 -26.23 11.59
CA LYS C 43 0.06 -27.09 10.41
C LYS C 43 -0.40 -26.32 9.17
N THR C 44 0.35 -26.49 8.09
CA THR C 44 0.10 -25.86 6.79
C THR C 44 -0.39 -24.41 6.85
N LYS C 53 7.73 -19.62 9.67
CA LYS C 53 8.48 -18.78 10.61
C LYS C 53 8.30 -19.26 12.04
N TYR C 54 9.10 -18.71 12.95
CA TYR C 54 9.06 -19.05 14.36
C TYR C 54 9.22 -20.54 14.64
N GLU C 55 10.12 -21.19 13.93
CA GLU C 55 10.39 -22.61 14.10
C GLU C 55 10.96 -22.92 15.48
N GLU C 56 11.84 -22.05 15.97
CA GLU C 56 12.47 -22.24 17.27
C GLU C 56 12.10 -21.14 18.26
N THR C 57 11.75 -21.54 19.49
CA THR C 57 11.36 -20.59 20.52
C THR C 57 12.28 -20.60 21.73
N VAL C 58 12.67 -19.41 22.18
CA VAL C 58 13.54 -19.28 23.35
C VAL C 58 12.70 -19.34 24.63
N PHE C 59 13.25 -19.93 25.67
CA PHE C 59 12.52 -20.07 26.93
C PHE C 59 13.08 -19.08 27.95
N TYR C 60 12.25 -18.13 28.36
CA TYR C 60 12.71 -17.07 29.24
C TYR C 60 11.51 -16.49 30.00
N GLY C 61 11.71 -16.25 31.29
CA GLY C 61 10.74 -15.57 32.13
C GLY C 61 10.18 -16.38 33.28
N LEU C 62 10.25 -17.71 33.22
CA LEU C 62 9.62 -18.52 34.27
C LEU C 62 10.25 -18.25 35.63
N GLN C 63 11.53 -17.87 35.67
CA GLN C 63 12.18 -17.54 36.93
C GLN C 63 11.54 -16.31 37.58
N TYR C 64 11.23 -15.30 36.78
CA TYR C 64 10.54 -14.13 37.29
C TYR C 64 9.22 -14.51 37.93
N ILE C 65 8.48 -15.43 37.32
CA ILE C 65 7.21 -15.81 37.89
C ILE C 65 7.41 -16.64 39.15
N LEU C 66 8.40 -17.55 39.14
CA LEU C 66 8.65 -18.39 40.31
C LEU C 66 8.92 -17.55 41.56
N ASN C 67 9.82 -16.56 41.45
CA ASN C 67 10.30 -15.83 42.61
C ASN C 67 9.36 -14.72 43.04
N LYS C 68 8.70 -14.05 42.09
CA LYS C 68 7.88 -12.91 42.48
C LYS C 68 6.58 -13.36 43.11
N TYR C 69 5.99 -14.46 42.62
CA TYR C 69 4.62 -14.78 42.96
C TYR C 69 4.43 -16.16 43.56
N LEU C 70 5.35 -17.09 43.35
CA LEU C 70 5.08 -18.49 43.69
C LEU C 70 5.87 -19.02 44.87
N LYS C 71 7.05 -18.46 45.15
CA LYS C 71 7.90 -18.96 46.23
C LYS C 71 7.49 -18.41 47.58
N GLY C 72 7.92 -19.10 48.64
CA GLY C 72 7.75 -18.62 50.00
C GLY C 72 6.40 -18.98 50.59
N LYS C 73 6.07 -18.30 51.69
CA LYS C 73 4.73 -18.40 52.29
C LYS C 73 3.80 -17.51 51.48
N VAL C 74 2.97 -18.13 50.63
CA VAL C 74 2.06 -17.37 49.76
C VAL C 74 0.62 -17.48 50.21
N VAL C 75 0.34 -18.29 51.23
CA VAL C 75 -0.97 -18.40 51.86
C VAL C 75 -0.86 -17.91 53.29
N THR C 76 -1.80 -17.05 53.69
CA THR C 76 -2.02 -16.68 55.08
C THR C 76 -3.52 -16.78 55.34
N LYS C 77 -3.91 -16.84 56.62
CA LYS C 77 -5.34 -16.99 56.86
C LYS C 77 -6.12 -15.71 56.53
N GLU C 78 -5.47 -14.55 56.47
CA GLU C 78 -6.14 -13.36 55.93
C GLU C 78 -6.43 -13.53 54.45
N LYS C 79 -5.44 -14.03 53.68
CA LYS C 79 -5.60 -14.20 52.24
C LYS C 79 -6.70 -15.21 51.93
N ILE C 80 -6.78 -16.29 52.71
CA ILE C 80 -7.89 -17.24 52.58
C ILE C 80 -9.20 -16.53 52.84
N GLN C 81 -9.26 -15.73 53.92
CA GLN C 81 -10.49 -15.01 54.26
C GLN C 81 -10.86 -14.01 53.17
N GLU C 82 -9.91 -13.11 52.82
CA GLU C 82 -10.10 -12.19 51.71
C GLU C 82 -10.70 -12.91 50.49
N ALA C 83 -10.09 -14.05 50.13
CA ALA C 83 -10.53 -14.83 48.98
C ALA C 83 -11.93 -15.41 49.19
N LYS C 84 -12.19 -15.98 50.37
CA LYS C 84 -13.51 -16.52 50.65
C LYS C 84 -14.61 -15.47 50.48
N ASP C 85 -14.36 -14.24 50.92
CA ASP C 85 -15.42 -13.23 50.84
C ASP C 85 -15.62 -12.74 49.43
N VAL C 86 -14.53 -12.58 48.67
CA VAL C 86 -14.64 -12.15 47.28
C VAL C 86 -15.43 -13.17 46.45
N TYR C 87 -15.15 -14.45 46.64
CA TYR C 87 -15.76 -15.45 45.78
C TYR C 87 -17.25 -15.70 46.13
N LYS C 88 -17.66 -15.46 47.38
CA LYS C 88 -19.08 -15.64 47.71
C LYS C 88 -19.94 -14.60 46.99
N GLU C 89 -19.46 -13.36 46.89
CA GLU C 89 -20.17 -12.35 46.12
C GLU C 89 -20.00 -12.58 44.62
N HIS C 90 -18.80 -12.92 44.18
CA HIS C 90 -18.53 -13.12 42.76
C HIS C 90 -19.32 -14.25 42.13
N PHE C 91 -19.41 -15.39 42.81
CA PHE C 91 -20.13 -16.53 42.27
C PHE C 91 -21.56 -16.60 42.73
N GLN C 92 -21.89 -15.80 43.75
CA GLN C 92 -23.21 -15.75 44.41
C GLN C 92 -23.61 -17.08 45.05
N ASP C 93 -22.62 -17.81 45.53
CA ASP C 93 -22.75 -19.09 46.17
C ASP C 93 -21.43 -19.40 46.85
N ASP C 94 -21.41 -20.36 47.76
CA ASP C 94 -20.15 -20.68 48.36
C ASP C 94 -19.63 -21.92 47.69
N VAL C 95 -18.59 -21.75 46.86
CA VAL C 95 -17.97 -22.85 46.16
C VAL C 95 -16.46 -22.84 46.36
N PHE C 96 -15.96 -21.81 47.00
CA PHE C 96 -14.54 -21.68 47.23
C PHE C 96 -14.05 -22.82 48.09
N ASN C 97 -12.90 -23.37 47.73
CA ASN C 97 -12.34 -24.48 48.45
C ASN C 97 -11.49 -24.02 49.63
N GLU C 98 -12.17 -23.58 50.68
CA GLU C 98 -11.49 -23.11 51.88
C GLU C 98 -10.68 -24.18 52.58
N LYS C 99 -11.25 -25.37 52.73
CA LYS C 99 -10.55 -26.47 53.40
C LYS C 99 -9.24 -26.80 52.69
N GLY C 100 -9.28 -26.89 51.36
CA GLY C 100 -8.07 -27.16 50.60
C GLY C 100 -6.97 -26.16 50.89
N TRP C 101 -7.29 -24.87 50.85
CA TRP C 101 -6.25 -23.87 51.08
C TRP C 101 -5.79 -23.83 52.54
N ASN C 102 -6.69 -24.09 53.50
CA ASN C 102 -6.25 -24.11 54.89
C ASN C 102 -5.28 -25.25 55.14
N TYR C 103 -5.49 -26.40 54.45
CA TYR C 103 -4.61 -27.55 54.59
C TYR C 103 -3.18 -27.23 54.14
N ILE C 104 -3.04 -26.40 53.10
CA ILE C 104 -1.71 -25.97 52.69
C ILE C 104 -1.12 -25.02 53.71
N LEU C 105 -1.96 -24.17 54.30
CA LEU C 105 -1.44 -23.25 55.30
C LEU C 105 -0.93 -23.96 56.53
N GLU C 106 -1.70 -24.92 57.05
CA GLU C 106 -1.28 -25.65 58.24
C GLU C 106 -0.11 -26.61 58.06
N LYS C 107 -0.19 -27.43 57.02
CA LYS C 107 0.84 -28.44 56.73
C LYS C 107 2.21 -27.95 56.26
N TYR C 108 2.20 -27.04 55.28
CA TYR C 108 3.43 -26.53 54.71
C TYR C 108 3.75 -25.08 55.02
N ASP C 109 3.05 -24.51 56.01
CA ASP C 109 3.22 -23.12 56.43
C ASP C 109 3.06 -22.12 55.29
N GLY C 110 2.07 -22.36 54.43
CA GLY C 110 1.80 -21.48 53.32
C GLY C 110 2.68 -21.67 52.10
N HIS C 111 3.46 -22.73 52.09
CA HIS C 111 4.35 -23.01 50.95
C HIS C 111 3.64 -24.01 50.06
N LEU C 112 3.59 -23.72 48.76
CA LEU C 112 2.90 -24.60 47.84
C LEU C 112 3.56 -25.95 47.61
N PRO C 113 2.77 -27.03 47.76
CA PRO C 113 3.27 -28.39 47.48
C PRO C 113 3.20 -28.74 45.99
N ILE C 114 4.21 -28.26 45.26
CA ILE C 114 4.26 -28.32 43.79
C ILE C 114 5.70 -28.55 43.38
N GLU C 115 5.90 -29.35 42.34
CA GLU C 115 7.20 -29.45 41.68
C GLU C 115 7.07 -29.02 40.23
N ILE C 116 7.99 -28.17 39.79
CA ILE C 116 8.00 -27.66 38.43
C ILE C 116 9.38 -27.94 37.85
N LYS C 117 9.41 -28.72 36.77
CA LYS C 117 10.65 -29.03 36.05
C LYS C 117 10.63 -28.34 34.69
N ALA C 118 11.77 -27.75 34.31
CA ALA C 118 11.84 -26.80 33.20
C ALA C 118 13.21 -26.80 32.54
N VAL C 119 13.19 -26.63 31.22
CA VAL C 119 14.38 -26.41 30.38
C VAL C 119 15.19 -25.25 30.93
N PRO C 120 16.53 -25.28 30.83
CA PRO C 120 17.32 -24.12 31.27
C PRO C 120 16.90 -22.88 30.51
N GLU C 121 16.76 -21.77 31.24
CA GLU C 121 16.31 -20.54 30.58
C GLU C 121 17.42 -20.05 29.65
N GLY C 122 17.01 -19.60 28.47
CA GLY C 122 17.94 -19.26 27.41
C GLY C 122 17.95 -20.26 26.27
N PHE C 123 17.61 -21.51 26.55
CA PHE C 123 17.68 -22.54 25.53
C PHE C 123 16.76 -22.19 24.36
N VAL C 124 17.23 -22.46 23.14
CA VAL C 124 16.40 -22.38 21.95
C VAL C 124 15.90 -23.78 21.64
N ILE C 125 14.59 -23.92 21.45
CA ILE C 125 13.96 -25.24 21.39
C ILE C 125 12.95 -25.24 20.24
N PRO C 126 12.93 -26.26 19.39
CA PRO C 126 11.94 -26.30 18.30
C PRO C 126 10.52 -26.48 18.82
N ARG C 127 9.58 -25.84 18.11
CA ARG C 127 8.16 -25.88 18.44
C ARG C 127 7.69 -27.30 18.75
N GLY C 128 6.66 -27.39 19.57
CA GLY C 128 6.02 -28.67 19.82
C GLY C 128 6.69 -29.54 20.86
N ASN C 129 7.74 -29.05 21.50
CA ASN C 129 8.40 -29.74 22.60
C ASN C 129 7.92 -29.21 23.94
N VAL C 130 7.92 -30.08 24.96
CA VAL C 130 7.58 -29.65 26.31
C VAL C 130 8.70 -28.77 26.87
N LEU C 131 8.31 -27.68 27.53
CA LEU C 131 9.28 -26.76 28.10
C LEU C 131 9.28 -26.75 29.60
N PHE C 132 8.14 -27.03 30.25
CA PHE C 132 8.13 -27.25 31.68
C PHE C 132 6.90 -28.06 32.04
N THR C 133 6.97 -28.74 33.18
CA THR C 133 5.86 -29.50 33.70
C THR C 133 5.53 -29.06 35.12
N VAL C 134 4.31 -29.39 35.54
CA VAL C 134 3.79 -29.04 36.84
C VAL C 134 3.10 -30.27 37.42
N GLU C 135 3.38 -30.58 38.68
CA GLU C 135 2.67 -31.64 39.36
C GLU C 135 2.62 -31.33 40.85
N ASN C 136 1.60 -31.89 41.51
CA ASN C 136 1.41 -31.72 42.93
C ASN C 136 2.17 -32.80 43.70
N THR C 137 2.86 -32.39 44.79
CA THR C 137 3.63 -33.29 45.63
C THR C 137 2.85 -33.90 46.78
N ASP C 138 1.61 -33.45 46.97
CA ASP C 138 0.74 -33.98 48.01
C ASP C 138 -0.54 -34.39 47.30
N PRO C 139 -1.06 -35.57 47.63
CA PRO C 139 -2.31 -36.09 47.06
C PRO C 139 -3.50 -35.18 47.36
N GLU C 140 -3.53 -34.58 48.54
CA GLU C 140 -4.61 -33.69 48.91
C GLU C 140 -4.70 -32.49 47.98
N CYS C 141 -3.57 -31.94 47.58
CA CYS C 141 -3.57 -30.79 46.69
C CYS C 141 -3.61 -31.13 45.20
N TYR C 142 -4.55 -31.97 44.77
CA TYR C 142 -4.66 -32.33 43.36
C TYR C 142 -5.06 -31.14 42.50
N TRP C 143 -5.95 -30.33 43.02
CA TRP C 143 -6.51 -29.15 42.36
C TRP C 143 -5.45 -28.10 42.06
N LEU C 144 -4.50 -27.97 42.97
CA LEU C 144 -3.46 -26.97 42.88
C LEU C 144 -2.69 -26.93 41.58
N THR C 145 -2.47 -28.06 40.95
CA THR C 145 -1.67 -28.07 39.72
C THR C 145 -2.23 -27.19 38.62
N ASN C 146 -3.54 -27.26 38.38
CA ASN C 146 -4.10 -26.42 37.32
C ASN C 146 -4.53 -25.04 37.78
N TRP C 147 -4.51 -24.83 39.10
CA TRP C 147 -4.87 -23.55 39.69
C TRP C 147 -3.90 -22.46 39.27
N ILE C 148 -2.63 -22.82 39.20
CA ILE C 148 -1.57 -21.89 38.87
C ILE C 148 -1.29 -21.81 37.37
N GLU C 149 -2.10 -22.49 36.57
CA GLU C 149 -1.91 -22.46 35.13
C GLU C 149 -2.03 -21.06 34.59
N THR C 150 -2.99 -20.30 35.10
CA THR C 150 -3.19 -18.95 34.60
C THR C 150 -1.95 -18.08 34.80
N ILE C 151 -1.23 -18.26 35.91
CA ILE C 151 -0.12 -17.36 36.15
C ILE C 151 1.13 -17.86 35.47
N LEU C 152 1.24 -19.18 35.24
CA LEU C 152 2.39 -19.77 34.55
C LEU C 152 2.29 -19.59 33.04
N VAL C 153 1.09 -19.70 32.47
CA VAL C 153 0.91 -19.44 31.05
C VAL C 153 1.30 -18.01 30.67
N GLN C 154 1.29 -17.08 31.64
CA GLN C 154 1.71 -15.72 31.33
C GLN C 154 3.18 -15.64 30.95
N SER C 155 3.95 -16.69 31.20
CA SER C 155 5.30 -16.79 30.67
C SER C 155 5.33 -16.70 29.14
N TRP C 156 4.18 -16.86 28.47
CA TRP C 156 4.17 -16.72 27.02
C TRP C 156 4.72 -15.35 26.62
N TYR C 157 4.44 -14.31 27.41
CA TYR C 157 4.83 -12.98 26.95
C TYR C 157 6.34 -12.85 26.86
N PRO C 158 7.15 -13.16 27.90
CA PRO C 158 8.61 -13.07 27.72
C PRO C 158 9.17 -14.11 26.75
N ILE C 159 8.58 -15.31 26.69
CA ILE C 159 8.99 -16.28 25.68
C ILE C 159 8.82 -15.69 24.28
N THR C 160 7.68 -15.03 24.03
CA THR C 160 7.39 -14.56 22.69
C THR C 160 8.14 -13.26 22.38
N VAL C 161 8.27 -12.36 23.36
CA VAL C 161 9.08 -11.17 23.13
C VAL C 161 10.50 -11.57 22.78
N ALA C 162 11.12 -12.37 23.64
CA ALA C 162 12.50 -12.79 23.40
C ALA C 162 12.64 -13.53 22.07
N THR C 163 11.69 -14.43 21.75
CA THR C 163 11.76 -15.16 20.49
C THR C 163 11.67 -14.22 19.30
N ASN C 164 10.62 -13.38 19.28
CA ASN C 164 10.43 -12.47 18.15
C ASN C 164 11.58 -11.49 18.05
N SER C 165 12.11 -11.05 19.19
CA SER C 165 13.30 -10.21 19.18
C SER C 165 14.48 -10.94 18.53
N ARG C 166 14.58 -12.26 18.75
CA ARG C 166 15.74 -12.99 18.27
C ARG C 166 15.68 -13.17 16.76
N GLU C 167 14.50 -13.53 16.24
CA GLU C 167 14.37 -13.68 14.80
C GLU C 167 14.71 -12.39 14.07
N GLN C 168 14.52 -11.24 14.73
CA GLN C 168 14.93 -9.99 14.11
C GLN C 168 16.43 -9.80 14.22
N LYS C 169 17.04 -10.35 15.26
CA LYS C 169 18.49 -10.34 15.35
C LYS C 169 19.10 -11.19 14.25
N LYS C 170 18.40 -12.27 13.87
CA LYS C 170 18.79 -13.08 12.72
C LYS C 170 18.74 -12.29 11.42
N ILE C 171 17.63 -11.58 11.18
CA ILE C 171 17.47 -10.79 9.97
C ILE C 171 18.62 -9.80 9.82
N LEU C 172 18.85 -8.98 10.87
CA LEU C 172 19.95 -8.03 10.84
C LEU C 172 21.30 -8.73 10.74
N ALA C 173 21.40 -9.97 11.21
CA ALA C 173 22.69 -10.67 11.18
C ALA C 173 23.05 -11.15 9.77
N LYS C 174 22.06 -11.63 9.03
CA LYS C 174 22.31 -12.04 7.65
C LYS C 174 22.61 -10.85 6.76
N TYR C 175 21.89 -9.73 6.95
CA TYR C 175 22.08 -8.60 6.06
C TYR C 175 23.35 -7.83 6.38
N LEU C 176 23.70 -7.69 7.68
CA LEU C 176 24.92 -6.96 8.05
C LEU C 176 26.18 -7.64 7.55
N LEU C 177 26.16 -8.97 7.37
CA LEU C 177 27.33 -9.67 6.85
C LEU C 177 27.45 -9.49 5.34
N GLU C 178 26.35 -9.66 4.62
CA GLU C 178 26.42 -9.50 3.17
C GLU C 178 26.82 -8.08 2.81
N THR C 179 26.21 -7.10 3.48
CA THR C 179 26.53 -5.70 3.22
C THR C 179 27.95 -5.26 3.61
N SER C 180 28.40 -5.67 4.79
CA SER C 180 29.74 -5.29 5.26
C SER C 180 30.69 -6.45 5.49
N GLY C 181 30.15 -7.66 5.64
CA GLY C 181 30.96 -8.83 5.88
C GLY C 181 31.39 -9.03 7.33
N ASN C 182 30.87 -8.16 8.20
CA ASN C 182 31.20 -8.20 9.62
C ASN C 182 29.94 -8.06 10.48
N LEU C 183 29.96 -8.68 11.66
CA LEU C 183 28.82 -8.65 12.59
C LEU C 183 28.94 -7.63 13.73
N ASP C 184 29.93 -6.76 13.67
CA ASP C 184 30.13 -5.80 14.74
C ASP C 184 28.94 -4.86 14.92
N GLY C 185 28.58 -4.58 16.17
CA GLY C 185 27.48 -3.70 16.48
C GLY C 185 26.10 -4.29 16.28
N LEU C 186 26.03 -5.61 16.14
CA LEU C 186 24.76 -6.31 15.91
C LEU C 186 23.74 -6.18 17.04
N GLU C 187 24.21 -6.26 18.29
CA GLU C 187 23.35 -6.20 19.46
C GLU C 187 22.55 -4.91 19.65
N TYR C 188 23.16 -3.77 19.31
CA TYR C 188 22.52 -2.47 19.47
C TYR C 188 21.71 -1.99 18.26
N LYS C 189 21.63 -2.85 17.24
CA LYS C 189 20.89 -2.54 16.01
C LYS C 189 19.41 -2.35 16.27
N LEU C 190 18.88 -3.13 17.21
CA LEU C 190 17.48 -3.03 17.58
C LEU C 190 17.42 -2.36 18.94
N HIS C 191 16.69 -1.26 19.04
CA HIS C 191 16.58 -0.49 20.27
C HIS C 191 15.14 -0.47 20.74
N ASP C 192 14.94 -0.57 22.06
CA ASP C 192 13.59 -0.60 22.61
C ASP C 192 13.00 0.79 22.85
N PHE C 193 11.95 1.09 22.11
CA PHE C 193 11.20 2.34 22.18
C PHE C 193 9.80 2.08 22.72
N GLY C 194 9.61 0.91 23.33
CA GLY C 194 8.31 0.48 23.80
C GLY C 194 7.77 0.76 25.19
N TYR C 195 8.45 1.58 25.98
CA TYR C 195 7.96 1.84 27.33
C TYR C 195 6.56 2.45 27.31
N ARG C 196 6.34 3.43 26.45
CA ARG C 196 5.02 4.05 26.32
C ARG C 196 3.94 3.11 25.76
N GLY C 197 4.35 2.29 24.79
CA GLY C 197 3.48 1.35 24.12
C GLY C 197 2.85 0.24 24.92
N VAL C 198 3.60 -0.30 25.87
CA VAL C 198 3.14 -1.42 26.69
C VAL C 198 1.95 -1.12 27.60
N SER C 199 1.17 -2.17 27.85
CA SER C 199 -0.02 -2.14 28.69
C SER C 199 0.12 -1.64 30.11
N SER C 200 1.21 -1.98 30.78
CA SER C 200 1.34 -1.61 32.18
C SER C 200 2.82 -1.46 32.54
N GLN C 201 3.06 -0.91 33.73
CA GLN C 201 4.43 -0.79 34.21
C GLN C 201 5.11 -2.14 34.34
N GLU C 202 4.40 -3.14 34.88
CA GLU C 202 4.99 -4.47 35.02
C GLU C 202 5.39 -5.01 33.65
N THR C 203 4.48 -4.90 32.69
CA THR C 203 4.76 -5.42 31.35
C THR C 203 5.96 -4.75 30.74
N ALA C 204 6.12 -3.43 30.96
CA ALA C 204 7.30 -2.76 30.44
C ALA C 204 8.58 -3.42 30.92
N GLY C 205 8.58 -3.91 32.16
CA GLY C 205 9.76 -4.56 32.69
C GLY C 205 9.96 -5.96 32.12
N ILE C 206 8.93 -6.81 32.21
CA ILE C 206 9.05 -8.17 31.70
C ILE C 206 9.49 -8.16 30.25
N GLY C 207 8.87 -7.30 29.44
CA GLY C 207 9.14 -7.30 28.01
C GLY C 207 10.51 -6.72 27.67
N ALA C 208 10.88 -5.61 28.31
CA ALA C 208 12.18 -5.02 28.04
C ALA C 208 13.32 -5.99 28.34
N SER C 209 13.20 -6.74 29.45
CA SER C 209 14.23 -7.72 29.79
C SER C 209 14.34 -8.80 28.72
N ALA C 210 13.20 -9.22 28.17
CA ALA C 210 13.22 -10.27 27.16
C ALA C 210 13.96 -9.80 25.91
N HIS C 211 13.82 -8.53 25.55
CA HIS C 211 14.60 -8.02 24.44
C HIS C 211 16.08 -7.99 24.79
N LEU C 212 16.43 -7.66 26.03
CA LEU C 212 17.85 -7.55 26.33
C LEU C 212 18.53 -8.91 26.43
N VAL C 213 17.79 -10.01 26.25
CA VAL C 213 18.43 -11.30 26.07
C VAL C 213 19.25 -11.32 24.78
N ASN C 214 18.82 -10.60 23.74
CA ASN C 214 19.46 -10.55 22.44
C ASN C 214 20.25 -9.28 22.18
N PHE C 215 19.83 -8.14 22.72
CA PHE C 215 20.42 -6.85 22.41
C PHE C 215 20.82 -6.15 23.70
N LYS C 216 21.55 -5.04 23.55
CA LYS C 216 22.08 -4.31 24.70
C LYS C 216 21.58 -2.86 24.76
N GLY C 217 20.67 -2.46 23.87
CA GLY C 217 20.16 -1.11 23.90
C GLY C 217 18.67 -1.03 24.20
N THR C 218 18.30 -0.15 25.12
CA THR C 218 16.91 -0.02 25.53
C THR C 218 16.74 1.34 26.18
N ASP C 219 15.54 1.89 26.06
CA ASP C 219 15.17 3.11 26.75
C ASP C 219 14.09 2.85 27.78
N THR C 220 13.65 1.60 27.92
CA THR C 220 12.66 1.19 28.92
C THR C 220 13.42 0.74 30.16
N VAL C 221 13.75 1.72 31.02
CA VAL C 221 14.64 1.45 32.14
C VAL C 221 14.04 0.46 33.11
N ALA C 222 12.72 0.25 33.06
CA ALA C 222 12.10 -0.73 33.95
C ALA C 222 12.72 -2.11 33.81
N GLY C 223 13.25 -2.44 32.63
CA GLY C 223 13.78 -3.76 32.41
C GLY C 223 15.06 -4.04 33.15
N LEU C 224 15.86 -3.00 33.40
CA LEU C 224 17.14 -3.16 34.11
C LEU C 224 16.90 -3.59 35.55
N ALA C 225 15.96 -2.95 36.23
CA ALA C 225 15.67 -3.31 37.62
C ALA C 225 15.16 -4.74 37.71
N LEU C 226 14.42 -5.20 36.69
CA LEU C 226 13.91 -6.55 36.71
C LEU C 226 15.05 -7.57 36.68
N ILE C 227 16.01 -7.36 35.77
CA ILE C 227 17.04 -8.36 35.53
C ILE C 227 17.96 -8.47 36.73
N LYS C 228 18.24 -7.35 37.41
CA LYS C 228 19.19 -7.44 38.50
C LYS C 228 18.57 -8.01 39.76
N LYS C 229 17.26 -7.81 39.96
CA LYS C 229 16.64 -8.35 41.18
C LYS C 229 16.32 -9.84 41.05
N TYR C 230 16.09 -10.34 39.83
CA TYR C 230 15.66 -11.72 39.64
C TYR C 230 16.67 -12.58 38.88
N TYR C 231 17.56 -11.98 38.09
CA TYR C 231 18.56 -12.75 37.35
C TYR C 231 19.98 -12.36 37.70
N GLY C 232 20.33 -11.08 37.61
CA GLY C 232 21.68 -10.63 37.91
C GLY C 232 22.67 -10.71 36.75
N THR C 233 23.58 -9.75 36.69
CA THR C 233 24.62 -9.73 35.66
C THR C 233 25.97 -9.45 36.26
N LYS C 234 27.00 -9.96 35.58
CA LYS C 234 28.39 -9.60 35.86
C LYS C 234 28.57 -8.08 35.84
N ASP C 235 28.09 -7.42 34.78
CA ASP C 235 28.24 -5.98 34.58
C ASP C 235 27.20 -5.19 35.38
N PRO C 236 27.42 -3.89 35.60
CA PRO C 236 26.43 -3.12 36.40
C PRO C 236 25.06 -3.06 35.73
N VAL C 237 25.01 -2.73 34.43
CA VAL C 237 23.75 -2.62 33.70
C VAL C 237 23.68 -3.63 32.56
N PRO C 238 22.55 -4.32 32.38
CA PRO C 238 22.37 -5.15 31.18
C PRO C 238 22.18 -4.32 29.91
N GLY C 239 21.68 -3.09 30.02
CA GLY C 239 21.32 -2.30 28.85
C GLY C 239 21.87 -0.88 28.93
N TYR C 240 21.96 -0.25 27.74
CA TYR C 240 22.55 1.07 27.59
C TYR C 240 21.69 1.96 26.70
N SER C 241 21.94 3.26 26.76
CA SER C 241 21.24 4.23 25.92
C SER C 241 22.12 5.47 25.72
N VAL C 242 21.60 6.42 24.95
CA VAL C 242 22.34 7.63 24.58
C VAL C 242 21.40 8.82 24.62
N PRO C 243 21.95 10.05 24.73
CA PRO C 243 21.09 11.24 24.70
C PRO C 243 20.42 11.40 23.34
N ALA C 244 19.15 11.79 23.36
CA ALA C 244 18.39 11.93 22.12
C ALA C 244 17.25 12.92 22.32
N ALA C 245 16.84 13.55 21.22
CA ALA C 245 15.80 14.57 21.24
C ALA C 245 14.43 13.96 20.94
N GLU C 246 13.38 14.61 21.43
CA GLU C 246 12.00 14.32 21.09
C GLU C 246 11.38 15.55 20.44
N HIS C 247 10.14 15.42 19.98
CA HIS C 247 9.52 16.53 19.24
C HIS C 247 9.36 17.77 20.13
N SER C 248 9.04 17.57 21.41
CA SER C 248 8.90 18.71 22.32
C SER C 248 10.22 19.45 22.51
N THR C 249 11.37 18.77 22.40
CA THR C 249 12.66 19.44 22.57
C THR C 249 13.08 20.24 21.34
N ILE C 250 12.46 20.01 20.19
CA ILE C 250 12.76 20.78 18.99
C ILE C 250 11.68 21.79 18.68
N THR C 251 10.41 21.42 18.87
CA THR C 251 9.33 22.34 18.57
C THR C 251 9.25 23.47 19.60
N ALA C 252 9.74 23.25 20.84
CA ALA C 252 9.67 24.27 21.86
C ALA C 252 10.43 25.54 21.47
N TRP C 253 11.39 25.43 20.55
CA TRP C 253 12.13 26.60 20.08
C TRP C 253 11.34 27.43 19.07
N GLY C 254 10.29 26.88 18.48
CA GLY C 254 9.57 27.57 17.42
C GLY C 254 9.95 27.04 16.04
N LYS C 255 9.06 27.29 15.07
CA LYS C 255 9.25 26.74 13.73
C LYS C 255 10.47 27.35 13.04
N ASP C 256 10.66 28.66 13.20
CA ASP C 256 11.78 29.33 12.54
C ASP C 256 13.11 29.10 13.24
N HIS C 257 13.12 28.39 14.38
CA HIS C 257 14.33 28.23 15.18
C HIS C 257 14.71 26.76 15.31
N GLU C 258 14.32 25.94 14.35
CA GLU C 258 14.65 24.53 14.38
C GLU C 258 16.16 24.39 14.31
N LYS C 259 16.79 25.20 13.46
CA LYS C 259 18.24 25.16 13.30
C LYS C 259 18.96 25.52 14.59
N ASP C 260 18.45 26.53 15.29
CA ASP C 260 19.04 26.95 16.55
C ASP C 260 18.94 25.82 17.58
N ALA C 261 17.80 25.16 17.60
CA ALA C 261 17.58 24.05 18.52
C ALA C 261 18.55 22.91 18.23
N PHE C 262 18.77 22.63 16.95
CA PHE C 262 19.67 21.55 16.56
C PHE C 262 21.08 21.82 17.05
N GLU C 263 21.52 23.06 16.89
CA GLU C 263 22.86 23.43 17.31
C GLU C 263 23.04 23.34 18.81
N HIS C 264 22.03 23.79 19.56
CA HIS C 264 22.12 23.76 21.00
C HIS C 264 22.23 22.33 21.52
N ILE C 265 21.42 21.44 20.95
CA ILE C 265 21.43 20.04 21.39
C ILE C 265 22.75 19.32 21.10
N VAL C 266 23.29 19.52 19.91
CA VAL C 266 24.55 18.87 19.55
C VAL C 266 25.79 19.31 20.32
N THR C 267 25.94 20.61 20.57
CA THR C 267 27.10 21.12 21.31
C THR C 267 27.11 20.63 22.75
N GLN C 268 25.93 20.61 23.36
CA GLN C 268 25.76 20.19 24.75
C GLN C 268 26.15 18.74 24.94
N PHE C 269 25.81 17.93 23.95
CA PHE C 269 26.14 16.53 23.94
C PHE C 269 27.28 16.28 22.92
N SER C 270 28.23 17.22 22.77
CA SER C 270 29.37 17.10 21.78
C SER C 270 30.19 15.79 22.12
N SER C 271 30.37 15.43 23.40
CA SER C 271 31.11 14.20 23.81
C SER C 271 30.54 12.81 23.45
N VAL C 272 29.22 12.62 23.56
CA VAL C 272 28.59 11.33 23.31
C VAL C 272 27.74 11.30 22.04
N PRO C 273 27.48 10.11 21.50
CA PRO C 273 26.66 10.09 20.29
C PRO C 273 25.28 10.64 20.62
N VAL C 274 24.76 11.51 19.77
CA VAL C 274 23.45 12.08 20.02
C VAL C 274 22.51 11.85 18.86
N SER C 275 21.30 11.47 19.17
CA SER C 275 20.36 11.28 18.16
C SER C 275 19.31 12.34 18.21
N VAL C 276 19.03 12.89 17.06
CA VAL C 276 18.09 13.96 17.01
C VAL C 276 17.01 13.72 15.98
N VAL C 277 15.76 13.98 16.35
CA VAL C 277 14.66 13.79 15.43
C VAL C 277 14.64 14.96 14.46
N SER C 278 14.67 14.65 13.17
CA SER C 278 14.69 15.69 12.13
C SER C 278 13.39 15.82 11.33
N ASP C 279 12.34 15.15 11.78
CA ASP C 279 11.07 15.18 11.05
C ASP C 279 10.02 16.14 11.59
N SER C 280 10.42 17.04 12.48
CA SER C 280 9.46 17.94 13.11
C SER C 280 8.70 18.79 12.09
N TYR C 281 9.38 19.32 11.09
CA TYR C 281 8.69 20.09 10.08
C TYR C 281 8.91 19.44 8.72
N ASP C 282 10.13 19.54 8.20
CA ASP C 282 10.46 18.89 6.94
C ASP C 282 11.77 18.16 7.12
N ILE C 283 11.73 16.83 7.15
CA ILE C 283 12.94 16.05 7.35
C ILE C 283 13.98 16.21 6.23
N TYR C 284 13.51 16.24 4.99
CA TYR C 284 14.41 16.37 3.86
C TYR C 284 15.15 17.70 3.85
N ASN C 285 14.45 18.77 4.20
CA ASN C 285 15.07 20.10 4.25
C ASN C 285 16.16 20.19 5.29
N ALA C 286 15.92 19.61 6.45
CA ALA C 286 16.89 19.66 7.54
C ALA C 286 18.20 18.97 7.20
N CYS C 287 18.12 17.78 6.60
CA CYS C 287 19.33 17.07 6.24
C CYS C 287 20.13 17.81 5.18
N GLU C 288 19.45 18.29 4.16
CA GLU C 288 20.09 19.01 3.08
C GLU C 288 20.68 20.37 3.44
N LYS C 289 19.94 21.16 4.22
CA LYS C 289 20.45 22.49 4.55
C LYS C 289 20.95 22.70 5.97
N ILE C 290 20.14 22.40 6.97
CA ILE C 290 20.61 22.62 8.33
C ILE C 290 21.79 21.72 8.68
N TRP C 291 21.64 20.42 8.41
CA TRP C 291 22.73 19.48 8.64
C TRP C 291 23.85 19.65 7.62
N GLY C 292 23.44 19.79 6.36
CA GLY C 292 24.35 19.93 5.24
C GLY C 292 25.23 21.16 5.13
N GLU C 293 24.66 22.34 5.40
CA GLU C 293 25.42 23.57 5.28
C GLU C 293 25.61 24.37 6.57
N ASP C 294 24.50 24.66 7.23
CA ASP C 294 24.52 25.46 8.47
C ASP C 294 25.27 24.82 9.64
N LEU C 295 25.07 23.53 9.84
CA LEU C 295 25.72 22.81 10.94
C LEU C 295 26.78 21.83 10.47
N ARG C 296 27.23 21.98 9.23
CA ARG C 296 28.21 21.06 8.67
C ARG C 296 29.53 21.00 9.42
N HIS C 297 30.05 22.15 9.85
CA HIS C 297 31.32 22.15 10.57
C HIS C 297 31.22 21.36 11.87
N LEU C 298 30.11 21.53 12.56
CA LEU C 298 29.88 20.82 13.83
C LEU C 298 29.80 19.31 13.66
N ILE C 299 29.19 18.87 12.56
CA ILE C 299 28.96 17.45 12.33
C ILE C 299 30.26 16.74 11.98
N VAL C 300 31.03 17.31 11.05
CA VAL C 300 32.30 16.69 10.65
C VAL C 300 33.27 16.64 11.82
N SER C 301 33.16 17.61 12.71
CA SER C 301 34.03 17.73 13.87
C SER C 301 33.93 16.53 14.80
N ARG C 302 32.75 15.93 14.83
CA ARG C 302 32.43 14.84 15.75
C ARG C 302 33.28 13.58 15.66
N SER C 303 33.55 13.02 16.83
CA SER C 303 34.35 11.82 16.98
C SER C 303 33.62 10.59 16.47
N THR C 304 34.39 9.56 16.12
CA THR C 304 33.85 8.31 15.64
C THR C 304 33.01 7.64 16.73
N GLN C 305 33.50 7.72 17.95
CA GLN C 305 32.87 7.18 19.14
C GLN C 305 31.52 7.85 19.44
N ALA C 306 31.42 9.14 19.12
CA ALA C 306 30.21 9.89 19.35
C ALA C 306 29.71 10.59 18.11
N PRO C 307 29.14 9.82 17.17
CA PRO C 307 28.59 10.29 15.90
C PRO C 307 27.22 10.92 16.08
N LEU C 308 26.77 11.66 15.06
CA LEU C 308 25.46 12.27 15.11
C LEU C 308 24.53 11.31 14.40
N ILE C 309 23.45 10.93 15.06
CA ILE C 309 22.51 10.01 14.48
C ILE C 309 21.28 10.78 14.07
N ILE C 310 20.94 10.72 12.78
CA ILE C 310 19.79 11.43 12.27
C ILE C 310 18.56 10.55 12.42
N ARG C 311 17.45 11.11 12.89
CA ARG C 311 16.25 10.33 13.15
C ARG C 311 15.07 10.76 12.30
N PRO C 312 14.69 9.95 11.30
CA PRO C 312 13.38 10.11 10.66
C PRO C 312 12.31 9.40 11.46
N ASP C 313 11.12 10.00 11.49
CA ASP C 313 10.01 9.46 12.26
C ASP C 313 8.69 9.50 11.51
N SER C 314 8.70 9.74 10.20
CA SER C 314 7.44 9.83 9.47
C SER C 314 7.62 9.45 8.01
N GLY C 315 6.50 9.14 7.39
CA GLY C 315 6.48 8.71 6.02
C GLY C 315 6.50 7.20 5.91
N ASN C 316 6.68 6.73 4.69
CA ASN C 316 6.89 5.32 4.47
C ASN C 316 8.28 4.94 4.99
N PRO C 317 8.39 3.93 5.87
CA PRO C 317 9.70 3.64 6.49
C PRO C 317 10.81 3.36 5.49
N LEU C 318 10.60 2.48 4.51
CA LEU C 318 11.68 2.15 3.58
C LEU C 318 11.99 3.32 2.65
N ASP C 319 10.96 4.00 2.13
CA ASP C 319 11.22 5.12 1.24
C ASP C 319 11.93 6.26 1.95
N THR C 320 11.57 6.50 3.22
CA THR C 320 12.17 7.63 3.95
C THR C 320 13.63 7.37 4.28
N VAL C 321 13.95 6.14 4.70
CA VAL C 321 15.34 5.79 5.00
C VAL C 321 16.22 6.01 3.77
N LEU C 322 15.75 5.55 2.61
CA LEU C 322 16.54 5.66 1.37
C LEU C 322 16.74 7.11 0.97
N LYS C 323 15.68 7.89 1.02
CA LYS C 323 15.73 9.29 0.61
C LYS C 323 16.68 10.09 1.49
N VAL C 324 16.62 9.85 2.80
CA VAL C 324 17.51 10.53 3.73
C VAL C 324 18.96 10.18 3.42
N LEU C 325 19.20 8.92 3.06
CA LEU C 325 20.57 8.46 2.81
C LEU C 325 21.17 9.16 1.59
N GLU C 326 20.41 9.29 0.51
CA GLU C 326 21.02 9.86 -0.69
C GLU C 326 21.11 11.38 -0.60
N ILE C 327 20.25 12.01 0.19
CA ILE C 327 20.44 13.43 0.53
C ILE C 327 21.74 13.61 1.30
N LEU C 328 22.01 12.70 2.24
CA LEU C 328 23.23 12.77 3.03
C LEU C 328 24.46 12.56 2.15
N GLY C 329 24.42 11.59 1.24
CA GLY C 329 25.56 11.35 0.36
C GLY C 329 25.85 12.50 -0.57
N LYS C 330 24.83 13.30 -0.88
CA LYS C 330 25.02 14.53 -1.64
C LYS C 330 25.92 15.51 -0.90
N LYS C 331 25.78 15.61 0.43
CA LYS C 331 26.50 16.61 1.21
C LYS C 331 27.67 16.06 2.02
N PHE C 332 27.86 14.74 2.05
CA PHE C 332 28.95 14.16 2.83
C PHE C 332 29.68 13.12 2.00
N PRO C 333 31.01 13.00 2.18
CA PRO C 333 31.78 12.00 1.42
C PRO C 333 31.42 10.58 1.84
N VAL C 334 31.08 9.75 0.87
CA VAL C 334 30.72 8.37 1.17
C VAL C 334 31.79 7.38 0.74
N THR C 335 32.35 6.70 1.72
CA THR C 335 33.38 5.68 1.50
C THR C 335 32.76 4.40 0.99
N GLU C 336 33.56 3.58 0.33
CA GLU C 336 33.07 2.30 -0.16
C GLU C 336 33.81 1.19 0.58
N ASN C 337 33.04 0.27 1.15
CA ASN C 337 33.58 -0.85 1.90
C ASN C 337 34.05 -1.98 0.99
N SER C 338 34.67 -2.99 1.60
CA SER C 338 35.19 -4.15 0.87
C SER C 338 34.08 -4.89 0.13
N LYS C 339 32.93 -5.01 0.78
CA LYS C 339 31.74 -5.65 0.21
C LYS C 339 31.21 -4.90 -1.02
N GLY C 340 31.36 -3.58 -1.05
CA GLY C 340 30.88 -2.77 -2.16
C GLY C 340 29.64 -1.95 -1.85
N TYR C 341 29.27 -1.90 -0.57
CA TYR C 341 28.10 -1.13 -0.15
C TYR C 341 28.49 0.21 0.47
N LYS C 342 27.83 1.27 0.02
CA LYS C 342 28.12 2.63 0.45
C LYS C 342 28.19 2.78 1.98
N LEU C 343 29.10 3.63 2.44
CA LEU C 343 29.32 3.83 3.89
C LEU C 343 29.51 5.31 4.19
N LEU C 344 28.69 5.81 5.11
CA LEU C 344 28.71 7.21 5.49
C LEU C 344 29.98 7.57 6.27
N PRO C 345 30.33 8.85 6.33
CA PRO C 345 31.46 9.25 7.18
C PRO C 345 31.19 8.85 8.62
N PRO C 346 32.25 8.58 9.38
CA PRO C 346 32.05 7.99 10.72
C PRO C 346 31.26 8.86 11.68
N TYR C 347 31.27 10.17 11.49
CA TYR C 347 30.55 11.04 12.42
C TYR C 347 29.04 11.08 12.17
N LEU C 348 28.54 10.44 11.11
CA LEU C 348 27.14 10.54 10.74
C LEU C 348 26.54 9.15 10.57
N ARG C 349 25.41 8.93 11.22
CA ARG C 349 24.63 7.69 11.08
C ARG C 349 23.15 8.03 11.15
N VAL C 350 22.31 7.00 10.99
CA VAL C 350 20.86 7.14 10.89
C VAL C 350 20.18 6.02 11.68
N ILE C 351 19.02 6.34 12.27
CA ILE C 351 18.19 5.35 12.95
C ILE C 351 16.74 5.50 12.51
N GLN C 352 16.11 4.41 12.09
CA GLN C 352 14.70 4.38 11.71
C GLN C 352 13.89 3.84 12.89
N GLY C 353 13.05 4.70 13.47
CA GLY C 353 12.35 4.37 14.70
C GLY C 353 10.86 4.17 14.55
N ASP C 354 10.30 4.63 13.44
CA ASP C 354 8.86 4.62 13.21
C ASP C 354 8.46 3.39 12.41
N GLY C 355 7.39 2.73 12.83
CA GLY C 355 6.83 1.65 12.05
C GLY C 355 7.72 0.44 11.87
N VAL C 356 8.46 0.07 12.92
CA VAL C 356 9.39 -1.05 12.87
C VAL C 356 8.75 -2.27 13.53
N ASP C 357 8.62 -3.36 12.78
CA ASP C 357 8.28 -4.67 13.34
C ASP C 357 9.11 -5.70 12.59
N ILE C 358 8.87 -6.99 12.87
CA ILE C 358 9.67 -8.04 12.25
C ILE C 358 9.52 -8.02 10.73
N ASN C 359 8.36 -7.62 10.24
CA ASN C 359 8.11 -7.62 8.80
C ASN C 359 8.77 -6.43 8.11
N THR C 360 8.44 -5.21 8.56
CA THR C 360 9.00 -4.00 7.95
C THR C 360 10.52 -3.94 8.13
N LEU C 361 11.05 -4.50 9.22
CA LEU C 361 12.51 -4.56 9.37
C LEU C 361 13.13 -5.33 8.23
N GLN C 362 12.59 -6.52 7.95
CA GLN C 362 13.01 -7.29 6.78
C GLN C 362 12.89 -6.47 5.50
N GLU C 363 11.81 -5.71 5.35
CA GLU C 363 11.65 -4.90 4.14
C GLU C 363 12.76 -3.86 4.02
N ILE C 364 13.07 -3.16 5.11
CA ILE C 364 13.97 -2.02 4.97
C ILE C 364 15.42 -2.48 4.79
N VAL C 365 15.85 -3.54 5.47
CA VAL C 365 17.21 -4.00 5.24
C VAL C 365 17.35 -4.54 3.83
N GLU C 366 16.35 -5.30 3.36
CA GLU C 366 16.40 -5.80 1.99
C GLU C 366 16.45 -4.65 0.99
N GLY C 367 15.65 -3.60 1.24
CA GLY C 367 15.66 -2.46 0.34
C GLY C 367 17.00 -1.76 0.29
N MET C 368 17.63 -1.58 1.45
CA MET C 368 18.96 -0.96 1.51
C MET C 368 20.02 -1.79 0.80
N LYS C 369 19.91 -3.13 0.82
CA LYS C 369 20.87 -3.96 0.09
C LYS C 369 20.71 -3.77 -1.41
N GLN C 370 19.47 -3.63 -1.89
CA GLN C 370 19.23 -3.43 -3.31
C GLN C 370 19.83 -2.13 -3.81
N LYS C 371 19.78 -1.06 -3.01
CA LYS C 371 20.39 0.21 -3.39
C LYS C 371 21.83 0.32 -2.92
N MET C 372 22.46 -0.82 -2.62
CA MET C 372 23.88 -0.93 -2.30
C MET C 372 24.29 -0.02 -1.14
N TRP C 373 23.39 0.14 -0.18
CA TRP C 373 23.70 0.73 1.12
C TRP C 373 23.91 -0.38 2.14
N SER C 374 24.92 -0.21 2.98
CA SER C 374 25.27 -1.24 3.96
C SER C 374 24.60 -0.95 5.32
N ILE C 375 24.21 -2.04 5.99
CA ILE C 375 23.49 -1.97 7.24
C ILE C 375 24.30 -1.33 8.38
N GLU C 376 25.59 -1.06 8.19
CA GLU C 376 26.35 -0.33 9.20
C GLU C 376 25.83 1.09 9.40
N ASN C 377 25.14 1.66 8.40
CA ASN C 377 24.67 3.03 8.52
C ASN C 377 23.46 3.14 9.44
N ILE C 378 22.66 2.08 9.54
CA ILE C 378 21.31 2.16 10.10
C ILE C 378 21.26 1.45 11.45
N ALA C 379 20.37 1.96 12.30
CA ALA C 379 19.92 1.26 13.49
C ALA C 379 18.41 1.33 13.51
N PHE C 380 17.77 0.44 14.26
CA PHE C 380 16.32 0.43 14.29
C PHE C 380 15.80 0.54 15.72
N GLY C 381 14.75 1.35 15.88
CA GLY C 381 14.11 1.50 17.16
C GLY C 381 12.72 0.93 17.00
N SER C 382 12.36 -0.01 17.87
CA SER C 382 11.04 -0.62 17.80
C SER C 382 10.33 -0.40 19.12
N GLY C 383 9.08 0.05 19.06
CA GLY C 383 8.33 0.29 20.28
C GLY C 383 7.15 -0.65 20.46
N GLY C 384 6.00 -0.29 19.91
CA GLY C 384 4.82 -1.11 20.04
C GLY C 384 4.95 -2.47 19.41
N GLY C 385 5.54 -2.53 18.22
CA GLY C 385 5.69 -3.78 17.53
C GLY C 385 6.57 -4.75 18.28
N LEU C 386 7.67 -4.23 18.81
CA LEU C 386 8.62 -5.03 19.57
C LEU C 386 8.07 -5.60 20.88
N LEU C 387 7.35 -4.78 21.63
CA LEU C 387 6.84 -5.22 22.93
C LEU C 387 5.34 -5.43 23.09
N GLN C 388 4.52 -4.79 22.26
CA GLN C 388 3.07 -4.95 22.44
C GLN C 388 2.30 -5.74 21.39
N LYS C 389 2.75 -5.73 20.15
CA LYS C 389 1.99 -6.45 19.13
C LYS C 389 2.34 -7.92 19.01
N LEU C 390 2.11 -8.66 20.08
CA LEU C 390 2.35 -10.07 20.17
C LEU C 390 1.20 -10.64 20.96
N THR C 391 0.81 -11.87 20.64
CA THR C 391 -0.28 -12.51 21.34
C THR C 391 0.14 -13.93 21.67
N ARG C 392 -0.58 -14.53 22.59
CA ARG C 392 -0.29 -15.88 22.99
C ARG C 392 -0.50 -16.79 21.80
N ASP C 393 -1.27 -16.31 20.84
CA ASP C 393 -1.62 -17.12 19.68
C ASP C 393 -0.40 -17.39 18.79
N LEU C 394 0.58 -16.49 18.81
CA LEU C 394 1.63 -16.47 17.80
C LEU C 394 2.42 -17.78 17.79
N LEU C 395 2.92 -18.18 18.96
CA LEU C 395 3.62 -19.44 19.12
C LEU C 395 2.75 -20.53 19.73
N ASN C 396 1.47 -20.27 19.93
CA ASN C 396 0.55 -21.27 20.49
C ASN C 396 1.02 -21.81 21.86
N CYS C 397 1.53 -20.93 22.71
CA CYS C 397 1.97 -21.39 24.01
C CYS C 397 0.73 -21.92 24.72
N SER C 398 0.83 -23.12 25.27
CA SER C 398 -0.32 -23.71 25.94
C SER C 398 0.04 -24.56 27.14
N PHE C 399 -0.90 -24.68 28.06
CA PHE C 399 -0.72 -25.47 29.27
C PHE C 399 -1.77 -26.56 29.24
N LYS C 400 -1.34 -27.81 29.37
CA LYS C 400 -2.28 -28.93 29.33
C LYS C 400 -1.92 -30.02 30.33
N CYS C 401 -2.91 -30.84 30.67
CA CYS C 401 -2.71 -31.94 31.60
C CYS C 401 -2.60 -33.23 30.82
N SER C 402 -1.49 -33.94 30.99
CA SER C 402 -1.29 -35.19 30.29
C SER C 402 -1.36 -36.45 31.15
N TYR C 403 -1.10 -36.30 32.45
CA TYR C 403 -1.12 -37.44 33.36
C TYR C 403 -1.91 -37.22 34.64
N VAL C 404 -2.80 -38.16 34.97
CA VAL C 404 -3.60 -38.07 36.19
C VAL C 404 -3.65 -39.41 36.89
N VAL C 405 -3.73 -39.40 38.21
CA VAL C 405 -3.84 -40.64 38.95
C VAL C 405 -5.08 -40.64 39.81
N THR C 406 -5.96 -41.61 39.59
CA THR C 406 -7.17 -41.76 40.37
C THR C 406 -7.24 -43.19 40.84
N ASN C 407 -7.46 -43.38 42.14
CA ASN C 407 -7.52 -44.70 42.80
C ASN C 407 -6.27 -45.55 42.60
N GLY C 408 -5.11 -44.90 42.57
CA GLY C 408 -3.83 -45.58 42.39
C GLY C 408 -3.49 -45.94 40.95
N LEU C 409 -4.33 -45.51 40.01
CA LEU C 409 -4.15 -45.82 38.60
C LEU C 409 -3.88 -44.57 37.80
N GLY C 410 -2.85 -44.62 36.97
CA GLY C 410 -2.50 -43.49 36.15
C GLY C 410 -2.90 -43.72 34.72
N ILE C 411 -3.65 -42.77 34.17
CA ILE C 411 -4.09 -42.85 32.79
C ILE C 411 -3.63 -41.60 32.08
N ASN C 412 -3.02 -41.75 30.91
CA ASN C 412 -2.58 -40.60 30.15
C ASN C 412 -3.79 -39.84 29.67
N VAL C 413 -3.74 -38.52 29.74
CA VAL C 413 -4.88 -37.70 29.32
C VAL C 413 -4.51 -36.73 28.21
N PHE C 414 -5.42 -36.55 27.28
CA PHE C 414 -5.19 -35.65 26.15
C PHE C 414 -6.50 -35.13 25.58
N LYS C 415 -6.41 -34.06 24.80
CA LYS C 415 -7.57 -33.48 24.16
C LYS C 415 -7.38 -33.62 22.66
N ASP C 416 -8.36 -34.17 21.97
CA ASP C 416 -8.27 -34.35 20.53
C ASP C 416 -9.52 -33.88 19.80
N PRO C 417 -9.67 -32.56 19.64
CA PRO C 417 -10.85 -32.02 18.98
C PRO C 417 -10.96 -32.48 17.53
N VAL C 418 -12.15 -32.87 17.12
CA VAL C 418 -12.36 -33.36 15.76
C VAL C 418 -12.07 -32.29 14.71
N ALA C 419 -12.47 -31.06 14.96
CA ALA C 419 -12.21 -30.00 14.00
C ALA C 419 -10.79 -29.55 13.86
N ASP C 420 -10.06 -29.44 14.98
CA ASP C 420 -8.68 -28.99 14.87
C ASP C 420 -7.66 -30.06 15.24
N PRO C 421 -6.84 -30.47 14.25
CA PRO C 421 -5.76 -31.45 14.40
C PRO C 421 -4.66 -30.95 15.33
N ASN C 422 -4.39 -29.65 15.18
CA ASN C 422 -3.36 -28.89 15.89
C ASN C 422 -3.50 -28.80 17.39
N LYS C 423 -4.75 -28.78 17.85
CA LYS C 423 -5.06 -28.69 19.29
C LYS C 423 -4.75 -29.92 20.14
N ARG C 424 -4.48 -31.06 19.49
CA ARG C 424 -4.16 -32.30 20.17
C ARG C 424 -2.94 -32.12 21.07
N SER C 425 -2.99 -32.74 22.24
CA SER C 425 -1.93 -32.62 23.23
C SER C 425 -1.23 -33.94 23.54
N LYS C 426 -0.03 -33.84 24.08
CA LYS C 426 0.80 -34.99 24.44
C LYS C 426 0.21 -35.85 25.55
N LYS C 427 0.48 -37.15 25.48
CA LYS C 427 -0.02 -38.15 26.42
C LYS C 427 1.03 -38.48 27.48
N GLY C 428 0.56 -38.66 28.73
CA GLY C 428 1.33 -39.20 29.85
C GLY C 428 2.44 -38.29 30.39
N ARG C 429 3.34 -38.92 31.14
CA ARG C 429 4.49 -38.20 31.69
C ARG C 429 5.49 -37.90 30.59
N LEU C 430 6.09 -36.72 30.64
CA LEU C 430 6.90 -36.19 29.55
C LEU C 430 8.34 -35.93 29.98
N SER C 431 9.24 -36.00 29.01
CA SER C 431 10.66 -35.74 29.22
C SER C 431 11.23 -35.16 27.94
N LEU C 432 12.22 -34.28 28.08
CA LEU C 432 12.85 -33.67 26.93
C LEU C 432 14.25 -34.21 26.78
N HIS C 433 14.56 -34.73 25.59
CA HIS C 433 15.86 -35.31 25.33
C HIS C 433 16.52 -34.76 24.09
N ARG C 434 17.85 -34.78 24.10
CA ARG C 434 18.63 -34.31 22.98
C ARG C 434 19.20 -35.55 22.31
N THR C 435 18.97 -35.66 21.01
CA THR C 435 19.44 -36.79 20.23
C THR C 435 20.94 -36.72 19.96
N PRO C 436 21.52 -37.85 19.52
CA PRO C 436 22.93 -37.98 19.14
C PRO C 436 23.21 -37.07 17.96
N ALA C 437 22.27 -37.01 17.03
CA ALA C 437 22.32 -36.15 15.85
C ALA C 437 22.33 -34.66 16.24
N GLY C 438 21.62 -34.33 17.31
CA GLY C 438 21.52 -32.97 17.80
C GLY C 438 20.11 -32.42 17.76
N ASN C 439 19.18 -33.24 17.30
CA ASN C 439 17.77 -32.87 17.24
C ASN C 439 17.13 -32.94 18.62
N PHE C 440 15.98 -32.28 18.78
CA PHE C 440 15.27 -32.29 20.05
C PHE C 440 14.03 -33.15 19.94
N VAL C 441 13.84 -34.05 20.88
CA VAL C 441 12.68 -34.92 20.86
C VAL C 441 11.99 -34.97 22.22
N THR C 442 10.66 -35.02 22.22
CA THR C 442 9.88 -35.09 23.44
C THR C 442 9.28 -36.47 23.51
N LEU C 443 9.53 -37.16 24.62
CA LEU C 443 9.08 -38.53 24.80
C LEU C 443 7.80 -38.55 25.63
N GLU C 444 6.80 -39.31 25.18
CA GLU C 444 5.50 -39.35 25.81
C GLU C 444 5.32 -40.66 26.59
N GLU C 445 4.22 -40.72 27.35
CA GLU C 445 3.82 -41.94 28.07
C GLU C 445 4.96 -42.49 28.94
N GLY C 446 5.71 -41.57 29.56
CA GLY C 446 6.76 -41.94 30.49
C GLY C 446 7.92 -42.72 29.89
N LYS C 447 8.10 -42.64 28.56
CA LYS C 447 9.12 -43.46 27.88
C LYS C 447 10.54 -42.96 28.11
N GLY C 448 10.73 -41.78 28.71
CA GLY C 448 12.07 -41.38 29.10
C GLY C 448 12.67 -42.21 30.23
N ASP C 449 11.85 -43.05 30.87
CA ASP C 449 12.33 -43.90 31.96
C ASP C 449 13.39 -44.89 31.49
N LEU C 450 13.34 -45.30 30.24
CA LEU C 450 14.30 -46.29 29.74
C LEU C 450 15.69 -45.70 29.51
N GLU C 451 15.81 -44.37 29.55
CA GLU C 451 17.08 -43.66 29.39
C GLU C 451 17.83 -44.10 28.12
N GLU C 452 17.08 -44.29 27.04
CA GLU C 452 17.70 -44.55 25.75
C GLU C 452 18.30 -43.28 25.16
N TYR C 453 17.70 -42.12 25.45
CA TYR C 453 18.15 -40.86 24.88
C TYR C 453 18.95 -40.01 25.86
N GLY C 454 19.38 -40.60 26.98
CA GLY C 454 20.22 -39.90 27.94
C GLY C 454 19.46 -39.15 29.00
N GLN C 455 20.08 -38.07 29.50
CA GLN C 455 19.50 -37.24 30.53
C GLN C 455 18.19 -36.62 30.06
N ASP C 456 17.30 -36.34 31.00
CA ASP C 456 16.19 -35.41 30.76
C ASP C 456 16.71 -33.98 30.92
N LEU C 457 16.38 -33.13 29.95
CA LEU C 457 16.82 -31.74 29.99
C LEU C 457 15.98 -30.88 30.92
N LEU C 458 14.83 -31.36 31.37
CA LEU C 458 14.03 -30.62 32.33
C LEU C 458 14.65 -30.77 33.71
N HIS C 459 15.04 -29.65 34.32
CA HIS C 459 15.56 -29.65 35.68
C HIS C 459 14.53 -29.09 36.65
N THR C 460 14.38 -29.73 37.81
CA THR C 460 13.54 -29.17 38.86
C THR C 460 14.01 -27.75 39.19
N VAL C 461 13.11 -26.78 38.99
CA VAL C 461 13.42 -25.39 39.33
C VAL C 461 12.59 -24.88 40.51
N PHE C 462 11.57 -25.63 40.92
CA PHE C 462 10.70 -25.24 42.03
C PHE C 462 10.20 -26.51 42.69
N LYS C 463 10.24 -26.55 44.01
CA LYS C 463 9.69 -27.67 44.76
C LYS C 463 9.30 -27.19 46.16
N ASN C 464 8.06 -27.46 46.54
CA ASN C 464 7.53 -27.20 47.88
C ASN C 464 7.91 -25.81 48.38
N GLY C 465 7.66 -24.80 47.55
CA GLY C 465 7.85 -23.42 47.92
C GLY C 465 9.25 -22.85 47.80
N LYS C 466 10.20 -23.62 47.25
CA LYS C 466 11.62 -23.23 47.21
C LYS C 466 12.14 -23.23 45.79
N VAL C 467 12.97 -22.24 45.45
CA VAL C 467 13.63 -22.17 44.14
C VAL C 467 14.88 -23.05 44.19
N THR C 468 14.83 -24.21 43.54
CA THR C 468 15.91 -25.18 43.60
C THR C 468 17.04 -24.91 42.61
N LYS C 469 16.76 -24.28 41.45
CA LYS C 469 17.81 -23.95 40.49
C LYS C 469 17.57 -22.57 39.90
N SER C 470 18.65 -21.82 39.68
CA SER C 470 18.58 -20.48 39.12
C SER C 470 19.65 -20.28 38.07
N TYR C 471 19.39 -19.39 37.11
CA TYR C 471 20.33 -19.03 36.05
C TYR C 471 20.52 -17.53 36.02
N SER C 472 21.77 -17.08 36.02
CA SER C 472 22.04 -15.67 35.82
C SER C 472 21.62 -15.22 34.41
N PHE C 473 21.49 -13.90 34.25
CA PHE C 473 21.15 -13.34 32.94
C PHE C 473 22.28 -13.54 31.93
N ASP C 474 23.52 -13.71 32.41
CA ASP C 474 24.64 -13.96 31.51
C ASP C 474 24.55 -15.36 30.90
N GLU C 475 24.25 -16.37 31.73
CA GLU C 475 24.03 -17.71 31.19
C GLU C 475 22.90 -17.71 30.16
N ILE C 476 21.81 -17.02 30.48
CA ILE C 476 20.67 -17.01 29.57
C ILE C 476 21.07 -16.42 28.23
N ARG C 477 21.82 -15.32 28.25
CA ARG C 477 22.26 -14.69 27.02
C ARG C 477 23.14 -15.63 26.19
N LYS C 478 24.03 -16.35 26.84
CA LYS C 478 24.92 -17.27 26.15
C LYS C 478 24.13 -18.38 25.47
N ASN C 479 23.12 -18.89 26.17
CA ASN C 479 22.28 -19.96 25.64
C ASN C 479 21.50 -19.55 24.39
N ALA C 480 21.04 -18.31 24.38
CA ALA C 480 20.24 -17.78 23.29
C ALA C 480 21.04 -17.21 22.13
N GLN C 481 22.37 -17.24 22.24
CA GLN C 481 23.21 -16.69 21.19
C GLN C 481 23.03 -17.40 19.85
N LEU C 482 23.16 -16.63 18.78
CA LEU C 482 22.99 -17.12 17.41
C LEU C 482 24.09 -18.05 16.91
N ASN C 483 23.74 -18.87 15.93
CA ASN C 483 24.67 -19.80 15.29
C ASN C 483 25.39 -19.17 14.11
N GLU D 8 10.11 -1.16 45.84
CA GLU D 8 9.11 -0.10 45.74
C GLU D 8 9.26 0.72 44.46
N PHE D 9 8.13 1.19 43.94
CA PHE D 9 8.11 1.92 42.67
C PHE D 9 8.83 3.25 42.78
N ASN D 10 9.75 3.49 41.85
CA ASN D 10 10.51 4.74 41.78
C ASN D 10 10.22 5.42 40.45
N ILE D 11 9.49 6.54 40.51
CA ILE D 11 9.07 7.29 39.33
C ILE D 11 10.26 7.91 38.61
N LEU D 12 11.37 8.12 39.31
CA LEU D 12 12.55 8.67 38.65
C LEU D 12 13.13 7.67 37.66
N LEU D 13 12.85 6.38 37.83
CA LEU D 13 13.29 5.32 36.94
C LEU D 13 12.17 4.78 36.06
N ALA D 14 11.06 5.52 35.94
CA ALA D 14 9.88 5.05 35.21
C ALA D 14 9.59 5.91 33.97
N THR D 15 10.62 6.34 33.27
CA THR D 15 10.45 7.16 32.08
C THR D 15 11.42 6.65 31.03
N ASP D 16 11.14 7.00 29.78
CA ASP D 16 12.05 6.68 28.68
C ASP D 16 13.40 7.32 28.94
N SER D 17 14.48 6.59 28.64
CA SER D 17 15.78 7.03 29.12
C SER D 17 16.21 8.33 28.47
N TYR D 18 15.86 8.56 27.20
CA TYR D 18 16.31 9.80 26.58
C TYR D 18 15.68 11.02 27.23
N LYS D 19 14.52 10.87 27.87
CA LYS D 19 13.89 11.99 28.57
C LYS D 19 14.72 12.47 29.75
N VAL D 20 15.62 11.63 30.27
CA VAL D 20 16.55 12.04 31.31
C VAL D 20 17.35 13.26 30.86
N THR D 21 17.69 13.34 29.58
CA THR D 21 18.55 14.40 29.07
C THR D 21 17.79 15.62 28.56
N HIS D 22 16.46 15.60 28.58
CA HIS D 22 15.70 16.66 27.92
C HIS D 22 15.79 17.99 28.65
N TYR D 23 16.09 18.01 29.96
CA TYR D 23 16.15 19.28 30.66
C TYR D 23 17.25 20.19 30.14
N LYS D 24 18.23 19.65 29.43
CA LYS D 24 19.26 20.45 28.78
C LYS D 24 18.88 20.86 27.36
N GLN D 25 17.80 20.30 26.79
CA GLN D 25 17.51 20.49 25.38
C GLN D 25 16.50 21.59 25.09
N TYR D 26 15.58 21.88 26.01
CA TYR D 26 14.61 22.94 25.78
C TYR D 26 15.34 24.29 25.66
N PRO D 27 14.67 25.32 25.14
CA PRO D 27 15.32 26.64 25.06
C PRO D 27 15.61 27.17 26.45
N PRO D 28 16.76 27.81 26.66
CA PRO D 28 17.00 28.45 27.96
C PRO D 28 15.91 29.46 28.26
N ASN D 29 15.63 29.60 29.56
CA ASN D 29 14.57 30.48 30.05
C ASN D 29 13.15 29.92 29.88
N THR D 30 13.01 28.59 29.77
CA THR D 30 11.68 28.04 29.55
C THR D 30 10.94 27.74 30.84
N SER D 31 10.08 28.67 31.25
CA SER D 31 9.28 28.55 32.46
C SER D 31 8.18 27.48 32.50
N LYS D 32 7.45 27.32 31.40
CA LYS D 32 6.34 26.37 31.38
C LYS D 32 6.21 25.50 30.12
N VAL D 33 5.82 24.24 30.31
CA VAL D 33 5.58 23.32 29.22
C VAL D 33 4.14 22.82 29.34
N TYR D 34 3.36 22.93 28.27
CA TYR D 34 1.96 22.51 28.28
C TYR D 34 1.83 21.37 27.29
N SER D 35 1.25 20.26 27.73
CA SER D 35 1.13 19.12 26.81
C SER D 35 -0.26 18.51 26.93
N TYR D 36 -0.65 17.74 25.91
CA TYR D 36 -2.01 17.25 25.81
C TYR D 36 -2.04 15.84 25.20
N PHE D 37 -3.21 15.20 25.32
CA PHE D 37 -3.41 13.80 24.96
C PHE D 37 -4.70 13.66 24.17
N GLU D 38 -4.66 12.95 23.07
CA GLU D 38 -5.83 12.76 22.25
C GLU D 38 -5.75 11.46 21.49
N CYS D 39 -6.87 11.06 20.91
CA CYS D 39 -6.90 9.88 20.08
C CYS D 39 -7.03 10.50 18.70
N ARG D 40 -5.97 10.42 17.92
CA ARG D 40 -5.94 11.06 16.61
C ARG D 40 -6.85 10.50 15.54
N GLU D 41 -7.40 11.42 14.75
CA GLU D 41 -8.26 11.10 13.62
C GLU D 41 -7.46 10.54 12.46
N LYS D 42 -8.04 9.62 11.71
CA LYS D 42 -7.36 9.04 10.56
C LYS D 42 -7.95 9.59 9.27
N VAL D 52 -13.36 -1.78 11.34
CA VAL D 52 -14.07 -1.00 12.35
C VAL D 52 -13.49 0.41 12.46
N LYS D 53 -14.38 1.39 12.31
CA LYS D 53 -14.01 2.81 12.35
C LYS D 53 -13.44 3.35 13.67
N TYR D 54 -13.99 2.92 14.80
CA TYR D 54 -13.57 3.39 16.13
C TYR D 54 -13.63 4.92 16.22
N GLU D 55 -14.74 5.48 15.76
CA GLU D 55 -14.95 6.92 15.75
C GLU D 55 -14.99 7.58 17.13
N GLU D 56 -15.61 6.95 18.10
CA GLU D 56 -15.71 7.50 19.45
C GLU D 56 -15.02 6.59 20.46
N THR D 57 -14.42 7.18 21.48
CA THR D 57 -13.72 6.40 22.50
C THR D 57 -14.16 6.62 23.94
N VAL D 58 -13.95 5.61 24.77
CA VAL D 58 -14.25 5.67 26.20
C VAL D 58 -13.00 6.16 26.93
N PHE D 59 -13.12 7.23 27.71
CA PHE D 59 -11.96 7.70 28.46
C PHE D 59 -11.98 7.06 29.84
N TYR D 60 -10.92 6.30 30.15
CA TYR D 60 -10.92 5.52 31.38
C TYR D 60 -9.50 5.09 31.70
N GLY D 61 -9.14 5.17 32.98
CA GLY D 61 -7.90 4.62 33.48
C GLY D 61 -6.93 5.64 34.05
N LEU D 62 -7.10 6.93 33.77
CA LEU D 62 -6.20 7.93 34.31
C LEU D 62 -6.23 7.94 35.84
N GLN D 63 -7.41 7.67 36.42
CA GLN D 63 -7.54 7.68 37.88
C GLN D 63 -6.60 6.66 38.53
N TYR D 64 -6.46 5.49 37.89
CA TYR D 64 -5.58 4.44 38.38
C TYR D 64 -4.13 4.89 38.38
N ILE D 65 -3.68 5.49 37.28
CA ILE D 65 -2.30 5.97 37.21
C ILE D 65 -2.06 7.08 38.24
N LEU D 66 -3.01 8.02 38.38
CA LEU D 66 -2.80 9.14 39.29
C LEU D 66 -2.59 8.66 40.72
N ASN D 67 -3.47 7.77 41.20
CA ASN D 67 -3.37 7.30 42.57
C ASN D 67 -2.14 6.40 42.80
N LYS D 68 -1.86 5.50 41.86
CA LYS D 68 -0.84 4.50 42.13
C LYS D 68 0.58 5.01 41.93
N TYR D 69 0.76 6.00 41.05
CA TYR D 69 2.10 6.38 40.64
C TYR D 69 2.43 7.86 40.78
N LEU D 70 1.43 8.76 40.85
CA LEU D 70 1.69 10.19 40.76
C LEU D 70 1.30 10.98 42.01
N LYS D 71 0.41 10.48 42.85
CA LYS D 71 -0.02 11.31 43.96
C LYS D 71 0.96 11.20 45.12
N GLY D 72 0.89 12.17 46.01
CA GLY D 72 1.65 12.14 47.23
C GLY D 72 3.12 12.46 47.01
N LYS D 73 3.91 12.12 48.05
CA LYS D 73 5.37 12.23 48.01
C LYS D 73 5.92 11.06 47.24
N VAL D 74 6.42 11.33 46.05
CA VAL D 74 6.93 10.31 45.15
C VAL D 74 8.43 10.44 44.94
N VAL D 75 9.07 11.38 45.62
CA VAL D 75 10.51 11.61 45.56
C VAL D 75 11.07 11.43 46.97
N THR D 76 12.09 10.59 47.11
CA THR D 76 12.87 10.44 48.33
C THR D 76 14.35 10.62 48.02
N LYS D 77 15.12 11.05 49.03
CA LYS D 77 16.57 11.11 48.88
C LYS D 77 17.18 9.82 48.34
N GLU D 78 16.71 8.67 48.80
CA GLU D 78 17.30 7.42 48.32
C GLU D 78 16.85 7.12 46.89
N LYS D 79 15.59 7.40 46.56
CA LYS D 79 15.14 7.29 45.17
C LYS D 79 16.00 8.18 44.27
N ILE D 80 16.43 9.33 44.75
CA ILE D 80 17.32 10.17 43.96
C ILE D 80 18.66 9.49 43.76
N GLN D 81 19.22 8.92 44.83
CA GLN D 81 20.51 8.26 44.71
C GLN D 81 20.41 7.04 43.82
N GLU D 82 19.36 6.22 44.01
CA GLU D 82 19.17 5.05 43.17
C GLU D 82 19.20 5.43 41.70
N ALA D 83 18.45 6.47 41.35
CA ALA D 83 18.41 6.96 39.97
C ALA D 83 19.78 7.40 39.49
N LYS D 84 20.46 8.24 40.28
CA LYS D 84 21.77 8.75 39.85
C LYS D 84 22.75 7.61 39.60
N ASP D 85 22.74 6.60 40.47
CA ASP D 85 23.63 5.46 40.28
C ASP D 85 23.28 4.72 39.00
N VAL D 86 21.99 4.45 38.81
CA VAL D 86 21.56 3.62 37.67
C VAL D 86 21.84 4.33 36.36
N TYR D 87 21.47 5.62 36.27
CA TYR D 87 21.60 6.32 35.00
C TYR D 87 23.05 6.54 34.60
N LYS D 88 23.97 6.71 35.56
CA LYS D 88 25.36 6.84 35.16
C LYS D 88 25.82 5.56 34.45
N GLU D 89 25.51 4.39 35.00
CA GLU D 89 25.92 3.15 34.34
C GLU D 89 25.22 2.98 33.00
N HIS D 90 23.90 3.20 32.99
CA HIS D 90 23.14 3.01 31.76
C HIS D 90 23.58 3.97 30.67
N PHE D 91 23.70 5.23 31.05
CA PHE D 91 24.16 6.29 30.15
C PHE D 91 25.64 6.26 29.81
N GLN D 92 26.44 5.86 30.80
CA GLN D 92 27.93 5.82 30.80
C GLN D 92 28.53 7.24 30.84
N ASP D 93 27.73 8.14 31.40
CA ASP D 93 28.01 9.56 31.58
C ASP D 93 27.08 10.05 32.71
N ASP D 94 27.28 11.26 33.19
CA ASP D 94 26.47 11.71 34.31
C ASP D 94 25.74 12.98 33.92
N VAL D 95 24.72 12.78 33.09
CA VAL D 95 23.84 13.86 32.64
C VAL D 95 22.52 13.88 33.40
N PHE D 96 22.39 13.03 34.41
CA PHE D 96 21.17 12.96 35.19
C PHE D 96 20.94 14.30 35.89
N ASN D 97 19.68 14.76 35.89
CA ASN D 97 19.34 16.02 36.51
C ASN D 97 19.10 15.86 38.00
N GLU D 98 20.18 15.67 38.75
CA GLU D 98 20.11 15.50 40.18
C GLU D 98 19.59 16.74 40.91
N LYS D 99 20.09 17.91 40.51
CA LYS D 99 19.68 19.14 41.17
C LYS D 99 18.20 19.45 41.00
N GLY D 100 17.66 19.22 39.81
CA GLY D 100 16.26 19.48 39.55
C GLY D 100 15.34 18.63 40.38
N TRP D 101 15.65 17.35 40.49
CA TRP D 101 14.85 16.43 41.29
C TRP D 101 14.92 16.80 42.76
N ASN D 102 16.09 17.21 43.20
CA ASN D 102 16.32 17.59 44.59
C ASN D 102 15.47 18.79 44.99
N TYR D 103 15.32 19.74 44.07
CA TYR D 103 14.55 20.94 44.32
C TYR D 103 13.11 20.58 44.62
N ILE D 104 12.55 19.65 43.86
CA ILE D 104 11.18 19.22 44.08
C ILE D 104 11.04 18.58 45.46
N LEU D 105 12.02 17.78 45.84
CA LEU D 105 11.98 17.12 47.13
C LEU D 105 12.04 18.11 48.29
N GLU D 106 12.92 19.09 48.23
CA GLU D 106 13.01 20.06 49.31
C GLU D 106 11.85 21.04 49.44
N LYS D 107 11.44 21.63 48.34
CA LYS D 107 10.35 22.61 48.34
C LYS D 107 8.93 22.12 48.60
N TYR D 108 8.57 21.01 47.96
CA TYR D 108 7.22 20.46 48.09
C TYR D 108 7.20 19.12 48.78
N ASP D 109 8.29 18.78 49.46
CA ASP D 109 8.39 17.47 50.11
C ASP D 109 8.14 16.35 49.10
N GLY D 110 8.71 16.49 47.91
CA GLY D 110 8.61 15.46 46.89
C GLY D 110 7.25 15.31 46.23
N HIS D 111 6.36 16.30 46.35
CA HIS D 111 5.07 16.28 45.67
C HIS D 111 5.23 16.93 44.30
N LEU D 112 4.74 16.26 43.27
CA LEU D 112 5.01 16.71 41.90
C LEU D 112 4.29 18.02 41.61
N PRO D 113 4.99 19.06 41.17
CA PRO D 113 4.32 20.33 40.82
C PRO D 113 3.72 20.27 39.42
N ILE D 114 2.60 19.54 39.31
CA ILE D 114 1.96 19.22 38.04
C ILE D 114 0.46 19.46 38.16
N GLU D 115 -0.12 20.16 37.17
CA GLU D 115 -1.57 20.27 37.02
C GLU D 115 -2.04 19.43 35.84
N ILE D 116 -3.02 18.58 36.09
CA ILE D 116 -3.61 17.72 35.06
C ILE D 116 -5.11 17.99 35.04
N LYS D 117 -5.61 18.37 33.88
CA LYS D 117 -7.05 18.47 33.65
C LYS D 117 -7.48 17.35 32.72
N ALA D 118 -8.69 16.83 32.94
CA ALA D 118 -9.14 15.66 32.23
C ALA D 118 -10.65 15.73 32.03
N VAL D 119 -11.11 15.15 30.93
CA VAL D 119 -12.54 14.95 30.70
C VAL D 119 -12.94 13.82 31.65
N PRO D 120 -14.18 13.81 32.15
CA PRO D 120 -14.56 12.78 33.12
C PRO D 120 -14.39 11.36 32.57
N GLU D 121 -14.06 10.44 33.48
CA GLU D 121 -13.86 9.05 33.10
C GLU D 121 -15.20 8.36 32.82
N GLY D 122 -15.30 7.70 31.69
CA GLY D 122 -16.55 7.16 31.21
C GLY D 122 -17.12 7.91 30.03
N PHE D 123 -16.67 9.15 29.81
CA PHE D 123 -17.24 9.94 28.74
C PHE D 123 -16.84 9.37 27.38
N VAL D 124 -17.81 9.31 26.49
CA VAL D 124 -17.56 8.89 25.11
C VAL D 124 -17.32 10.15 24.29
N ILE D 125 -16.14 10.22 23.67
CA ILE D 125 -15.62 11.44 23.02
C ILE D 125 -15.17 11.11 21.60
N PRO D 126 -15.56 11.93 20.62
CA PRO D 126 -15.15 11.70 19.24
C PRO D 126 -13.64 11.86 19.06
N ARG D 127 -13.11 11.21 18.03
CA ARG D 127 -11.68 11.22 17.74
C ARG D 127 -11.14 12.61 17.41
N GLY D 128 -9.90 12.89 17.82
CA GLY D 128 -9.30 14.17 17.53
C GLY D 128 -9.60 15.24 18.57
N ASN D 129 -10.26 14.83 19.65
CA ASN D 129 -10.62 15.73 20.73
C ASN D 129 -9.68 15.51 21.90
N VAL D 130 -9.20 16.59 22.49
CA VAL D 130 -8.30 16.48 23.62
C VAL D 130 -9.00 15.77 24.76
N LEU D 131 -8.29 14.85 25.42
CA LEU D 131 -8.84 14.10 26.53
C LEU D 131 -8.35 14.56 27.90
N PHE D 132 -7.06 14.85 27.99
CA PHE D 132 -6.50 15.36 29.24
C PHE D 132 -5.27 16.21 28.94
N THR D 133 -4.97 17.15 29.81
CA THR D 133 -3.82 18.02 29.61
C THR D 133 -2.99 18.10 30.86
N VAL D 134 -1.67 18.23 30.69
CA VAL D 134 -0.75 18.30 31.81
C VAL D 134 0.23 19.48 31.70
N GLU D 135 0.40 20.21 32.78
CA GLU D 135 1.32 21.36 32.82
C GLU D 135 2.06 21.45 34.15
N ASN D 136 3.15 22.18 34.17
CA ASN D 136 3.95 22.34 35.39
C ASN D 136 3.58 23.59 36.16
N THR D 137 3.32 23.42 37.46
CA THR D 137 2.97 24.52 38.34
C THR D 137 4.15 25.45 38.66
N ASP D 138 5.33 24.86 38.83
CA ASP D 138 6.55 25.60 39.16
C ASP D 138 7.38 25.79 37.91
N PRO D 139 7.86 27.02 37.68
CA PRO D 139 8.67 27.42 36.52
C PRO D 139 9.98 26.65 36.46
N GLU D 140 10.58 26.38 37.61
CA GLU D 140 11.85 25.65 37.64
C GLU D 140 11.70 24.25 37.05
N CYS D 141 10.59 23.58 37.32
CA CYS D 141 10.38 22.24 36.78
C CYS D 141 9.73 22.24 35.40
N TYR D 142 10.35 22.88 34.43
CA TYR D 142 9.81 22.92 33.08
C TYR D 142 9.78 21.54 32.44
N TRP D 143 10.83 20.77 32.69
CA TRP D 143 11.02 19.43 32.16
C TRP D 143 10.00 18.42 32.63
N LEU D 144 9.64 18.50 33.89
CA LEU D 144 8.72 17.54 34.51
C LEU D 144 7.48 17.18 33.69
N THR D 145 6.95 18.13 32.93
CA THR D 145 5.74 17.86 32.18
C THR D 145 5.90 16.69 31.21
N ASN D 146 7.03 16.60 30.53
CA ASN D 146 7.23 15.52 29.58
C ASN D 146 7.95 14.31 30.18
N TRP D 147 8.50 14.47 31.36
CA TRP D 147 9.15 13.36 32.04
C TRP D 147 8.11 12.29 32.34
N ILE D 148 6.92 12.74 32.70
CA ILE D 148 5.84 11.83 33.06
C ILE D 148 4.95 11.43 31.89
N GLU D 149 5.39 11.76 30.69
CA GLU D 149 4.61 11.43 29.51
C GLU D 149 4.47 9.93 29.36
N THR D 150 5.53 9.20 29.64
CA THR D 150 5.49 7.75 29.48
C THR D 150 4.45 7.09 30.37
N ILE D 151 4.40 7.49 31.64
CA ILE D 151 3.41 6.91 32.54
C ILE D 151 2.00 7.30 32.11
N LEU D 152 1.84 8.57 31.76
CA LEU D 152 0.57 9.13 31.30
C LEU D 152 0.09 8.54 30.00
N VAL D 153 1.03 8.28 29.07
CA VAL D 153 0.74 7.69 27.77
C VAL D 153 0.28 6.23 27.82
N GLN D 154 0.58 5.53 28.93
CA GLN D 154 0.21 4.12 29.20
C GLN D 154 -1.28 3.86 29.47
N SER D 155 -2.07 4.93 29.57
CA SER D 155 -3.52 4.98 29.73
C SER D 155 -4.31 4.59 28.47
N TRP D 156 -3.62 4.41 27.34
CA TRP D 156 -4.22 3.98 26.10
C TRP D 156 -4.87 2.60 26.27
N TYR D 157 -4.26 1.69 27.03
CA TYR D 157 -4.78 0.36 27.17
C TYR D 157 -6.15 0.34 27.81
N PRO D 158 -6.31 1.10 28.90
CA PRO D 158 -7.65 1.12 29.48
C PRO D 158 -8.64 1.74 28.51
N ILE D 159 -8.23 2.83 27.86
CA ILE D 159 -9.09 3.50 26.90
C ILE D 159 -9.42 2.61 25.70
N THR D 160 -8.40 1.95 25.15
CA THR D 160 -8.61 1.08 24.01
C THR D 160 -9.45 -0.14 24.35
N VAL D 161 -9.18 -0.74 25.50
CA VAL D 161 -9.95 -1.91 25.90
C VAL D 161 -11.40 -1.58 26.14
N ALA D 162 -11.65 -0.47 26.81
CA ALA D 162 -13.02 -0.07 27.09
C ALA D 162 -13.73 0.25 25.80
N THR D 163 -13.05 0.97 24.92
CA THR D 163 -13.62 1.36 23.63
C THR D 163 -13.90 0.18 22.73
N ASN D 164 -12.96 -0.77 22.67
CA ASN D 164 -13.16 -1.93 21.81
C ASN D 164 -14.26 -2.84 22.33
N SER D 165 -14.35 -3.01 23.66
CA SER D 165 -15.41 -3.87 24.19
C SER D 165 -16.76 -3.15 24.14
N ARG D 166 -16.77 -1.82 24.24
CA ARG D 166 -18.00 -1.07 24.02
C ARG D 166 -18.52 -1.27 22.61
N GLU D 167 -17.62 -1.25 21.62
CA GLU D 167 -18.02 -1.47 20.23
C GLU D 167 -18.65 -2.85 20.05
N GLN D 168 -18.08 -3.87 20.70
CA GLN D 168 -18.72 -5.18 20.67
C GLN D 168 -20.08 -5.13 21.37
N LYS D 169 -20.20 -4.33 22.42
CA LYS D 169 -21.49 -4.20 23.09
C LYS D 169 -22.57 -3.73 22.12
N LYS D 170 -22.20 -2.80 21.23
CA LYS D 170 -23.17 -2.29 20.26
C LYS D 170 -23.60 -3.38 19.28
N ILE D 171 -22.64 -4.17 18.77
CA ILE D 171 -22.98 -5.26 17.87
C ILE D 171 -23.98 -6.19 18.53
N LEU D 172 -23.70 -6.59 19.77
CA LEU D 172 -24.59 -7.50 20.49
C LEU D 172 -25.95 -6.87 20.75
N ALA D 173 -25.95 -5.60 21.14
CA ALA D 173 -27.21 -4.89 21.35
C ALA D 173 -28.02 -4.83 20.05
N LYS D 174 -27.35 -4.49 18.94
CA LYS D 174 -28.04 -4.38 17.66
C LYS D 174 -28.79 -5.68 17.34
N TYR D 175 -28.10 -6.81 17.46
CA TYR D 175 -28.65 -8.10 17.05
C TYR D 175 -29.56 -8.69 18.12
N LEU D 176 -29.23 -8.49 19.40
CA LEU D 176 -30.13 -8.99 20.44
C LEU D 176 -31.48 -8.29 20.36
N LEU D 177 -31.44 -6.99 20.04
CA LEU D 177 -32.66 -6.21 19.80
C LEU D 177 -33.40 -6.68 18.56
N GLU D 178 -32.68 -7.01 17.48
CA GLU D 178 -33.33 -7.36 16.22
C GLU D 178 -33.93 -8.78 16.26
N THR D 179 -33.37 -9.68 17.08
CA THR D 179 -33.78 -11.09 17.09
C THR D 179 -34.76 -11.42 18.20
N SER D 180 -34.83 -10.60 19.25
CA SER D 180 -35.68 -10.90 20.40
C SER D 180 -36.62 -9.77 20.80
N GLY D 181 -36.30 -8.51 20.47
CA GLY D 181 -37.14 -7.38 20.81
C GLY D 181 -36.85 -6.70 22.14
N ASN D 182 -35.73 -7.00 22.78
CA ASN D 182 -35.37 -6.39 24.06
C ASN D 182 -33.89 -6.60 24.28
N LEU D 183 -33.34 -5.90 25.28
CA LEU D 183 -31.92 -5.97 25.59
C LEU D 183 -31.64 -6.78 26.86
N ASP D 184 -32.55 -7.68 27.24
CA ASP D 184 -32.40 -8.37 28.53
C ASP D 184 -31.19 -9.29 28.52
N GLY D 185 -30.30 -9.07 29.47
CA GLY D 185 -29.10 -9.88 29.59
C GLY D 185 -27.93 -9.36 28.79
N LEU D 186 -28.11 -8.26 28.06
CA LEU D 186 -27.04 -7.73 27.23
C LEU D 186 -25.71 -7.66 27.99
N GLU D 187 -25.75 -7.30 29.27
CA GLU D 187 -24.57 -7.07 30.09
C GLU D 187 -23.77 -8.34 30.38
N TYR D 188 -24.30 -9.52 30.09
CA TYR D 188 -23.60 -10.78 30.32
C TYR D 188 -23.26 -11.54 29.03
N LYS D 189 -23.29 -10.88 27.87
CA LYS D 189 -23.13 -11.59 26.61
C LYS D 189 -21.69 -11.70 26.14
N LEU D 190 -20.81 -10.81 26.60
CA LEU D 190 -19.38 -10.92 26.32
C LEU D 190 -18.65 -11.17 27.63
N HIS D 191 -17.99 -12.32 27.73
CA HIS D 191 -17.36 -12.73 28.98
C HIS D 191 -15.85 -12.68 28.85
N ASP D 192 -15.18 -12.17 29.87
CA ASP D 192 -13.73 -12.03 29.85
C ASP D 192 -13.06 -13.38 30.13
N PHE D 193 -12.34 -13.89 29.14
CA PHE D 193 -11.59 -15.14 29.22
C PHE D 193 -10.10 -14.86 29.05
N GLY D 194 -9.72 -13.60 29.19
CA GLY D 194 -8.35 -13.18 28.96
C GLY D 194 -7.28 -13.16 30.03
N TYR D 195 -7.56 -13.68 31.22
CA TYR D 195 -6.57 -13.63 32.28
C TYR D 195 -5.28 -14.37 31.88
N ARG D 196 -5.41 -15.55 31.29
CA ARG D 196 -4.23 -16.28 30.82
C ARG D 196 -3.52 -15.57 29.67
N GLY D 197 -4.32 -14.98 28.78
CA GLY D 197 -3.84 -14.27 27.61
C GLY D 197 -2.99 -13.03 27.82
N VAL D 198 -3.33 -12.23 28.83
CA VAL D 198 -2.58 -11.01 29.09
C VAL D 198 -1.14 -11.28 29.51
N SER D 199 -0.26 -10.39 29.09
CA SER D 199 1.16 -10.48 29.36
C SER D 199 1.63 -10.41 30.82
N SER D 200 0.98 -9.58 31.63
CA SER D 200 1.44 -9.37 33.00
C SER D 200 0.25 -9.39 33.96
N GLN D 201 0.55 -9.56 35.25
CA GLN D 201 -0.49 -9.50 36.29
C GLN D 201 -1.14 -8.11 36.34
N GLU D 202 -0.31 -7.05 36.29
CA GLU D 202 -0.86 -5.70 36.32
C GLU D 202 -1.77 -5.45 35.13
N THR D 203 -1.38 -5.92 33.95
CA THR D 203 -2.20 -5.71 32.76
C THR D 203 -3.57 -6.39 32.88
N ALA D 204 -3.60 -7.58 33.46
CA ALA D 204 -4.85 -8.31 33.63
C ALA D 204 -5.88 -7.47 34.37
N GLY D 205 -5.48 -6.86 35.48
CA GLY D 205 -6.41 -6.06 36.27
C GLY D 205 -6.87 -4.83 35.51
N ILE D 206 -5.92 -4.03 35.02
CA ILE D 206 -6.27 -2.85 34.22
C ILE D 206 -7.18 -3.24 33.07
N GLY D 207 -6.79 -4.25 32.31
CA GLY D 207 -7.60 -4.68 31.17
C GLY D 207 -8.99 -5.13 31.57
N ALA D 208 -9.07 -6.07 32.52
CA ALA D 208 -10.38 -6.65 32.87
C ALA D 208 -11.30 -5.63 33.51
N SER D 209 -10.76 -4.60 34.16
CA SER D 209 -11.60 -3.54 34.69
C SER D 209 -12.21 -2.74 33.54
N ALA D 210 -11.38 -2.39 32.56
CA ALA D 210 -11.85 -1.65 31.38
C ALA D 210 -12.99 -2.38 30.68
N HIS D 211 -12.89 -3.71 30.57
CA HIS D 211 -14.01 -4.47 30.00
C HIS D 211 -15.24 -4.34 30.88
N LEU D 212 -15.06 -4.31 32.20
CA LEU D 212 -16.18 -4.27 33.13
C LEU D 212 -16.90 -2.92 33.16
N VAL D 213 -16.34 -1.89 32.52
CA VAL D 213 -17.09 -0.66 32.28
C VAL D 213 -18.37 -0.94 31.50
N ASN D 214 -18.36 -1.94 30.62
CA ASN D 214 -19.46 -2.24 29.70
C ASN D 214 -20.21 -3.52 30.00
N PHE D 215 -19.58 -4.49 30.63
CA PHE D 215 -20.18 -5.79 30.87
C PHE D 215 -19.92 -6.17 32.31
N LYS D 216 -20.59 -7.24 32.74
CA LYS D 216 -20.61 -7.65 34.14
C LYS D 216 -20.10 -9.05 34.37
N GLY D 217 -19.58 -9.73 33.35
CA GLY D 217 -19.05 -11.06 33.57
C GLY D 217 -17.59 -11.18 33.21
N THR D 218 -16.81 -11.79 34.10
CA THR D 218 -15.39 -11.91 33.87
C THR D 218 -14.85 -13.09 34.69
N ASP D 219 -13.81 -13.71 34.18
CA ASP D 219 -13.04 -14.67 34.95
C ASP D 219 -11.66 -14.14 35.28
N THR D 220 -11.38 -12.87 34.93
CA THR D 220 -10.11 -12.23 35.26
C THR D 220 -10.28 -11.51 36.61
N VAL D 221 -10.22 -12.29 37.69
CA VAL D 221 -10.60 -11.76 38.99
C VAL D 221 -9.67 -10.66 39.45
N ALA D 222 -8.48 -10.55 38.86
CA ALA D 222 -7.61 -9.41 39.16
C ALA D 222 -8.35 -8.10 38.97
N GLY D 223 -9.32 -8.07 38.06
CA GLY D 223 -10.05 -6.85 37.79
C GLY D 223 -10.91 -6.38 38.94
N LEU D 224 -11.45 -7.32 39.70
CA LEU D 224 -12.32 -6.97 40.82
C LEU D 224 -11.59 -6.18 41.88
N ALA D 225 -10.36 -6.59 42.20
CA ALA D 225 -9.57 -5.91 43.21
C ALA D 225 -9.21 -4.48 42.83
N LEU D 226 -8.82 -4.28 41.58
CA LEU D 226 -8.41 -2.97 41.11
C LEU D 226 -9.55 -1.96 41.17
N ILE D 227 -10.74 -2.38 40.75
CA ILE D 227 -11.88 -1.49 40.76
C ILE D 227 -12.26 -1.07 42.16
N LYS D 228 -12.27 -2.02 43.08
CA LYS D 228 -12.63 -1.71 44.46
C LYS D 228 -11.65 -0.75 45.12
N LYS D 229 -10.36 -0.99 44.93
CA LYS D 229 -9.34 -0.13 45.51
C LYS D 229 -9.28 1.28 44.93
N TYR D 230 -9.37 1.38 43.61
CA TYR D 230 -9.25 2.68 42.94
C TYR D 230 -10.53 3.40 42.50
N TYR D 231 -11.61 2.67 42.29
CA TYR D 231 -12.84 3.34 41.87
C TYR D 231 -13.99 3.16 42.84
N GLY D 232 -14.28 1.90 43.18
CA GLY D 232 -15.34 1.57 44.11
C GLY D 232 -16.67 1.36 43.42
N THR D 233 -17.53 0.56 44.02
CA THR D 233 -18.83 0.28 43.48
C THR D 233 -19.85 0.11 44.60
N LYS D 234 -21.10 0.46 44.34
CA LYS D 234 -22.13 0.30 45.37
C LYS D 234 -22.31 -1.17 45.71
N ASP D 235 -22.29 -2.01 44.69
CA ASP D 235 -22.43 -3.46 44.88
C ASP D 235 -21.15 -4.05 45.45
N PRO D 236 -21.23 -5.24 46.05
CA PRO D 236 -20.04 -5.84 46.67
C PRO D 236 -18.94 -6.21 45.69
N VAL D 237 -19.28 -6.69 44.50
CA VAL D 237 -18.30 -6.87 43.42
C VAL D 237 -18.86 -6.31 42.13
N PRO D 238 -17.96 -5.83 41.26
CA PRO D 238 -18.39 -5.35 39.95
C PRO D 238 -18.58 -6.45 38.90
N GLY D 239 -18.16 -7.68 39.17
CA GLY D 239 -18.14 -8.72 38.17
C GLY D 239 -18.62 -10.04 38.73
N TYR D 240 -19.12 -10.89 37.83
CA TYR D 240 -19.70 -12.17 38.21
C TYR D 240 -19.29 -13.24 37.23
N SER D 241 -19.19 -14.47 37.74
CA SER D 241 -18.92 -15.64 36.90
C SER D 241 -19.80 -16.79 37.37
N VAL D 242 -19.61 -17.95 36.77
CA VAL D 242 -20.36 -19.15 37.16
C VAL D 242 -19.42 -20.34 37.11
N PRO D 243 -19.80 -21.46 37.74
CA PRO D 243 -18.94 -22.64 37.65
C PRO D 243 -18.84 -23.12 36.21
N ALA D 244 -17.64 -23.54 35.81
CA ALA D 244 -17.43 -24.01 34.44
C ALA D 244 -16.27 -25.01 34.43
N ALA D 245 -16.27 -25.86 33.41
CA ALA D 245 -15.25 -26.88 33.22
C ALA D 245 -14.18 -26.43 32.24
N GLU D 246 -13.04 -27.09 32.32
CA GLU D 246 -11.93 -26.91 31.38
C GLU D 246 -11.55 -28.28 30.83
N HIS D 247 -10.58 -28.31 29.91
CA HIS D 247 -10.22 -29.59 29.31
C HIS D 247 -9.61 -30.53 30.32
N SER D 248 -8.75 -30.02 31.22
CA SER D 248 -8.19 -30.90 32.24
C SER D 248 -9.27 -31.62 33.03
N THR D 249 -10.36 -30.94 33.40
CA THR D 249 -11.35 -31.61 34.24
C THR D 249 -12.26 -32.55 33.47
N ILE D 250 -12.24 -32.52 32.14
CA ILE D 250 -13.01 -33.50 31.38
C ILE D 250 -12.13 -34.69 31.05
N THR D 251 -11.01 -34.43 30.35
CA THR D 251 -10.17 -35.49 29.84
C THR D 251 -9.44 -36.27 30.94
N ALA D 252 -9.42 -35.76 32.17
CA ALA D 252 -8.83 -36.50 33.29
C ALA D 252 -9.65 -37.73 33.67
N TRP D 253 -10.90 -37.82 33.21
CA TRP D 253 -11.70 -39.02 33.42
C TRP D 253 -11.37 -40.12 32.43
N GLY D 254 -10.51 -39.84 31.44
CA GLY D 254 -10.22 -40.75 30.35
C GLY D 254 -11.21 -40.55 29.23
N LYS D 255 -10.81 -40.85 27.99
CA LYS D 255 -11.66 -40.63 26.82
C LYS D 255 -12.96 -41.43 26.81
N ASP D 256 -12.89 -42.69 27.21
CA ASP D 256 -14.04 -43.58 27.25
C ASP D 256 -15.12 -43.13 28.25
N HIS D 257 -14.68 -42.52 29.34
CA HIS D 257 -15.56 -42.08 30.41
C HIS D 257 -15.96 -40.60 30.36
N GLU D 258 -15.93 -40.01 29.16
CA GLU D 258 -16.27 -38.60 28.98
C GLU D 258 -17.70 -38.31 29.45
N LYS D 259 -18.64 -39.20 29.18
CA LYS D 259 -20.02 -39.00 29.63
C LYS D 259 -20.11 -38.96 31.16
N ASP D 260 -19.32 -39.79 31.83
CA ASP D 260 -19.31 -39.84 33.28
C ASP D 260 -18.85 -38.51 33.85
N ALA D 261 -17.83 -37.92 33.23
CA ALA D 261 -17.32 -36.63 33.66
C ALA D 261 -18.38 -35.56 33.51
N PHE D 262 -19.12 -35.62 32.41
CA PHE D 262 -20.16 -34.64 32.14
C PHE D 262 -21.25 -34.73 33.21
N GLU D 263 -21.64 -35.95 33.55
CA GLU D 263 -22.66 -36.17 34.56
C GLU D 263 -22.26 -35.70 35.95
N HIS D 264 -21.01 -35.96 36.31
CA HIS D 264 -20.52 -35.55 37.61
C HIS D 264 -20.54 -34.03 37.77
N ILE D 265 -20.10 -33.33 36.73
CA ILE D 265 -20.07 -31.88 36.76
C ILE D 265 -21.45 -31.24 36.85
N VAL D 266 -22.40 -31.73 36.05
CA VAL D 266 -23.76 -31.18 36.10
C VAL D 266 -24.44 -31.47 37.43
N THR D 267 -24.23 -32.68 37.95
CA THR D 267 -24.81 -33.09 39.21
C THR D 267 -24.25 -32.26 40.36
N GLN D 268 -22.95 -31.97 40.31
CA GLN D 268 -22.32 -31.19 41.36
C GLN D 268 -22.84 -29.76 41.39
N PHE D 269 -23.25 -29.23 40.24
CA PHE D 269 -23.81 -27.87 40.16
C PHE D 269 -25.21 -27.96 39.57
N SER D 270 -26.15 -28.44 40.38
CA SER D 270 -27.51 -28.65 39.88
C SER D 270 -28.34 -27.37 39.87
N SER D 271 -28.12 -26.50 40.85
CA SER D 271 -28.91 -25.27 40.99
C SER D 271 -28.33 -23.95 40.49
N VAL D 272 -27.19 -23.99 39.80
CA VAL D 272 -26.59 -22.78 39.27
C VAL D 272 -26.20 -23.02 37.82
N PRO D 273 -26.09 -21.92 37.04
CA PRO D 273 -25.69 -22.17 35.66
C PRO D 273 -24.27 -22.74 35.63
N VAL D 274 -24.09 -23.81 34.87
CA VAL D 274 -22.80 -24.44 34.74
C VAL D 274 -22.50 -24.61 33.26
N SER D 275 -21.27 -24.34 32.84
CA SER D 275 -20.92 -24.47 31.45
C SER D 275 -19.90 -25.58 31.31
N VAL D 276 -20.18 -26.51 30.41
CA VAL D 276 -19.30 -27.63 30.21
C VAL D 276 -18.69 -27.60 28.82
N VAL D 277 -17.36 -27.60 28.76
CA VAL D 277 -16.69 -27.60 27.48
C VAL D 277 -16.96 -28.98 26.90
N SER D 278 -17.43 -29.02 25.65
CA SER D 278 -17.78 -30.31 25.03
C SER D 278 -16.98 -30.74 23.80
N ASP D 279 -15.92 -30.03 23.47
CA ASP D 279 -15.13 -30.33 22.27
C ASP D 279 -13.83 -31.10 22.52
N SER D 280 -13.67 -31.69 23.69
CA SER D 280 -12.39 -32.34 23.97
C SER D 280 -12.09 -33.46 22.98
N TYR D 281 -13.11 -34.18 22.53
CA TYR D 281 -12.89 -35.24 21.56
C TYR D 281 -13.70 -35.03 20.28
N ASP D 282 -15.02 -34.91 20.36
CA ASP D 282 -15.83 -34.64 19.18
C ASP D 282 -17.00 -33.78 19.64
N ILE D 283 -16.99 -32.49 19.26
CA ILE D 283 -18.03 -31.59 19.76
C ILE D 283 -19.41 -32.06 19.31
N TYR D 284 -19.51 -32.53 18.07
CA TYR D 284 -20.79 -32.93 17.51
C TYR D 284 -21.33 -34.22 18.13
N ASN D 285 -20.43 -35.16 18.39
CA ASN D 285 -20.84 -36.40 19.00
C ASN D 285 -21.38 -36.16 20.40
N ALA D 286 -20.73 -35.26 21.13
CA ALA D 286 -21.17 -34.98 22.49
C ALA D 286 -22.56 -34.39 22.58
N CYS D 287 -22.87 -33.40 21.75
CA CYS D 287 -24.19 -32.81 21.79
C CYS D 287 -25.26 -33.78 21.33
N GLU D 288 -25.01 -34.43 20.22
CA GLU D 288 -25.95 -35.37 19.65
C GLU D 288 -26.19 -36.64 20.46
N LYS D 289 -25.12 -37.21 20.99
CA LYS D 289 -25.26 -38.46 21.72
C LYS D 289 -25.20 -38.36 23.24
N ILE D 290 -24.15 -37.78 23.79
CA ILE D 290 -24.08 -37.70 25.24
C ILE D 290 -25.10 -36.76 25.86
N TRP D 291 -25.18 -35.53 25.36
CA TRP D 291 -26.17 -34.58 25.86
C TRP D 291 -27.56 -34.95 25.40
N GLY D 292 -27.65 -35.31 24.11
CA GLY D 292 -28.89 -35.67 23.46
C GLY D 292 -29.61 -36.91 23.92
N GLU D 293 -28.88 -37.98 24.17
CA GLU D 293 -29.52 -39.22 24.58
C GLU D 293 -29.17 -39.71 25.97
N ASP D 294 -27.88 -39.91 26.23
CA ASP D 294 -27.45 -40.42 27.52
C ASP D 294 -27.71 -39.53 28.72
N LEU D 295 -27.46 -38.24 28.58
CA LEU D 295 -27.64 -37.31 29.68
C LEU D 295 -28.81 -36.35 29.51
N ARG D 296 -29.71 -36.65 28.58
CA ARG D 296 -30.84 -35.76 28.32
C ARG D 296 -31.73 -35.56 29.53
N HIS D 297 -31.95 -36.62 30.29
CA HIS D 297 -32.82 -36.54 31.47
C HIS D 297 -32.29 -35.55 32.50
N LEU D 298 -30.98 -35.50 32.65
CA LEU D 298 -30.36 -34.60 33.62
C LEU D 298 -30.46 -33.14 33.19
N ILE D 299 -30.52 -32.88 31.88
CA ILE D 299 -30.59 -31.51 31.40
C ILE D 299 -32.01 -30.97 31.46
N VAL D 300 -33.01 -31.77 31.07
CA VAL D 300 -34.38 -31.24 30.97
C VAL D 300 -34.93 -30.88 32.34
N SER D 301 -34.45 -31.57 33.36
CA SER D 301 -34.87 -31.37 34.73
C SER D 301 -34.47 -30.01 35.29
N ARG D 302 -33.40 -29.44 34.76
CA ARG D 302 -32.88 -28.16 35.22
C ARG D 302 -33.79 -26.96 35.08
N SER D 303 -33.68 -26.05 36.04
CA SER D 303 -34.45 -24.83 36.10
C SER D 303 -33.96 -23.75 35.16
N THR D 304 -34.79 -22.75 34.93
CA THR D 304 -34.47 -21.62 34.08
C THR D 304 -33.29 -20.83 34.65
N GLN D 305 -33.26 -20.69 35.96
CA GLN D 305 -32.19 -20.00 36.65
C GLN D 305 -30.84 -20.69 36.52
N ALA D 306 -30.83 -22.00 36.41
CA ALA D 306 -29.59 -22.74 36.28
C ALA D 306 -29.55 -23.70 35.10
N PRO D 307 -29.43 -23.16 33.89
CA PRO D 307 -29.35 -23.92 32.64
C PRO D 307 -27.95 -24.46 32.43
N LEU D 308 -27.82 -25.43 31.53
CA LEU D 308 -26.52 -25.98 31.21
C LEU D 308 -26.02 -25.24 30.02
N ILE D 309 -24.76 -24.83 30.06
CA ILE D 309 -24.19 -24.11 28.93
C ILE D 309 -23.22 -25.03 28.21
N ILE D 310 -23.46 -25.25 26.93
CA ILE D 310 -22.60 -26.11 26.14
C ILE D 310 -21.54 -25.26 25.48
N ARG D 311 -20.28 -25.64 25.65
CA ARG D 311 -19.20 -24.89 25.08
C ARG D 311 -18.35 -25.67 24.11
N PRO D 312 -18.18 -25.14 22.89
CA PRO D 312 -17.36 -25.71 21.84
C PRO D 312 -16.14 -24.83 21.71
N ASP D 313 -14.95 -25.40 21.82
CA ASP D 313 -13.73 -24.61 21.73
C ASP D 313 -12.90 -24.79 20.46
N SER D 314 -13.41 -25.52 19.48
CA SER D 314 -12.64 -25.76 18.26
C SER D 314 -13.42 -25.63 16.96
N GLY D 315 -12.68 -25.42 15.87
CA GLY D 315 -13.25 -25.28 14.54
C GLY D 315 -13.63 -23.87 14.18
N ASN D 316 -14.24 -23.69 13.01
CA ASN D 316 -14.65 -22.36 12.60
C ASN D 316 -15.67 -21.89 13.61
N PRO D 317 -15.53 -20.65 14.10
CA PRO D 317 -16.51 -20.20 15.08
C PRO D 317 -17.90 -20.13 14.52
N LEU D 318 -18.06 -19.58 13.32
CA LEU D 318 -19.38 -19.47 12.72
C LEU D 318 -20.03 -20.80 12.39
N ASP D 319 -19.25 -21.72 11.85
CA ASP D 319 -19.80 -23.03 11.46
C ASP D 319 -20.01 -23.92 12.67
N THR D 320 -19.10 -23.86 13.65
CA THR D 320 -19.28 -24.67 14.84
C THR D 320 -20.54 -24.28 15.60
N VAL D 321 -20.80 -22.98 15.73
CA VAL D 321 -21.98 -22.55 16.45
C VAL D 321 -23.26 -23.01 15.73
N LEU D 322 -23.29 -22.88 14.40
CA LEU D 322 -24.49 -23.23 13.66
C LEU D 322 -24.72 -24.74 13.63
N LYS D 323 -23.64 -25.52 13.49
CA LYS D 323 -23.82 -26.96 13.51
C LYS D 323 -24.20 -27.44 14.91
N VAL D 324 -23.68 -26.81 15.95
CA VAL D 324 -24.09 -27.16 17.31
C VAL D 324 -25.57 -26.85 17.52
N LEU D 325 -26.01 -25.64 17.13
CA LEU D 325 -27.42 -25.27 17.35
C LEU D 325 -28.38 -26.21 16.61
N GLU D 326 -28.05 -26.56 15.39
CA GLU D 326 -28.90 -27.43 14.60
C GLU D 326 -29.07 -28.78 15.25
N ILE D 327 -27.97 -29.34 15.76
CA ILE D 327 -28.03 -30.61 16.43
C ILE D 327 -28.86 -30.52 17.68
N LEU D 328 -28.71 -29.43 18.42
CA LEU D 328 -29.45 -29.22 19.65
C LEU D 328 -30.93 -29.13 19.39
N GLY D 329 -31.30 -28.47 18.29
CA GLY D 329 -32.68 -28.35 17.89
C GLY D 329 -33.31 -29.70 17.60
N LYS D 330 -32.54 -30.59 17.00
CA LYS D 330 -33.03 -31.93 16.70
C LYS D 330 -33.36 -32.73 17.95
N LYS D 331 -32.55 -32.62 18.99
CA LYS D 331 -32.80 -33.39 20.21
C LYS D 331 -33.51 -32.70 21.38
N PHE D 332 -33.77 -31.41 21.27
CA PHE D 332 -34.46 -30.69 22.33
C PHE D 332 -35.58 -29.85 21.74
N PRO D 333 -36.69 -29.72 22.45
CA PRO D 333 -37.78 -28.93 21.86
C PRO D 333 -37.38 -27.48 21.64
N VAL D 334 -37.73 -26.93 20.49
CA VAL D 334 -37.39 -25.57 20.15
C VAL D 334 -38.62 -24.71 19.96
N THR D 335 -38.61 -23.52 20.55
CA THR D 335 -39.76 -22.62 20.47
C THR D 335 -39.47 -21.43 19.56
N GLU D 336 -40.49 -20.60 19.38
CA GLU D 336 -40.39 -19.40 18.55
C GLU D 336 -40.82 -18.19 19.37
N ASN D 337 -39.94 -17.19 19.42
CA ASN D 337 -40.14 -16.01 20.24
C ASN D 337 -41.03 -14.99 19.52
N SER D 338 -41.28 -13.86 20.17
CA SER D 338 -42.23 -12.89 19.64
C SER D 338 -41.77 -12.28 18.33
N LYS D 339 -40.47 -12.26 18.07
CA LYS D 339 -39.98 -11.71 16.80
C LYS D 339 -39.83 -12.77 15.69
N GLY D 340 -40.19 -14.03 15.95
CA GLY D 340 -40.11 -15.05 14.93
C GLY D 340 -38.83 -15.85 14.90
N TYR D 341 -37.94 -15.65 15.86
CA TYR D 341 -36.65 -16.31 15.87
C TYR D 341 -36.63 -17.56 16.74
N LYS D 342 -35.75 -18.49 16.38
CA LYS D 342 -35.68 -19.79 17.02
C LYS D 342 -35.01 -19.69 18.39
N LEU D 343 -35.60 -20.37 19.37
CA LEU D 343 -35.17 -20.26 20.76
C LEU D 343 -35.09 -21.66 21.37
N LEU D 344 -33.90 -22.02 21.88
CA LEU D 344 -33.74 -23.28 22.61
C LEU D 344 -34.59 -23.25 23.89
N PRO D 345 -34.91 -24.42 24.45
CA PRO D 345 -35.60 -24.44 25.73
C PRO D 345 -34.73 -23.83 26.80
N PRO D 346 -35.32 -23.26 27.86
CA PRO D 346 -34.56 -22.37 28.75
C PRO D 346 -33.56 -23.08 29.66
N TYR D 347 -33.55 -24.40 29.74
CA TYR D 347 -32.54 -25.09 30.55
C TYR D 347 -31.26 -25.37 29.78
N LEU D 348 -31.09 -24.77 28.62
CA LEU D 348 -30.00 -25.09 27.71
C LEU D 348 -29.57 -23.83 26.96
N ARG D 349 -28.28 -23.53 26.98
CA ARG D 349 -27.73 -22.37 26.29
C ARG D 349 -26.38 -22.75 25.69
N VAL D 350 -25.79 -21.83 24.95
CA VAL D 350 -24.52 -22.05 24.27
C VAL D 350 -23.60 -20.87 24.52
N ILE D 351 -22.31 -21.15 24.76
CA ILE D 351 -21.31 -20.09 24.80
C ILE D 351 -20.21 -20.42 23.79
N GLN D 352 -19.73 -19.40 23.08
CA GLN D 352 -18.68 -19.54 22.09
C GLN D 352 -17.46 -18.75 22.56
N GLY D 353 -16.45 -19.46 23.04
CA GLY D 353 -15.28 -18.82 23.61
C GLY D 353 -14.00 -18.94 22.83
N ASP D 354 -14.05 -19.41 21.58
CA ASP D 354 -12.85 -19.63 20.78
C ASP D 354 -12.82 -18.67 19.61
N GLY D 355 -11.68 -17.98 19.45
CA GLY D 355 -11.49 -17.16 18.27
C GLY D 355 -12.48 -16.03 18.15
N VAL D 356 -12.93 -15.48 19.28
CA VAL D 356 -13.87 -14.36 19.29
C VAL D 356 -13.11 -13.07 19.44
N ASP D 357 -13.32 -12.15 18.49
CA ASP D 357 -12.86 -10.78 18.57
C ASP D 357 -13.90 -9.94 17.85
N ILE D 358 -13.67 -8.63 17.77
CA ILE D 358 -14.73 -7.75 17.31
C ILE D 358 -15.22 -8.18 15.94
N ASN D 359 -14.31 -8.67 15.08
CA ASN D 359 -14.69 -9.02 13.71
C ASN D 359 -15.46 -10.34 13.68
N THR D 360 -14.88 -11.41 14.26
CA THR D 360 -15.56 -12.71 14.28
C THR D 360 -16.91 -12.66 15.00
N LEU D 361 -17.05 -11.81 16.05
CA LEU D 361 -18.31 -11.65 16.76
C LEU D 361 -19.44 -11.18 15.84
N GLN D 362 -19.12 -10.28 14.91
CA GLN D 362 -20.10 -9.78 13.95
C GLN D 362 -20.55 -10.88 13.00
N GLU D 363 -19.59 -11.62 12.42
CA GLU D 363 -19.91 -12.76 11.55
C GLU D 363 -20.85 -13.73 12.23
N ILE D 364 -20.62 -14.02 13.51
CA ILE D 364 -21.36 -15.09 14.18
C ILE D 364 -22.81 -14.69 14.38
N VAL D 365 -23.04 -13.50 14.94
CA VAL D 365 -24.43 -13.09 15.18
C VAL D 365 -25.12 -12.82 13.85
N GLU D 366 -24.40 -12.36 12.84
CA GLU D 366 -24.98 -12.24 11.52
C GLU D 366 -25.40 -13.62 10.97
N GLY D 367 -24.54 -14.61 11.15
CA GLY D 367 -24.83 -15.95 10.71
C GLY D 367 -26.02 -16.55 11.43
N MET D 368 -26.11 -16.29 12.73
CA MET D 368 -27.22 -16.77 13.54
C MET D 368 -28.55 -16.18 13.12
N LYS D 369 -28.56 -14.89 12.83
CA LYS D 369 -29.74 -14.17 12.41
C LYS D 369 -30.26 -14.71 11.09
N GLN D 370 -29.34 -15.03 10.19
CA GLN D 370 -29.66 -15.56 8.88
C GLN D 370 -30.38 -16.89 8.95
N LYS D 371 -30.00 -17.71 9.93
CA LYS D 371 -30.56 -19.02 10.16
C LYS D 371 -31.75 -19.01 11.12
N MET D 372 -32.19 -17.80 11.47
CA MET D 372 -33.32 -17.50 12.36
C MET D 372 -33.17 -17.94 13.80
N TRP D 373 -31.94 -17.88 14.28
CA TRP D 373 -31.65 -18.21 15.67
C TRP D 373 -31.50 -16.93 16.48
N SER D 374 -32.22 -16.80 17.59
CA SER D 374 -32.12 -15.56 18.35
C SER D 374 -30.87 -15.54 19.20
N ILE D 375 -30.32 -14.33 19.36
CA ILE D 375 -29.11 -14.16 20.17
C ILE D 375 -29.37 -14.42 21.64
N GLU D 376 -30.64 -14.63 22.03
CA GLU D 376 -30.92 -15.10 23.38
C GLU D 376 -30.23 -16.44 23.68
N ASN D 377 -30.00 -17.28 22.67
CA ASN D 377 -29.42 -18.60 22.90
C ASN D 377 -27.93 -18.56 23.22
N ILE D 378 -27.21 -17.50 22.84
CA ILE D 378 -25.76 -17.53 22.80
C ILE D 378 -25.18 -16.61 23.86
N ALA D 379 -23.94 -16.92 24.26
CA ALA D 379 -23.06 -16.00 24.95
C ALA D 379 -21.69 -16.15 24.34
N PHE D 380 -20.84 -15.14 24.52
CA PHE D 380 -19.53 -15.16 23.92
C PHE D 380 -18.46 -15.00 24.98
N GLY D 381 -17.35 -15.69 24.79
CA GLY D 381 -16.15 -15.49 25.59
C GLY D 381 -15.00 -15.03 24.71
N SER D 382 -14.29 -14.03 25.17
CA SER D 382 -13.16 -13.52 24.43
C SER D 382 -12.01 -13.37 25.39
N GLY D 383 -10.82 -13.71 24.94
CA GLY D 383 -9.65 -13.60 25.79
C GLY D 383 -8.60 -12.69 25.23
N GLY D 384 -7.72 -13.25 24.41
CA GLY D 384 -6.64 -12.50 23.82
C GLY D 384 -7.11 -11.36 22.94
N GLY D 385 -8.17 -11.61 22.19
CA GLY D 385 -8.72 -10.60 21.34
C GLY D 385 -9.25 -9.45 22.16
N LEU D 386 -9.93 -9.78 23.24
CA LEU D 386 -10.46 -8.76 24.14
C LEU D 386 -9.45 -7.92 24.90
N LEU D 387 -8.42 -8.57 25.44
CA LEU D 387 -7.44 -7.84 26.23
C LEU D 387 -6.01 -7.75 25.72
N GLN D 388 -5.58 -8.67 24.87
CA GLN D 388 -4.19 -8.60 24.42
C GLN D 388 -3.91 -8.13 23.00
N LYS D 389 -4.84 -8.37 22.08
CA LYS D 389 -4.62 -7.97 20.69
C LYS D 389 -5.03 -6.54 20.40
N LEU D 390 -4.39 -5.59 21.07
CA LEU D 390 -4.68 -4.17 20.93
C LEU D 390 -3.35 -3.45 21.03
N THR D 391 -3.20 -2.35 20.31
CA THR D 391 -1.96 -1.59 20.37
C THR D 391 -2.25 -0.11 20.36
N ARG D 392 -1.34 0.66 20.92
CA ARG D 392 -1.50 2.10 20.93
C ARG D 392 -1.86 2.66 19.56
N ASP D 393 -1.53 1.92 18.49
CA ASP D 393 -1.78 2.39 17.14
C ASP D 393 -3.26 2.51 16.82
N LEU D 394 -4.09 1.68 17.44
CA LEU D 394 -5.44 1.51 16.95
C LEU D 394 -6.24 2.81 17.04
N LEU D 395 -6.13 3.53 18.16
CA LEU D 395 -6.81 4.81 18.33
C LEU D 395 -5.86 6.00 18.22
N ASN D 396 -4.58 5.77 17.92
CA ASN D 396 -3.56 6.80 17.81
C ASN D 396 -3.56 7.68 19.05
N CYS D 397 -3.37 7.03 20.19
CA CYS D 397 -3.20 7.74 21.45
C CYS D 397 -1.81 8.35 21.51
N SER D 398 -1.75 9.68 21.54
CA SER D 398 -0.46 10.35 21.49
C SER D 398 -0.47 11.60 22.36
N PHE D 399 0.73 12.04 22.73
CA PHE D 399 0.94 13.04 23.78
C PHE D 399 2.01 14.00 23.29
N LYS D 400 1.62 15.25 23.01
CA LYS D 400 2.49 16.23 22.38
C LYS D 400 2.43 17.56 23.12
N CYS D 401 3.52 18.33 23.03
CA CYS D 401 3.58 19.66 23.62
C CYS D 401 2.99 20.67 22.65
N SER D 402 2.11 21.52 23.16
CA SER D 402 1.47 22.53 22.32
C SER D 402 1.73 23.97 22.76
N TYR D 403 2.35 24.18 23.91
CA TYR D 403 2.49 25.54 24.43
C TYR D 403 3.70 25.60 25.34
N VAL D 404 4.54 26.62 25.14
CA VAL D 404 5.72 26.85 25.98
C VAL D 404 5.80 28.33 26.32
N VAL D 405 6.43 28.63 27.44
CA VAL D 405 6.74 30.00 27.84
C VAL D 405 8.25 30.10 27.96
N THR D 406 8.86 30.92 27.10
CA THR D 406 10.28 31.20 27.11
C THR D 406 10.45 32.71 27.27
N ASN D 407 11.30 33.12 28.22
CA ASN D 407 11.52 34.54 28.49
C ASN D 407 10.23 35.26 28.86
N GLY D 408 9.25 34.53 29.41
CA GLY D 408 7.96 35.12 29.74
C GLY D 408 7.01 35.31 28.57
N LEU D 409 7.34 34.81 27.38
CA LEU D 409 6.50 34.95 26.21
C LEU D 409 5.85 33.60 25.89
N GLY D 410 4.54 33.63 25.61
CA GLY D 410 3.84 32.44 25.20
C GLY D 410 3.95 32.11 23.71
N ILE D 411 4.48 30.93 23.38
CA ILE D 411 4.65 30.45 22.02
C ILE D 411 3.74 29.22 21.83
N ASN D 412 2.97 29.22 20.76
CA ASN D 412 2.14 28.06 20.46
C ASN D 412 3.04 27.16 19.63
N VAL D 413 3.19 25.91 20.05
CA VAL D 413 4.06 24.97 19.35
C VAL D 413 3.35 23.73 18.84
N PHE D 414 3.66 23.34 17.62
CA PHE D 414 3.05 22.19 16.98
C PHE D 414 4.07 21.37 16.19
N LYS D 415 3.74 20.10 15.95
CA LYS D 415 4.60 19.22 15.19
C LYS D 415 3.91 19.04 13.84
N ASP D 416 4.61 19.33 12.76
CA ASP D 416 4.03 19.21 11.42
C ASP D 416 4.92 18.49 10.41
N PRO D 417 5.05 17.16 10.52
CA PRO D 417 5.91 16.44 9.58
C PRO D 417 5.40 16.53 8.16
N VAL D 418 6.31 16.78 7.22
CA VAL D 418 5.96 16.88 5.80
C VAL D 418 5.43 15.58 5.21
N ALA D 419 6.08 14.47 5.56
CA ALA D 419 5.69 13.16 5.04
C ALA D 419 4.30 12.70 5.48
N ASP D 420 3.95 12.90 6.74
CA ASP D 420 2.64 12.46 7.21
C ASP D 420 1.77 13.63 7.68
N PRO D 421 0.62 13.82 7.02
CA PRO D 421 -0.38 14.85 7.34
C PRO D 421 -1.03 14.62 8.70
N ASN D 422 -1.32 13.36 9.00
CA ASN D 422 -1.98 12.98 10.24
C ASN D 422 -1.23 13.29 11.53
N LYS D 423 0.07 13.06 11.55
CA LYS D 423 0.85 13.31 12.77
C LYS D 423 0.86 14.77 13.25
N ARG D 424 0.19 15.66 12.52
CA ARG D 424 0.11 17.06 12.88
C ARG D 424 -0.53 17.22 14.25
N SER D 425 -0.03 18.17 15.05
CA SER D 425 -0.54 18.39 16.40
C SER D 425 -1.15 19.77 16.64
N LYS D 426 -2.05 19.83 17.62
CA LYS D 426 -2.75 21.06 17.98
C LYS D 426 -1.84 22.11 18.58
N LYS D 427 -2.20 23.38 18.39
CA LYS D 427 -1.40 24.50 18.87
C LYS D 427 -2.03 25.33 19.98
N GLY D 428 -1.24 25.60 21.01
CA GLY D 428 -1.65 26.44 22.13
C GLY D 428 -2.45 25.74 23.23
N ARG D 429 -3.05 26.56 24.08
CA ARG D 429 -3.84 26.05 25.19
C ARG D 429 -5.20 25.58 24.71
N LEU D 430 -5.62 24.40 25.17
CA LEU D 430 -6.80 23.73 24.63
C LEU D 430 -7.94 23.71 25.63
N SER D 431 -9.13 23.42 25.10
CA SER D 431 -10.34 23.24 25.90
C SER D 431 -11.33 22.43 25.08
N LEU D 432 -12.10 21.60 25.77
CA LEU D 432 -13.07 20.71 25.15
C LEU D 432 -14.47 21.20 25.49
N HIS D 433 -15.30 21.39 24.47
CA HIS D 433 -16.66 21.88 24.69
C HIS D 433 -17.69 21.09 23.91
N ARG D 434 -18.92 21.10 24.38
CA ARG D 434 -20.01 20.40 23.72
C ARG D 434 -20.96 21.42 23.09
N THR D 435 -21.24 21.23 21.80
CA THR D 435 -22.12 22.11 21.05
C THR D 435 -23.59 21.87 21.35
N PRO D 436 -24.44 22.78 20.88
CA PRO D 436 -25.91 22.76 21.01
C PRO D 436 -26.47 21.52 20.33
N ALA D 437 -25.89 21.17 19.18
CA ALA D 437 -26.24 19.99 18.41
C ALA D 437 -25.92 18.71 19.21
N GLY D 438 -24.84 18.74 19.98
CA GLY D 438 -24.43 17.61 20.77
C GLY D 438 -23.07 17.07 20.40
N ASN D 439 -22.44 17.72 19.43
CA ASN D 439 -21.10 17.33 19.00
C ASN D 439 -20.05 17.88 19.97
N PHE D 440 -18.79 17.70 19.61
CA PHE D 440 -17.67 18.07 20.46
C PHE D 440 -16.61 18.78 19.62
N VAL D 441 -16.15 19.92 20.08
CA VAL D 441 -15.10 20.66 19.40
C VAL D 441 -14.00 20.99 20.40
N THR D 442 -12.75 20.87 19.97
CA THR D 442 -11.60 21.25 20.77
C THR D 442 -11.05 22.57 20.24
N LEU D 443 -10.98 23.57 21.12
CA LEU D 443 -10.58 24.92 20.74
C LEU D 443 -9.09 25.14 21.05
N GLU D 444 -8.36 25.64 20.06
CA GLU D 444 -6.92 25.78 20.11
C GLU D 444 -6.52 27.24 20.27
N GLU D 445 -5.23 27.46 20.57
CA GLU D 445 -4.65 28.80 20.72
C GLU D 445 -5.38 29.60 21.82
N GLY D 446 -5.84 28.91 22.85
CA GLY D 446 -6.57 29.56 23.93
C GLY D 446 -7.86 30.22 23.49
N LYS D 447 -8.41 29.74 22.38
CA LYS D 447 -9.65 30.29 21.82
C LYS D 447 -10.86 29.91 22.66
N GLY D 448 -10.61 29.04 23.64
CA GLY D 448 -11.58 28.59 24.63
C GLY D 448 -12.05 29.73 25.51
N ASP D 449 -11.15 30.67 25.78
CA ASP D 449 -11.39 31.86 26.58
C ASP D 449 -12.46 32.82 26.03
N LEU D 450 -12.74 32.70 24.73
CA LEU D 450 -13.75 33.53 24.07
C LEU D 450 -15.08 33.25 24.73
N GLU D 451 -15.28 31.98 25.12
CA GLU D 451 -16.45 31.46 25.85
C GLU D 451 -17.76 31.43 25.07
N GLU D 452 -17.68 31.49 23.75
CA GLU D 452 -18.88 31.44 22.95
C GLU D 452 -19.57 30.08 23.10
N TYR D 453 -18.76 29.02 23.07
CA TYR D 453 -19.27 27.65 23.19
C TYR D 453 -19.90 27.23 24.52
N GLY D 454 -19.31 27.62 25.64
CA GLY D 454 -19.85 27.23 26.93
C GLY D 454 -18.81 26.74 27.91
N GLN D 455 -19.26 26.06 28.95
CA GLN D 455 -18.38 25.53 29.96
C GLN D 455 -17.44 24.46 29.41
N ASP D 456 -16.19 24.50 29.85
CA ASP D 456 -15.18 23.53 29.45
C ASP D 456 -15.49 22.20 30.12
N LEU D 457 -15.21 21.09 29.43
CA LEU D 457 -15.47 19.79 30.02
C LEU D 457 -14.26 19.16 30.67
N LEU D 458 -13.05 19.70 30.41
CA LEU D 458 -11.87 19.32 31.19
C LEU D 458 -11.97 19.83 32.64
N HIS D 459 -11.74 18.95 33.59
CA HIS D 459 -11.77 19.32 35.00
C HIS D 459 -10.46 18.93 35.63
N THR D 460 -10.00 19.71 36.59
CA THR D 460 -8.73 19.40 37.22
C THR D 460 -8.89 18.16 38.08
N VAL D 461 -8.02 17.18 37.85
CA VAL D 461 -8.06 15.96 38.63
C VAL D 461 -6.79 15.81 39.43
N PHE D 462 -5.74 16.50 39.02
CA PHE D 462 -4.49 16.44 39.75
C PHE D 462 -3.82 17.79 39.87
N LYS D 463 -3.47 18.20 41.07
CA LYS D 463 -2.73 19.45 41.25
C LYS D 463 -1.74 19.40 42.40
N ASN D 464 -0.47 19.60 42.11
CA ASN D 464 0.56 19.62 43.13
C ASN D 464 0.61 18.43 44.08
N GLY D 465 0.51 17.23 43.53
CA GLY D 465 0.56 16.01 44.32
C GLY D 465 -0.73 15.52 44.94
N LYS D 466 -1.84 16.16 44.63
CA LYS D 466 -3.12 15.74 45.17
C LYS D 466 -4.17 15.48 44.10
N VAL D 467 -4.95 14.41 44.28
CA VAL D 467 -5.99 14.09 43.32
C VAL D 467 -7.26 14.81 43.75
N THR D 468 -7.52 15.93 43.10
CA THR D 468 -8.67 16.77 43.38
C THR D 468 -10.04 16.19 43.08
N LYS D 469 -10.18 15.50 41.96
CA LYS D 469 -11.46 14.92 41.56
C LYS D 469 -11.39 13.42 41.26
N SER D 470 -12.34 12.66 41.79
CA SER D 470 -12.38 11.23 41.54
C SER D 470 -13.78 10.78 41.15
N TYR D 471 -13.88 9.74 40.32
CA TYR D 471 -15.15 9.22 39.85
C TYR D 471 -15.34 7.76 40.25
N SER D 472 -16.54 7.41 40.70
CA SER D 472 -16.80 6.03 41.10
C SER D 472 -16.97 5.16 39.86
N PHE D 473 -16.88 3.84 40.06
CA PHE D 473 -17.10 2.94 38.93
C PHE D 473 -18.56 2.95 38.48
N ASP D 474 -19.50 3.21 39.38
CA ASP D 474 -20.91 3.31 38.99
C ASP D 474 -21.14 4.49 38.04
N GLU D 475 -20.50 5.62 38.32
CA GLU D 475 -20.70 6.78 37.46
C GLU D 475 -20.06 6.58 36.09
N ILE D 476 -18.90 5.90 36.06
CA ILE D 476 -18.23 5.64 34.78
C ILE D 476 -19.11 4.78 33.89
N ARG D 477 -19.73 3.77 34.47
CA ARG D 477 -20.61 2.88 33.72
C ARG D 477 -21.76 3.65 33.07
N LYS D 478 -22.38 4.53 33.84
CA LYS D 478 -23.49 5.33 33.35
C LYS D 478 -23.04 6.25 32.22
N ASN D 479 -21.86 6.82 32.37
CA ASN D 479 -21.29 7.71 31.36
C ASN D 479 -21.03 6.98 30.05
N ALA D 480 -20.60 5.73 30.14
CA ALA D 480 -20.26 4.91 28.98
C ALA D 480 -21.46 4.15 28.42
N GLN D 481 -22.63 4.35 29.00
CA GLN D 481 -23.84 3.65 28.55
C GLN D 481 -24.16 3.95 27.11
N LEU D 482 -24.62 2.93 26.38
CA LEU D 482 -25.01 3.08 25.00
C LEU D 482 -26.33 3.83 24.86
N ASN D 483 -26.48 4.55 23.74
CA ASN D 483 -27.70 5.28 23.45
C ASN D 483 -28.89 4.33 23.26
N ILE D 484 -28.62 3.19 22.65
CA ILE D 484 -29.62 2.15 22.39
C ILE D 484 -30.26 1.63 23.66
N GLU D 485 -29.47 1.51 24.73
CA GLU D 485 -29.98 1.05 26.02
C GLU D 485 -31.04 2.02 26.55
#